data_3UBB
# 
_entry.id   3UBB 
# 
_audit_conform.dict_name       mmcif_pdbx.dic 
_audit_conform.dict_version    5.397 
_audit_conform.dict_location   http://mmcif.pdb.org/dictionaries/ascii/mmcif_pdbx.dic 
# 
loop_
_database_2.database_id 
_database_2.database_code 
_database_2.pdbx_database_accession 
_database_2.pdbx_DOI 
PDB   3UBB         pdb_00003ubb 10.2210/pdb3ubb/pdb 
RCSB  RCSB068539   ?            ?                   
WWPDB D_1000068539 ?            ?                   
# 
loop_
_pdbx_audit_revision_history.ordinal 
_pdbx_audit_revision_history.data_content_type 
_pdbx_audit_revision_history.major_revision 
_pdbx_audit_revision_history.minor_revision 
_pdbx_audit_revision_history.revision_date 
1 'Structure model' 1 0 2012-06-13 
2 'Structure model' 1 1 2019-07-17 
3 'Structure model' 1 2 2024-10-30 
# 
_pdbx_audit_revision_details.ordinal             1 
_pdbx_audit_revision_details.revision_ordinal    1 
_pdbx_audit_revision_details.data_content_type   'Structure model' 
_pdbx_audit_revision_details.provider            repository 
_pdbx_audit_revision_details.type                'Initial release' 
_pdbx_audit_revision_details.description         ? 
_pdbx_audit_revision_details.details             ? 
# 
loop_
_pdbx_audit_revision_group.ordinal 
_pdbx_audit_revision_group.revision_ordinal 
_pdbx_audit_revision_group.data_content_type 
_pdbx_audit_revision_group.group 
1 2 'Structure model' 'Data collection'        
2 2 'Structure model' 'Derived calculations'   
3 2 'Structure model' 'Refinement description' 
4 3 'Structure model' 'Data collection'        
5 3 'Structure model' 'Database references'    
6 3 'Structure model' 'Derived calculations'   
7 3 'Structure model' 'Structure summary'      
# 
loop_
_pdbx_audit_revision_category.ordinal 
_pdbx_audit_revision_category.revision_ordinal 
_pdbx_audit_revision_category.data_content_type 
_pdbx_audit_revision_category.category 
1 2 'Structure model' software                  
2 2 'Structure model' struct_conn               
3 3 'Structure model' chem_comp_atom            
4 3 'Structure model' chem_comp_bond            
5 3 'Structure model' database_2                
6 3 'Structure model' pdbx_entry_details        
7 3 'Structure model' pdbx_modification_feature 
8 3 'Structure model' struct_site               
# 
loop_
_pdbx_audit_revision_item.ordinal 
_pdbx_audit_revision_item.revision_ordinal 
_pdbx_audit_revision_item.data_content_type 
_pdbx_audit_revision_item.item 
1 2 'Structure model' '_software.classification'            
2 2 'Structure model' '_software.name'                      
3 2 'Structure model' '_software.version'                   
4 2 'Structure model' '_struct_conn.pdbx_leaving_atom_flag' 
5 3 'Structure model' '_database_2.pdbx_DOI'                
6 3 'Structure model' '_database_2.pdbx_database_accession' 
7 3 'Structure model' '_struct_site.pdbx_auth_asym_id'      
8 3 'Structure model' '_struct_site.pdbx_auth_comp_id'      
9 3 'Structure model' '_struct_site.pdbx_auth_seq_id'       
# 
_pdbx_database_status.status_code                     REL 
_pdbx_database_status.entry_id                        3UBB 
_pdbx_database_status.recvd_initial_deposition_date   2011-10-24 
_pdbx_database_status.deposit_site                    RCSB 
_pdbx_database_status.process_site                    RCSB 
_pdbx_database_status.status_code_sf                  REL 
_pdbx_database_status.status_code_mr                  ? 
_pdbx_database_status.SG_entry                        ? 
_pdbx_database_status.status_code_cs                  ? 
_pdbx_database_status.methods_development_category    ? 
_pdbx_database_status.pdb_format_compatible           Y 
_pdbx_database_status.status_code_nmr_data            ? 
# 
loop_
_audit_author.name 
_audit_author.pdbx_ordinal 
'Xue, Y.' 1 
'Ha, Y.'  2 
# 
_citation.id                        primary 
_citation.title                     
;Conformational Change in Rhomboid Protease GlpG Induced by Inhibitor Binding to Its S' Subsites.
;
_citation.journal_abbrev            Biochemistry 
_citation.journal_volume            51 
_citation.page_first                3723 
_citation.page_last                 3731 
_citation.year                      2012 
_citation.journal_id_ASTM           BICHAW 
_citation.country                   US 
_citation.journal_id_ISSN           0006-2960 
_citation.journal_id_CSD            0033 
_citation.book_publisher            ? 
_citation.pdbx_database_id_PubMed   22515733 
_citation.pdbx_database_id_DOI      10.1021/bi300368b 
# 
loop_
_citation_author.citation_id 
_citation_author.name 
_citation_author.ordinal 
_citation_author.identifier_ORCID 
primary 'Xue, Y.'       1 ? 
primary 'Chowdhury, S.' 2 ? 
primary 'Liu, X.'       3 ? 
primary 'Akiyama, Y.'   4 ? 
primary 'Ellman, J.'    5 ? 
primary 'Ha, Y.'        6 ? 
# 
loop_
_entity.id 
_entity.type 
_entity.src_method 
_entity.pdbx_description 
_entity.formula_weight 
_entity.pdbx_number_of_molecules 
_entity.pdbx_ec 
_entity.pdbx_mutation 
_entity.pdbx_fragment 
_entity.details 
1 polymer     man 'Rhomboid protease glpG'                                                         20528.312 1  3.4.21.105 ? 
'UNP residues 91-272' ? 
2 non-polymer syn 'propan-2-yl hydrogen (S)-[(1R)-1-{[(benzyloxy)carbonyl]amino}ethyl]phosphonate' 301.275   1  ?          ? ? ? 
3 water       nat water                                                                            18.015    30 ?          ? ? ? 
# 
_entity_name_com.entity_id   1 
_entity_name_com.name        'Intramembrane serine protease' 
# 
_entity_poly.entity_id                      1 
_entity_poly.type                           'polypeptide(L)' 
_entity_poly.nstd_linkage                   no 
_entity_poly.nstd_monomer                   no 
_entity_poly.pdbx_seq_one_letter_code       
;ERAGPVTWVMMIACVVVFIAMQILGDQEVMLWLAWPFDPTLKFEFWRYFTHALMHFSLMHILFNLLWWWYLGGAVEKRLG
SGKLIVITLISALLSGYVQQKFSGPWFGGLSGVVYALMGYVWLRGERDPQSGIYLQRGLIIFALIWIVAGWFDLFGMSMA
NGAHIAGLAVGLAMAFVDSLNA
;
_entity_poly.pdbx_seq_one_letter_code_can   
;ERAGPVTWVMMIACVVVFIAMQILGDQEVMLWLAWPFDPTLKFEFWRYFTHALMHFSLMHILFNLLWWWYLGGAVEKRLG
SGKLIVITLISALLSGYVQQKFSGPWFGGLSGVVYALMGYVWLRGERDPQSGIYLQRGLIIFALIWIVAGWFDLFGMSMA
NGAHIAGLAVGLAMAFVDSLNA
;
_entity_poly.pdbx_strand_id                 A 
_entity_poly.pdbx_target_identifier         ? 
# 
loop_
_pdbx_entity_nonpoly.entity_id 
_pdbx_entity_nonpoly.name 
_pdbx_entity_nonpoly.comp_id 
2 'propan-2-yl hydrogen (S)-[(1R)-1-{[(benzyloxy)carbonyl]amino}ethyl]phosphonate' 3UB 
3 water                                                                            HOH 
# 
loop_
_entity_poly_seq.entity_id 
_entity_poly_seq.num 
_entity_poly_seq.mon_id 
_entity_poly_seq.hetero 
1 1   GLU n 
1 2   ARG n 
1 3   ALA n 
1 4   GLY n 
1 5   PRO n 
1 6   VAL n 
1 7   THR n 
1 8   TRP n 
1 9   VAL n 
1 10  MET n 
1 11  MET n 
1 12  ILE n 
1 13  ALA n 
1 14  CYS n 
1 15  VAL n 
1 16  VAL n 
1 17  VAL n 
1 18  PHE n 
1 19  ILE n 
1 20  ALA n 
1 21  MET n 
1 22  GLN n 
1 23  ILE n 
1 24  LEU n 
1 25  GLY n 
1 26  ASP n 
1 27  GLN n 
1 28  GLU n 
1 29  VAL n 
1 30  MET n 
1 31  LEU n 
1 32  TRP n 
1 33  LEU n 
1 34  ALA n 
1 35  TRP n 
1 36  PRO n 
1 37  PHE n 
1 38  ASP n 
1 39  PRO n 
1 40  THR n 
1 41  LEU n 
1 42  LYS n 
1 43  PHE n 
1 44  GLU n 
1 45  PHE n 
1 46  TRP n 
1 47  ARG n 
1 48  TYR n 
1 49  PHE n 
1 50  THR n 
1 51  HIS n 
1 52  ALA n 
1 53  LEU n 
1 54  MET n 
1 55  HIS n 
1 56  PHE n 
1 57  SER n 
1 58  LEU n 
1 59  MET n 
1 60  HIS n 
1 61  ILE n 
1 62  LEU n 
1 63  PHE n 
1 64  ASN n 
1 65  LEU n 
1 66  LEU n 
1 67  TRP n 
1 68  TRP n 
1 69  TRP n 
1 70  TYR n 
1 71  LEU n 
1 72  GLY n 
1 73  GLY n 
1 74  ALA n 
1 75  VAL n 
1 76  GLU n 
1 77  LYS n 
1 78  ARG n 
1 79  LEU n 
1 80  GLY n 
1 81  SER n 
1 82  GLY n 
1 83  LYS n 
1 84  LEU n 
1 85  ILE n 
1 86  VAL n 
1 87  ILE n 
1 88  THR n 
1 89  LEU n 
1 90  ILE n 
1 91  SER n 
1 92  ALA n 
1 93  LEU n 
1 94  LEU n 
1 95  SER n 
1 96  GLY n 
1 97  TYR n 
1 98  VAL n 
1 99  GLN n 
1 100 GLN n 
1 101 LYS n 
1 102 PHE n 
1 103 SER n 
1 104 GLY n 
1 105 PRO n 
1 106 TRP n 
1 107 PHE n 
1 108 GLY n 
1 109 GLY n 
1 110 LEU n 
1 111 SER n 
1 112 GLY n 
1 113 VAL n 
1 114 VAL n 
1 115 TYR n 
1 116 ALA n 
1 117 LEU n 
1 118 MET n 
1 119 GLY n 
1 120 TYR n 
1 121 VAL n 
1 122 TRP n 
1 123 LEU n 
1 124 ARG n 
1 125 GLY n 
1 126 GLU n 
1 127 ARG n 
1 128 ASP n 
1 129 PRO n 
1 130 GLN n 
1 131 SER n 
1 132 GLY n 
1 133 ILE n 
1 134 TYR n 
1 135 LEU n 
1 136 GLN n 
1 137 ARG n 
1 138 GLY n 
1 139 LEU n 
1 140 ILE n 
1 141 ILE n 
1 142 PHE n 
1 143 ALA n 
1 144 LEU n 
1 145 ILE n 
1 146 TRP n 
1 147 ILE n 
1 148 VAL n 
1 149 ALA n 
1 150 GLY n 
1 151 TRP n 
1 152 PHE n 
1 153 ASP n 
1 154 LEU n 
1 155 PHE n 
1 156 GLY n 
1 157 MET n 
1 158 SER n 
1 159 MET n 
1 160 ALA n 
1 161 ASN n 
1 162 GLY n 
1 163 ALA n 
1 164 HIS n 
1 165 ILE n 
1 166 ALA n 
1 167 GLY n 
1 168 LEU n 
1 169 ALA n 
1 170 VAL n 
1 171 GLY n 
1 172 LEU n 
1 173 ALA n 
1 174 MET n 
1 175 ALA n 
1 176 PHE n 
1 177 VAL n 
1 178 ASP n 
1 179 SER n 
1 180 LEU n 
1 181 ASN n 
1 182 ALA n 
# 
_entity_src_gen.entity_id                          1 
_entity_src_gen.pdbx_src_id                        1 
_entity_src_gen.pdbx_alt_source_flag               sample 
_entity_src_gen.pdbx_seq_type                      ? 
_entity_src_gen.pdbx_beg_seq_num                   ? 
_entity_src_gen.pdbx_end_seq_num                   ? 
_entity_src_gen.gene_src_common_name               ? 
_entity_src_gen.gene_src_genus                     ? 
_entity_src_gen.pdbx_gene_src_gene                 'glpG, b3424, JW5687' 
_entity_src_gen.gene_src_species                   ? 
_entity_src_gen.gene_src_strain                    K12 
_entity_src_gen.gene_src_tissue                    ? 
_entity_src_gen.gene_src_tissue_fraction           ? 
_entity_src_gen.gene_src_details                   ? 
_entity_src_gen.pdbx_gene_src_fragment             ? 
_entity_src_gen.pdbx_gene_src_scientific_name      'Escherichia coli' 
_entity_src_gen.pdbx_gene_src_ncbi_taxonomy_id     83333 
_entity_src_gen.pdbx_gene_src_variant              ? 
_entity_src_gen.pdbx_gene_src_cell_line            ? 
_entity_src_gen.pdbx_gene_src_atcc                 ? 
_entity_src_gen.pdbx_gene_src_organ                ? 
_entity_src_gen.pdbx_gene_src_organelle            ? 
_entity_src_gen.pdbx_gene_src_cell                 ? 
_entity_src_gen.pdbx_gene_src_cellular_location    ? 
_entity_src_gen.host_org_common_name               ? 
_entity_src_gen.pdbx_host_org_scientific_name      'Escherichia coli' 
_entity_src_gen.pdbx_host_org_ncbi_taxonomy_id     469008 
_entity_src_gen.host_org_genus                     ? 
_entity_src_gen.pdbx_host_org_gene                 ? 
_entity_src_gen.pdbx_host_org_organ                ? 
_entity_src_gen.host_org_species                   ? 
_entity_src_gen.pdbx_host_org_tissue               ? 
_entity_src_gen.pdbx_host_org_tissue_fraction      ? 
_entity_src_gen.pdbx_host_org_strain               'BL21(DE3)' 
_entity_src_gen.pdbx_host_org_variant              ? 
_entity_src_gen.pdbx_host_org_cell_line            ? 
_entity_src_gen.pdbx_host_org_atcc                 ? 
_entity_src_gen.pdbx_host_org_culture_collection   ? 
_entity_src_gen.pdbx_host_org_cell                 ? 
_entity_src_gen.pdbx_host_org_organelle            ? 
_entity_src_gen.pdbx_host_org_cellular_location    ? 
_entity_src_gen.pdbx_host_org_vector_type          plasmid 
_entity_src_gen.pdbx_host_org_vector               ? 
_entity_src_gen.host_org_details                   ? 
_entity_src_gen.expression_system_id               ? 
_entity_src_gen.plasmid_name                       pET41b 
_entity_src_gen.plasmid_details                    ? 
_entity_src_gen.pdbx_description                   ? 
# 
loop_
_chem_comp.id 
_chem_comp.type 
_chem_comp.mon_nstd_flag 
_chem_comp.name 
_chem_comp.pdbx_synonyms 
_chem_comp.formula 
_chem_comp.formula_weight 
3UB non-polymer         . 'propan-2-yl hydrogen (S)-[(1R)-1-{[(benzyloxy)carbonyl]amino}ethyl]phosphonate' ? 'C13 H20 N O5 P' 
301.275 
ALA 'L-peptide linking' y ALANINE                                                                          ? 'C3 H7 N O2'     
89.093  
ARG 'L-peptide linking' y ARGININE                                                                         ? 'C6 H15 N4 O2 1' 
175.209 
ASN 'L-peptide linking' y ASPARAGINE                                                                       ? 'C4 H8 N2 O3'    
132.118 
ASP 'L-peptide linking' y 'ASPARTIC ACID'                                                                  ? 'C4 H7 N O4'     
133.103 
CYS 'L-peptide linking' y CYSTEINE                                                                         ? 'C3 H7 N O2 S'   
121.158 
GLN 'L-peptide linking' y GLUTAMINE                                                                        ? 'C5 H10 N2 O3'   
146.144 
GLU 'L-peptide linking' y 'GLUTAMIC ACID'                                                                  ? 'C5 H9 N O4'     
147.129 
GLY 'peptide linking'   y GLYCINE                                                                          ? 'C2 H5 N O2'     
75.067  
HIS 'L-peptide linking' y HISTIDINE                                                                        ? 'C6 H10 N3 O2 1' 
156.162 
HOH non-polymer         . WATER                                                                            ? 'H2 O'           
18.015  
ILE 'L-peptide linking' y ISOLEUCINE                                                                       ? 'C6 H13 N O2'    
131.173 
LEU 'L-peptide linking' y LEUCINE                                                                          ? 'C6 H13 N O2'    
131.173 
LYS 'L-peptide linking' y LYSINE                                                                           ? 'C6 H15 N2 O2 1' 
147.195 
MET 'L-peptide linking' y METHIONINE                                                                       ? 'C5 H11 N O2 S'  
149.211 
PHE 'L-peptide linking' y PHENYLALANINE                                                                    ? 'C9 H11 N O2'    
165.189 
PRO 'L-peptide linking' y PROLINE                                                                          ? 'C5 H9 N O2'     
115.130 
SER 'L-peptide linking' y SERINE                                                                           ? 'C3 H7 N O3'     
105.093 
THR 'L-peptide linking' y THREONINE                                                                        ? 'C4 H9 N O3'     
119.119 
TRP 'L-peptide linking' y TRYPTOPHAN                                                                       ? 'C11 H12 N2 O2'  
204.225 
TYR 'L-peptide linking' y TYROSINE                                                                         ? 'C9 H11 N O3'    
181.189 
VAL 'L-peptide linking' y VALINE                                                                           ? 'C5 H11 N O2'    
117.146 
# 
loop_
_pdbx_poly_seq_scheme.asym_id 
_pdbx_poly_seq_scheme.entity_id 
_pdbx_poly_seq_scheme.seq_id 
_pdbx_poly_seq_scheme.mon_id 
_pdbx_poly_seq_scheme.ndb_seq_num 
_pdbx_poly_seq_scheme.pdb_seq_num 
_pdbx_poly_seq_scheme.auth_seq_num 
_pdbx_poly_seq_scheme.pdb_mon_id 
_pdbx_poly_seq_scheme.auth_mon_id 
_pdbx_poly_seq_scheme.pdb_strand_id 
_pdbx_poly_seq_scheme.pdb_ins_code 
_pdbx_poly_seq_scheme.hetero 
A 1 1   GLU 1   91  ?   ?   ?   A . n 
A 1 2   ARG 2   92  92  ARG ARG A . n 
A 1 3   ALA 3   93  93  ALA ALA A . n 
A 1 4   GLY 4   94  94  GLY GLY A . n 
A 1 5   PRO 5   95  95  PRO PRO A . n 
A 1 6   VAL 6   96  96  VAL VAL A . n 
A 1 7   THR 7   97  97  THR THR A . n 
A 1 8   TRP 8   98  98  TRP TRP A . n 
A 1 9   VAL 9   99  99  VAL VAL A . n 
A 1 10  MET 10  100 100 MET MET A . n 
A 1 11  MET 11  101 101 MET MET A . n 
A 1 12  ILE 12  102 102 ILE ILE A . n 
A 1 13  ALA 13  103 103 ALA ALA A . n 
A 1 14  CYS 14  104 104 CYS CYS A . n 
A 1 15  VAL 15  105 105 VAL VAL A . n 
A 1 16  VAL 16  106 106 VAL VAL A . n 
A 1 17  VAL 17  107 107 VAL VAL A . n 
A 1 18  PHE 18  108 108 PHE PHE A . n 
A 1 19  ILE 19  109 109 ILE ILE A . n 
A 1 20  ALA 20  110 110 ALA ALA A . n 
A 1 21  MET 21  111 111 MET MET A . n 
A 1 22  GLN 22  112 112 GLN GLN A . n 
A 1 23  ILE 23  113 113 ILE ILE A . n 
A 1 24  LEU 24  114 114 LEU LEU A . n 
A 1 25  GLY 25  115 115 GLY GLY A . n 
A 1 26  ASP 26  116 116 ASP ASP A . n 
A 1 27  GLN 27  117 117 GLN GLN A . n 
A 1 28  GLU 28  118 118 GLU GLU A . n 
A 1 29  VAL 29  119 119 VAL VAL A . n 
A 1 30  MET 30  120 120 MET MET A . n 
A 1 31  LEU 31  121 121 LEU LEU A . n 
A 1 32  TRP 32  122 122 TRP TRP A . n 
A 1 33  LEU 33  123 123 LEU LEU A . n 
A 1 34  ALA 34  124 124 ALA ALA A . n 
A 1 35  TRP 35  125 125 TRP TRP A . n 
A 1 36  PRO 36  126 126 PRO PRO A . n 
A 1 37  PHE 37  127 127 PHE PHE A . n 
A 1 38  ASP 38  128 128 ASP ASP A . n 
A 1 39  PRO 39  129 129 PRO PRO A . n 
A 1 40  THR 40  130 130 THR THR A . n 
A 1 41  LEU 41  131 131 LEU LEU A . n 
A 1 42  LYS 42  132 132 LYS LYS A . n 
A 1 43  PHE 43  133 133 PHE PHE A . n 
A 1 44  GLU 44  134 134 GLU GLU A . n 
A 1 45  PHE 45  135 135 PHE PHE A . n 
A 1 46  TRP 46  136 136 TRP TRP A . n 
A 1 47  ARG 47  137 137 ARG ARG A . n 
A 1 48  TYR 48  138 138 TYR TYR A . n 
A 1 49  PHE 49  139 139 PHE PHE A . n 
A 1 50  THR 50  140 140 THR THR A . n 
A 1 51  HIS 51  141 141 HIS HIS A . n 
A 1 52  ALA 52  142 142 ALA ALA A . n 
A 1 53  LEU 53  143 143 LEU LEU A . n 
A 1 54  MET 54  144 144 MET MET A . n 
A 1 55  HIS 55  145 145 HIS HIS A . n 
A 1 56  PHE 56  146 146 PHE PHE A . n 
A 1 57  SER 57  147 147 SER SER A . n 
A 1 58  LEU 58  148 148 LEU LEU A . n 
A 1 59  MET 59  149 149 MET MET A . n 
A 1 60  HIS 60  150 150 HIS HIS A . n 
A 1 61  ILE 61  151 151 ILE ILE A . n 
A 1 62  LEU 62  152 152 LEU LEU A . n 
A 1 63  PHE 63  153 153 PHE PHE A . n 
A 1 64  ASN 64  154 154 ASN ASN A . n 
A 1 65  LEU 65  155 155 LEU LEU A . n 
A 1 66  LEU 66  156 156 LEU LEU A . n 
A 1 67  TRP 67  157 157 TRP TRP A . n 
A 1 68  TRP 68  158 158 TRP TRP A . n 
A 1 69  TRP 69  159 159 TRP TRP A . n 
A 1 70  TYR 70  160 160 TYR TYR A . n 
A 1 71  LEU 71  161 161 LEU LEU A . n 
A 1 72  GLY 72  162 162 GLY GLY A . n 
A 1 73  GLY 73  163 163 GLY GLY A . n 
A 1 74  ALA 74  164 164 ALA ALA A . n 
A 1 75  VAL 75  165 165 VAL VAL A . n 
A 1 76  GLU 76  166 166 GLU GLU A . n 
A 1 77  LYS 77  167 167 LYS LYS A . n 
A 1 78  ARG 78  168 168 ARG ARG A . n 
A 1 79  LEU 79  169 169 LEU LEU A . n 
A 1 80  GLY 80  170 170 GLY GLY A . n 
A 1 81  SER 81  171 171 SER SER A . n 
A 1 82  GLY 82  172 172 GLY GLY A . n 
A 1 83  LYS 83  173 173 LYS LYS A . n 
A 1 84  LEU 84  174 174 LEU LEU A . n 
A 1 85  ILE 85  175 175 ILE ILE A . n 
A 1 86  VAL 86  176 176 VAL VAL A . n 
A 1 87  ILE 87  177 177 ILE ILE A . n 
A 1 88  THR 88  178 178 THR THR A . n 
A 1 89  LEU 89  179 179 LEU LEU A . n 
A 1 90  ILE 90  180 180 ILE ILE A . n 
A 1 91  SER 91  181 181 SER SER A . n 
A 1 92  ALA 92  182 182 ALA ALA A . n 
A 1 93  LEU 93  183 183 LEU LEU A . n 
A 1 94  LEU 94  184 184 LEU LEU A . n 
A 1 95  SER 95  185 185 SER SER A . n 
A 1 96  GLY 96  186 186 GLY GLY A . n 
A 1 97  TYR 97  187 187 TYR TYR A . n 
A 1 98  VAL 98  188 188 VAL VAL A . n 
A 1 99  GLN 99  189 189 GLN GLN A . n 
A 1 100 GLN 100 190 190 GLN GLN A . n 
A 1 101 LYS 101 191 191 LYS LYS A . n 
A 1 102 PHE 102 192 192 PHE PHE A . n 
A 1 103 SER 103 193 193 SER SER A . n 
A 1 104 GLY 104 194 194 GLY GLY A . n 
A 1 105 PRO 105 195 195 PRO PRO A . n 
A 1 106 TRP 106 196 196 TRP TRP A . n 
A 1 107 PHE 107 197 197 PHE PHE A . n 
A 1 108 GLY 108 198 198 GLY GLY A . n 
A 1 109 GLY 109 199 199 GLY GLY A . n 
A 1 110 LEU 110 200 200 LEU LEU A . n 
A 1 111 SER 111 201 201 SER SER A . n 
A 1 112 GLY 112 202 202 GLY GLY A . n 
A 1 113 VAL 113 203 203 VAL VAL A . n 
A 1 114 VAL 114 204 204 VAL VAL A . n 
A 1 115 TYR 115 205 205 TYR TYR A . n 
A 1 116 ALA 116 206 206 ALA ALA A . n 
A 1 117 LEU 117 207 207 LEU LEU A . n 
A 1 118 MET 118 208 208 MET MET A . n 
A 1 119 GLY 119 209 209 GLY GLY A . n 
A 1 120 TYR 120 210 210 TYR TYR A . n 
A 1 121 VAL 121 211 211 VAL VAL A . n 
A 1 122 TRP 122 212 212 TRP TRP A . n 
A 1 123 LEU 123 213 213 LEU LEU A . n 
A 1 124 ARG 124 214 214 ARG ARG A . n 
A 1 125 GLY 125 215 215 GLY GLY A . n 
A 1 126 GLU 126 216 216 GLU GLU A . n 
A 1 127 ARG 127 217 217 ARG ARG A . n 
A 1 128 ASP 128 218 218 ASP ASP A . n 
A 1 129 PRO 129 219 219 PRO PRO A . n 
A 1 130 GLN 130 220 220 GLN GLN A . n 
A 1 131 SER 131 221 221 SER SER A . n 
A 1 132 GLY 132 222 222 GLY GLY A . n 
A 1 133 ILE 133 223 223 ILE ILE A . n 
A 1 134 TYR 134 224 224 TYR TYR A . n 
A 1 135 LEU 135 225 225 LEU LEU A . n 
A 1 136 GLN 136 226 226 GLN GLN A . n 
A 1 137 ARG 137 227 227 ARG ARG A . n 
A 1 138 GLY 138 228 228 GLY GLY A . n 
A 1 139 LEU 139 229 229 LEU LEU A . n 
A 1 140 ILE 140 230 230 ILE ILE A . n 
A 1 141 ILE 141 231 231 ILE ILE A . n 
A 1 142 PHE 142 232 232 PHE PHE A . n 
A 1 143 ALA 143 233 233 ALA ALA A . n 
A 1 144 LEU 144 234 234 LEU LEU A . n 
A 1 145 ILE 145 235 235 ILE ILE A . n 
A 1 146 TRP 146 236 236 TRP TRP A . n 
A 1 147 ILE 147 237 237 ILE ILE A . n 
A 1 148 VAL 148 238 238 VAL VAL A . n 
A 1 149 ALA 149 239 239 ALA ALA A . n 
A 1 150 GLY 150 240 240 GLY GLY A . n 
A 1 151 TRP 151 241 241 TRP TRP A . n 
A 1 152 PHE 152 242 242 PHE PHE A . n 
A 1 153 ASP 153 243 243 ASP ASP A . n 
A 1 154 LEU 154 244 244 LEU LEU A . n 
A 1 155 PHE 155 245 245 PHE PHE A . n 
A 1 156 GLY 156 246 246 GLY GLY A . n 
A 1 157 MET 157 247 247 MET ALA A . n 
A 1 158 SER 158 248 248 SER SER A . n 
A 1 159 MET 159 249 249 MET ALA A . n 
A 1 160 ALA 160 250 250 ALA ALA A . n 
A 1 161 ASN 161 251 251 ASN ASN A . n 
A 1 162 GLY 162 252 252 GLY GLY A . n 
A 1 163 ALA 163 253 253 ALA ALA A . n 
A 1 164 HIS 164 254 254 HIS HIS A . n 
A 1 165 ILE 165 255 255 ILE ILE A . n 
A 1 166 ALA 166 256 256 ALA ALA A . n 
A 1 167 GLY 167 257 257 GLY GLY A . n 
A 1 168 LEU 168 258 258 LEU LEU A . n 
A 1 169 ALA 169 259 259 ALA ALA A . n 
A 1 170 VAL 170 260 260 VAL VAL A . n 
A 1 171 GLY 171 261 261 GLY GLY A . n 
A 1 172 LEU 172 262 262 LEU LEU A . n 
A 1 173 ALA 173 263 263 ALA ALA A . n 
A 1 174 MET 174 264 264 MET MET A . n 
A 1 175 ALA 175 265 265 ALA ALA A . n 
A 1 176 PHE 176 266 266 PHE PHE A . n 
A 1 177 VAL 177 267 267 VAL VAL A . n 
A 1 178 ASP 178 268 268 ASP ASP A . n 
A 1 179 SER 179 269 269 SER SER A . n 
A 1 180 LEU 180 270 270 LEU LEU A . n 
A 1 181 ASN 181 271 ?   ?   ?   A . n 
A 1 182 ALA 182 272 ?   ?   ?   A . n 
# 
loop_
_pdbx_nonpoly_scheme.asym_id 
_pdbx_nonpoly_scheme.entity_id 
_pdbx_nonpoly_scheme.mon_id 
_pdbx_nonpoly_scheme.ndb_seq_num 
_pdbx_nonpoly_scheme.pdb_seq_num 
_pdbx_nonpoly_scheme.auth_seq_num 
_pdbx_nonpoly_scheme.pdb_mon_id 
_pdbx_nonpoly_scheme.auth_mon_id 
_pdbx_nonpoly_scheme.pdb_strand_id 
_pdbx_nonpoly_scheme.pdb_ins_code 
B 2 3UB 1  301 1  3UB 3UB A . 
C 3 HOH 1  401 1  HOH HOH A . 
C 3 HOH 2  402 2  HOH HOH A . 
C 3 HOH 3  403 3  HOH HOH A . 
C 3 HOH 4  404 4  HOH HOH A . 
C 3 HOH 5  405 5  HOH HOH A . 
C 3 HOH 6  406 6  HOH HOH A . 
C 3 HOH 7  407 7  HOH HOH A . 
C 3 HOH 8  408 8  HOH HOH A . 
C 3 HOH 9  409 10 HOH HOH A . 
C 3 HOH 10 410 11 HOH HOH A . 
C 3 HOH 11 411 12 HOH HOH A . 
C 3 HOH 12 412 13 HOH HOH A . 
C 3 HOH 13 413 15 HOH HOH A . 
C 3 HOH 14 414 16 HOH HOH A . 
C 3 HOH 15 415 17 HOH HOH A . 
C 3 HOH 16 416 18 HOH HOH A . 
C 3 HOH 17 417 19 HOH HOH A . 
C 3 HOH 18 418 20 HOH HOH A . 
C 3 HOH 19 419 22 HOH HOH A . 
C 3 HOH 20 420 25 HOH HOH A . 
C 3 HOH 21 421 27 HOH HOH A . 
C 3 HOH 22 422 28 HOH HOH A . 
C 3 HOH 23 423 29 HOH HOH A . 
C 3 HOH 24 424 30 HOH HOH A . 
C 3 HOH 25 425 31 HOH HOH A . 
C 3 HOH 26 426 33 HOH HOH A . 
C 3 HOH 27 427 35 HOH HOH A . 
C 3 HOH 28 428 36 HOH HOH A . 
C 3 HOH 29 429 38 HOH HOH A . 
C 3 HOH 30 430 40 HOH HOH A . 
# 
loop_
_pdbx_unobs_or_zero_occ_atoms.id 
_pdbx_unobs_or_zero_occ_atoms.PDB_model_num 
_pdbx_unobs_or_zero_occ_atoms.polymer_flag 
_pdbx_unobs_or_zero_occ_atoms.occupancy_flag 
_pdbx_unobs_or_zero_occ_atoms.auth_asym_id 
_pdbx_unobs_or_zero_occ_atoms.auth_comp_id 
_pdbx_unobs_or_zero_occ_atoms.auth_seq_id 
_pdbx_unobs_or_zero_occ_atoms.PDB_ins_code 
_pdbx_unobs_or_zero_occ_atoms.auth_atom_id 
_pdbx_unobs_or_zero_occ_atoms.label_alt_id 
_pdbx_unobs_or_zero_occ_atoms.label_asym_id 
_pdbx_unobs_or_zero_occ_atoms.label_comp_id 
_pdbx_unobs_or_zero_occ_atoms.label_seq_id 
_pdbx_unobs_or_zero_occ_atoms.label_atom_id 
1  1 Y 1 A LYS 167 ? CG  ? A LYS 77  CG  
2  1 Y 1 A LYS 167 ? CD  ? A LYS 77  CD  
3  1 Y 1 A LYS 167 ? CE  ? A LYS 77  CE  
4  1 Y 1 A LYS 167 ? NZ  ? A LYS 77  NZ  
5  1 Y 1 A ARG 168 ? CG  ? A ARG 78  CG  
6  1 Y 1 A ARG 168 ? CD  ? A ARG 78  CD  
7  1 Y 1 A ARG 168 ? NE  ? A ARG 78  NE  
8  1 Y 1 A ARG 168 ? CZ  ? A ARG 78  CZ  
9  1 Y 1 A ARG 168 ? NH1 ? A ARG 78  NH1 
10 1 Y 1 A ARG 168 ? NH2 ? A ARG 78  NH2 
11 1 Y 1 A LYS 191 ? CG  ? A LYS 101 CG  
12 1 Y 1 A LYS 191 ? CD  ? A LYS 101 CD  
13 1 Y 1 A LYS 191 ? CE  ? A LYS 101 CE  
14 1 Y 1 A LYS 191 ? NZ  ? A LYS 101 NZ  
15 1 Y 1 A GLU 216 ? CG  ? A GLU 126 CG  
16 1 Y 1 A GLU 216 ? CD  ? A GLU 126 CD  
17 1 Y 1 A GLU 216 ? OE1 ? A GLU 126 OE1 
18 1 Y 1 A GLU 216 ? OE2 ? A GLU 126 OE2 
19 1 Y 1 A GLN 220 ? CG  ? A GLN 130 CG  
20 1 Y 1 A GLN 220 ? CD  ? A GLN 130 CD  
21 1 Y 1 A GLN 220 ? OE1 ? A GLN 130 OE1 
22 1 Y 1 A GLN 220 ? NE2 ? A GLN 130 NE2 
23 1 Y 1 A ILE 223 ? CG1 ? A ILE 133 CG1 
24 1 Y 1 A ILE 223 ? CG2 ? A ILE 133 CG2 
25 1 Y 1 A ILE 223 ? CD1 ? A ILE 133 CD1 
26 1 Y 1 A MET 247 ? CG  ? A MET 157 CG  
27 1 Y 1 A MET 247 ? SD  ? A MET 157 SD  
28 1 Y 1 A MET 247 ? CE  ? A MET 157 CE  
29 1 Y 1 A MET 249 ? CG  ? A MET 159 CG  
30 1 Y 1 A MET 249 ? SD  ? A MET 159 SD  
31 1 Y 1 A MET 249 ? CE  ? A MET 159 CE  
# 
loop_
_software.name 
_software.classification 
_software.version 
_software.citation_id 
_software.pdbx_ordinal 
PHENIX   refinement        '(phenix.refine: 1.7.2_869)' ? 1 
REFMAC   refinement        .                            ? 2 
CBASS    'data collection' .                            ? 3 
HKL-2000 'data reduction'  .                            ? 4 
HKL-2000 'data scaling'    .                            ? 5 
REFMAC   phasing           .                            ? 6 
# 
_cell.entry_id           3UBB 
_cell.length_a           111.722 
_cell.length_b           111.722 
_cell.length_c           121.810 
_cell.angle_alpha        90.00 
_cell.angle_beta         90.00 
_cell.angle_gamma        120.00 
_cell.Z_PDB              18 
_cell.pdbx_unique_axis   ? 
_cell.length_a_esd       ? 
_cell.length_b_esd       ? 
_cell.length_c_esd       ? 
_cell.angle_alpha_esd    ? 
_cell.angle_beta_esd     ? 
_cell.angle_gamma_esd    ? 
# 
_symmetry.entry_id                         3UBB 
_symmetry.space_group_name_H-M             'H 3 2' 
_symmetry.pdbx_full_space_group_name_H-M   ? 
_symmetry.cell_setting                     ? 
_symmetry.Int_Tables_number                155 
_symmetry.space_group_name_Hall            ? 
# 
_exptl.entry_id          3UBB 
_exptl.method            'X-RAY DIFFRACTION' 
_exptl.crystals_number   1 
# 
_exptl_crystal.id                    1 
_exptl_crystal.density_meas          ? 
_exptl_crystal.density_Matthews      3.60 
_exptl_crystal.density_percent_sol   65.85 
_exptl_crystal.description           ? 
_exptl_crystal.F_000                 ? 
_exptl_crystal.preparation           ? 
# 
_exptl_crystal_grow.crystal_id      1 
_exptl_crystal_grow.method          EVAPORATION 
_exptl_crystal_grow.temp            298 
_exptl_crystal_grow.temp_details    ? 
_exptl_crystal_grow.pH              7 
_exptl_crystal_grow.pdbx_pH_range   ? 
_exptl_crystal_grow.pdbx_details    '3M NaCl, pH 7, EVAPORATION, temperature 298K' 
# 
_diffrn.id                     1 
_diffrn.ambient_temp           100 
_diffrn.ambient_temp_details   ? 
_diffrn.crystal_id             1 
# 
_diffrn_detector.diffrn_id              1 
_diffrn_detector.detector               CCD 
_diffrn_detector.type                   'ADSC QUANTUM 315r' 
_diffrn_detector.pdbx_collection_date   2011-09-07 
_diffrn_detector.details                Si111 
# 
_diffrn_radiation.diffrn_id                        1 
_diffrn_radiation.wavelength_id                    1 
_diffrn_radiation.pdbx_monochromatic_or_laue_m_l   M 
_diffrn_radiation.monochromator                    Si111 
_diffrn_radiation.pdbx_diffrn_protocol             'SINGLE WAVELENGTH' 
_diffrn_radiation.pdbx_scattering_type             x-ray 
# 
_diffrn_radiation_wavelength.id           1 
_diffrn_radiation_wavelength.wavelength   1.075 
_diffrn_radiation_wavelength.wt           1.0 
# 
_diffrn_source.diffrn_id                   1 
_diffrn_source.source                      SYNCHROTRON 
_diffrn_source.type                        'NSLS BEAMLINE X29A' 
_diffrn_source.pdbx_synchrotron_site       NSLS 
_diffrn_source.pdbx_synchrotron_beamline   X29A 
_diffrn_source.pdbx_wavelength             ? 
_diffrn_source.pdbx_wavelength_list        1.075 
# 
_reflns.pdbx_diffrn_id               1 
_reflns.pdbx_ordinal                 1 
_reflns.entry_id                     3UBB 
_reflns.observed_criterion_sigma_I   2 
_reflns.observed_criterion_sigma_F   2 
_reflns.d_resolution_low             50 
_reflns.d_resolution_high            2.5 
_reflns.number_obs                   10287 
_reflns.number_all                   10287 
_reflns.percent_possible_obs         99 
_reflns.pdbx_Rmerge_I_obs            ? 
_reflns.pdbx_Rsym_value              ? 
_reflns.pdbx_netI_over_sigmaI        ? 
_reflns.B_iso_Wilson_estimate        ? 
_reflns.pdbx_redundancy              ? 
_reflns.R_free_details               ? 
_reflns.limit_h_max                  ? 
_reflns.limit_h_min                  ? 
_reflns.limit_k_max                  ? 
_reflns.limit_k_min                  ? 
_reflns.limit_l_max                  ? 
_reflns.limit_l_min                  ? 
_reflns.observed_criterion_F_max     ? 
_reflns.observed_criterion_F_min     ? 
_reflns.pdbx_chi_squared             ? 
_reflns.pdbx_scaling_rejects         ? 
# 
_reflns_shell.pdbx_diffrn_id         1 
_reflns_shell.pdbx_ordinal           1 
_reflns_shell.d_res_high             2.5 
_reflns_shell.d_res_low              2.59 
_reflns_shell.percent_possible_all   99 
_reflns_shell.Rmerge_I_obs           ? 
_reflns_shell.pdbx_Rsym_value        ? 
_reflns_shell.meanI_over_sigI_obs    ? 
_reflns_shell.pdbx_redundancy        ? 
_reflns_shell.percent_possible_obs   ? 
_reflns_shell.number_unique_all      ? 
_reflns_shell.number_measured_all    ? 
_reflns_shell.number_measured_obs    ? 
_reflns_shell.number_unique_obs      ? 
_reflns_shell.pdbx_chi_squared       ? 
# 
_refine.pdbx_refine_id                           'X-RAY DIFFRACTION' 
_refine.entry_id                                 3UBB 
_refine.pdbx_diffrn_id                           1 
_refine.pdbx_TLS_residual_ADP_flag               ? 
_refine.ls_number_reflns_obs                     9147 
_refine.ls_number_reflns_all                     ? 
_refine.pdbx_ls_sigma_I                          ? 
_refine.pdbx_ls_sigma_F                          1.40 
_refine.pdbx_data_cutoff_high_absF               ? 
_refine.pdbx_data_cutoff_low_absF                ? 
_refine.pdbx_data_cutoff_high_rms_absF           ? 
_refine.ls_d_res_low                             44.961 
_refine.ls_d_res_high                            2.601 
_refine.ls_percent_reflns_obs                    99.73 
_refine.ls_R_factor_obs                          0.2120 
_refine.ls_R_factor_all                          ? 
_refine.ls_R_factor_R_work                       0.2112 
_refine.ls_R_factor_R_free                       0.2289 
_refine.ls_R_factor_R_free_error                 ? 
_refine.ls_R_factor_R_free_error_details         ? 
_refine.ls_percent_reflns_R_free                 4.85 
_refine.ls_number_reflns_R_free                  444 
_refine.ls_number_parameters                     ? 
_refine.ls_number_restraints                     ? 
_refine.occupancy_min                            ? 
_refine.occupancy_max                            ? 
_refine.correlation_coeff_Fo_to_Fc               ? 
_refine.correlation_coeff_Fo_to_Fc_free          ? 
_refine.B_iso_mean                               ? 
_refine.aniso_B[1][1]                            -5.4091 
_refine.aniso_B[2][2]                            -5.4091 
_refine.aniso_B[3][3]                            10.8181 
_refine.aniso_B[1][2]                            -0.0000 
_refine.aniso_B[1][3]                            -0.0000 
_refine.aniso_B[2][3]                            0.0000 
_refine.solvent_model_details                    'FLAT BULK SOLVENT MODEL' 
_refine.solvent_model_param_ksol                 0.400 
_refine.solvent_model_param_bsol                 80.000 
_refine.pdbx_solvent_vdw_probe_radii             1.10 
_refine.pdbx_solvent_ion_probe_radii             ? 
_refine.pdbx_solvent_shrinkage_radii             0.86 
_refine.pdbx_ls_cross_valid_method               ? 
_refine.details                                  ? 
_refine.pdbx_starting_model                      ? 
_refine.pdbx_method_to_determine_struct          'MOLECULAR REPLACEMENT' 
_refine.pdbx_isotropic_thermal_model             ? 
_refine.pdbx_stereochemistry_target_values       ML 
_refine.pdbx_stereochem_target_val_spec_case     ? 
_refine.pdbx_R_Free_selection_details            ? 
_refine.pdbx_overall_ESU_R                       ? 
_refine.pdbx_overall_ESU_R_Free                  ? 
_refine.overall_SU_ML                            0.28 
_refine.pdbx_overall_phase_error                 22.18 
_refine.overall_SU_B                             ? 
_refine.overall_SU_R_Cruickshank_DPI             ? 
_refine.pdbx_overall_SU_R_free_Cruickshank_DPI   ? 
_refine.pdbx_overall_SU_R_Blow_DPI               ? 
_refine.pdbx_overall_SU_R_free_Blow_DPI          ? 
_refine.ls_redundancy_reflns_obs                 ? 
_refine.B_iso_min                                ? 
_refine.B_iso_max                                ? 
_refine.overall_SU_R_free                        ? 
_refine.ls_wR_factor_R_free                      ? 
_refine.ls_wR_factor_R_work                      ? 
_refine.overall_FOM_free_R_set                   ? 
_refine.overall_FOM_work_R_set                   ? 
# 
_refine_hist.pdbx_refine_id                   'X-RAY DIFFRACTION' 
_refine_hist.cycle_id                         LAST 
_refine_hist.pdbx_number_atoms_protein        1398 
_refine_hist.pdbx_number_atoms_nucleic_acid   0 
_refine_hist.pdbx_number_atoms_ligand         19 
_refine_hist.number_atoms_solvent             30 
_refine_hist.number_atoms_total               1447 
_refine_hist.d_res_high                       2.601 
_refine_hist.d_res_low                        44.961 
# 
loop_
_refine_ls_restr.type 
_refine_ls_restr.dev_ideal 
_refine_ls_restr.dev_ideal_target 
_refine_ls_restr.weight 
_refine_ls_restr.number 
_refine_ls_restr.pdbx_refine_id 
_refine_ls_restr.pdbx_restraint_function 
f_bond_d           0.008  ? ? 1467 'X-RAY DIFFRACTION' ? 
f_angle_d          1.115  ? ? 2003 'X-RAY DIFFRACTION' ? 
f_dihedral_angle_d 14.803 ? ? 472  'X-RAY DIFFRACTION' ? 
f_chiral_restr     0.068  ? ? 216  'X-RAY DIFFRACTION' ? 
f_plane_restr      0.004  ? ? 239  'X-RAY DIFFRACTION' ? 
# 
loop_
_refine_ls_shell.pdbx_refine_id 
_refine_ls_shell.pdbx_total_number_of_bins_used 
_refine_ls_shell.d_res_high 
_refine_ls_shell.d_res_low 
_refine_ls_shell.number_reflns_R_work 
_refine_ls_shell.R_factor_R_work 
_refine_ls_shell.percent_reflns_obs 
_refine_ls_shell.R_factor_R_free 
_refine_ls_shell.R_factor_R_free_error 
_refine_ls_shell.percent_reflns_R_free 
_refine_ls_shell.number_reflns_R_free 
_refine_ls_shell.number_reflns_all 
_refine_ls_shell.R_factor_all 
_refine_ls_shell.redundancy_reflns_obs 
_refine_ls_shell.number_reflns_obs 
'X-RAY DIFFRACTION' . 2.601  2.9769  2828 0.2006 100.00 0.2659 . . 160 . . . . 
'X-RAY DIFFRACTION' . 2.9769 3.7503  2906 0.1775 100.00 0.2030 . . 136 . . . . 
'X-RAY DIFFRACTION' . 3.7503 44.9677 2969 0.2289 99.00  0.2307 . . 148 . . . . 
# 
_struct.entry_id                  3UBB 
_struct.title                     'The crystal structure of GlpG in complex with a phosphonofluoridate inhibitor' 
_struct.pdbx_model_details        ? 
_struct.pdbx_CASP_flag            ? 
_struct.pdbx_model_type_details   ? 
# 
_struct_keywords.entry_id        3UBB 
_struct_keywords.pdbx_keywords   HYDROLASE/INHIBITOR 
_struct_keywords.text            'HELIX BUNDLE, MEMBRANE, HYDROLASE-INHIBITOR complex' 
# 
loop_
_struct_asym.id 
_struct_asym.pdbx_blank_PDB_chainid_flag 
_struct_asym.pdbx_modified 
_struct_asym.entity_id 
_struct_asym.details 
A N N 1 ? 
B N N 2 ? 
C N N 3 ? 
# 
_struct_ref.id                         1 
_struct_ref.db_name                    UNP 
_struct_ref.db_code                    GLPG_ECOLI 
_struct_ref.pdbx_db_accession          P09391 
_struct_ref.entity_id                  1 
_struct_ref.pdbx_seq_one_letter_code   
;ERAGPVTWVMMIACVVVFIAMQILGDQEVMLWLAWPFDPTLKFEFWRYFTHALMHFSLMHILFNLLWWWYLGGAVEKRLG
SGKLIVITLISALLSGYVQQKFSGPWFGGLSGVVYALMGYVWLRGERDPQSGIYLQRGLIIFALIWIVAGWFDLFGMSMA
NGAHIAGLAVGLAMAFVDSLNA
;
_struct_ref.pdbx_align_begin           91 
_struct_ref.pdbx_db_isoform            ? 
# 
_struct_ref_seq.align_id                      1 
_struct_ref_seq.ref_id                        1 
_struct_ref_seq.pdbx_PDB_id_code              3UBB 
_struct_ref_seq.pdbx_strand_id                A 
_struct_ref_seq.seq_align_beg                 1 
_struct_ref_seq.pdbx_seq_align_beg_ins_code   ? 
_struct_ref_seq.seq_align_end                 182 
_struct_ref_seq.pdbx_seq_align_end_ins_code   ? 
_struct_ref_seq.pdbx_db_accession             P09391 
_struct_ref_seq.db_align_beg                  91 
_struct_ref_seq.pdbx_db_align_beg_ins_code    ? 
_struct_ref_seq.db_align_end                  272 
_struct_ref_seq.pdbx_db_align_end_ins_code    ? 
_struct_ref_seq.pdbx_auth_seq_align_beg       91 
_struct_ref_seq.pdbx_auth_seq_align_end       272 
# 
loop_
_pdbx_struct_assembly.id 
_pdbx_struct_assembly.details 
_pdbx_struct_assembly.method_details 
_pdbx_struct_assembly.oligomeric_details 
_pdbx_struct_assembly.oligomeric_count 
1 author_defined_assembly   ?    monomeric 1 
2 software_defined_assembly PISA trimeric  3 
# 
loop_
_pdbx_struct_assembly_prop.biol_id 
_pdbx_struct_assembly_prop.type 
_pdbx_struct_assembly_prop.value 
_pdbx_struct_assembly_prop.details 
2 'ABSA (A^2)' 7170  ? 
2 MORE         -38   ? 
2 'SSA (A^2)'  22970 ? 
# 
loop_
_pdbx_struct_assembly_gen.assembly_id 
_pdbx_struct_assembly_gen.oper_expression 
_pdbx_struct_assembly_gen.asym_id_list 
1 1     A,B,C 
2 1,2,3 A,B,C 
# 
loop_
_pdbx_struct_oper_list.id 
_pdbx_struct_oper_list.type 
_pdbx_struct_oper_list.name 
_pdbx_struct_oper_list.symmetry_operation 
_pdbx_struct_oper_list.matrix[1][1] 
_pdbx_struct_oper_list.matrix[1][2] 
_pdbx_struct_oper_list.matrix[1][3] 
_pdbx_struct_oper_list.vector[1] 
_pdbx_struct_oper_list.matrix[2][1] 
_pdbx_struct_oper_list.matrix[2][2] 
_pdbx_struct_oper_list.matrix[2][3] 
_pdbx_struct_oper_list.vector[2] 
_pdbx_struct_oper_list.matrix[3][1] 
_pdbx_struct_oper_list.matrix[3][2] 
_pdbx_struct_oper_list.matrix[3][3] 
_pdbx_struct_oper_list.vector[3] 
1 'identity operation'         1_555 x,y,z        1.0000000000  0.0000000000  0.0000000000  0.0000000000  0.0000000000  1.0000000000 0.0000000000  0.0000000000  0.0000000000  0.0000000000  1.0000000000  0.0000000000  
2 'crystal symmetry operation' 2_665 -y+1,x-y+1,z -0.2206334071 0.0017493098  0.9753552376  10.4999715135 -0.9359510087 0.2809924635 -0.2122238081 22.8021117474 -0.2744387162 -0.9597083804 -0.0603590563 22.0212943008 
3 'crystal symmetry operation' 3_565 -x+y,-x+1,z  -0.2206334071 -0.9359510087 -0.2744387162 29.7017997163 0.0017493098  0.2809924635 -0.9597083804 14.7084314336 0.9753552376  -0.2122238081 -0.0603590563 -4.0728666779 
# 
_struct_biol.id        1 
_struct_biol.details   ? 
# 
loop_
_struct_conf.conf_type_id 
_struct_conf.id 
_struct_conf.pdbx_PDB_helix_id 
_struct_conf.beg_label_comp_id 
_struct_conf.beg_label_asym_id 
_struct_conf.beg_label_seq_id 
_struct_conf.pdbx_beg_PDB_ins_code 
_struct_conf.end_label_comp_id 
_struct_conf.end_label_asym_id 
_struct_conf.end_label_seq_id 
_struct_conf.pdbx_end_PDB_ins_code 
_struct_conf.beg_auth_comp_id 
_struct_conf.beg_auth_asym_id 
_struct_conf.beg_auth_seq_id 
_struct_conf.end_auth_comp_id 
_struct_conf.end_auth_asym_id 
_struct_conf.end_auth_seq_id 
_struct_conf.pdbx_PDB_helix_class 
_struct_conf.details 
_struct_conf.pdbx_PDB_helix_length 
HELX_P HELX_P1  1  GLY A 4   ? GLY A 25  ? GLY A 94  GLY A 115 1 ? 22 
HELX_P HELX_P2  2  GLY A 25  ? ALA A 34  ? GLY A 115 ALA A 124 1 ? 10 
HELX_P HELX_P3  3  ASP A 38  ? LYS A 42  ? ASP A 128 LYS A 132 5 ? 5  
HELX_P HELX_P4  4  TRP A 46  ? HIS A 51  ? TRP A 136 HIS A 141 1 ? 6  
HELX_P HELX_P5  5  ALA A 52  ? MET A 54  ? ALA A 142 MET A 144 5 ? 3  
HELX_P HELX_P6  6  SER A 57  ? GLY A 80  ? SER A 147 GLY A 170 1 ? 24 
HELX_P HELX_P7  7  GLY A 80  ? GLY A 104 ? GLY A 170 GLY A 194 1 ? 25 
HELX_P HELX_P8  8  LEU A 110 ? ASP A 128 ? LEU A 200 ASP A 218 1 ? 19 
HELX_P HELX_P9  9  PRO A 129 ? GLY A 132 ? PRO A 219 GLY A 222 5 ? 4  
HELX_P HELX_P10 10 GLN A 136 ? PHE A 152 ? GLN A 226 PHE A 242 1 ? 17 
HELX_P HELX_P11 11 ALA A 160 ? HIS A 164 ? ALA A 250 HIS A 254 5 ? 5  
HELX_P HELX_P12 12 ILE A 165 ? SER A 179 ? ILE A 255 SER A 269 1 ? 15 
# 
_struct_conf_type.id          HELX_P 
_struct_conf_type.criteria    ? 
_struct_conf_type.reference   ? 
# 
_struct_conn.id                            covale1 
_struct_conn.conn_type_id                  covale 
_struct_conn.pdbx_leaving_atom_flag        one 
_struct_conn.pdbx_PDB_id                   ? 
_struct_conn.ptnr1_label_asym_id           A 
_struct_conn.ptnr1_label_comp_id           SER 
_struct_conn.ptnr1_label_seq_id            111 
_struct_conn.ptnr1_label_atom_id           OG 
_struct_conn.pdbx_ptnr1_label_alt_id       ? 
_struct_conn.pdbx_ptnr1_PDB_ins_code       ? 
_struct_conn.pdbx_ptnr1_standard_comp_id   ? 
_struct_conn.ptnr1_symmetry                1_555 
_struct_conn.ptnr2_label_asym_id           B 
_struct_conn.ptnr2_label_comp_id           3UB 
_struct_conn.ptnr2_label_seq_id            . 
_struct_conn.ptnr2_label_atom_id           P 
_struct_conn.pdbx_ptnr2_label_alt_id       ? 
_struct_conn.pdbx_ptnr2_PDB_ins_code       ? 
_struct_conn.ptnr1_auth_asym_id            A 
_struct_conn.ptnr1_auth_comp_id            SER 
_struct_conn.ptnr1_auth_seq_id             201 
_struct_conn.ptnr2_auth_asym_id            A 
_struct_conn.ptnr2_auth_comp_id            3UB 
_struct_conn.ptnr2_auth_seq_id             301 
_struct_conn.ptnr2_symmetry                1_555 
_struct_conn.pdbx_ptnr3_label_atom_id      ? 
_struct_conn.pdbx_ptnr3_label_seq_id       ? 
_struct_conn.pdbx_ptnr3_label_comp_id      ? 
_struct_conn.pdbx_ptnr3_label_asym_id      ? 
_struct_conn.pdbx_ptnr3_label_alt_id       ? 
_struct_conn.pdbx_ptnr3_PDB_ins_code       ? 
_struct_conn.details                       ? 
_struct_conn.pdbx_dist_value               1.622 
_struct_conn.pdbx_value_order              ? 
_struct_conn.pdbx_role                     ? 
# 
_struct_conn_type.id          covale 
_struct_conn_type.criteria    ? 
_struct_conn_type.reference   ? 
# 
_pdbx_modification_feature.ordinal                            1 
_pdbx_modification_feature.label_comp_id                      3UB 
_pdbx_modification_feature.label_asym_id                      B 
_pdbx_modification_feature.label_seq_id                       . 
_pdbx_modification_feature.label_alt_id                       ? 
_pdbx_modification_feature.modified_residue_label_comp_id     SER 
_pdbx_modification_feature.modified_residue_label_asym_id     A 
_pdbx_modification_feature.modified_residue_label_seq_id      111 
_pdbx_modification_feature.modified_residue_label_alt_id      ? 
_pdbx_modification_feature.auth_comp_id                       3UB 
_pdbx_modification_feature.auth_asym_id                       A 
_pdbx_modification_feature.auth_seq_id                        301 
_pdbx_modification_feature.PDB_ins_code                       ? 
_pdbx_modification_feature.symmetry                           1_555 
_pdbx_modification_feature.modified_residue_auth_comp_id      SER 
_pdbx_modification_feature.modified_residue_auth_asym_id      A 
_pdbx_modification_feature.modified_residue_auth_seq_id       201 
_pdbx_modification_feature.modified_residue_PDB_ins_code      ? 
_pdbx_modification_feature.modified_residue_symmetry          1_555 
_pdbx_modification_feature.comp_id_linking_atom               P 
_pdbx_modification_feature.modified_residue_id_linking_atom   OG 
_pdbx_modification_feature.modified_residue_id                SER 
_pdbx_modification_feature.ref_pcm_id                         1 
_pdbx_modification_feature.ref_comp_id                        3UB 
_pdbx_modification_feature.type                               None 
_pdbx_modification_feature.category                           'Covalent chemical modification' 
# 
_struct_site.id                   AC1 
_struct_site.pdbx_evidence_code   Software 
_struct_site.pdbx_auth_asym_id    A 
_struct_site.pdbx_auth_comp_id    3UB 
_struct_site.pdbx_auth_seq_id     301 
_struct_site.pdbx_auth_ins_code   ? 
_struct_site.pdbx_num_residues    9 
_struct_site.details              'BINDING SITE FOR RESIDUE 3UB A 301' 
# 
loop_
_struct_site_gen.id 
_struct_site_gen.site_id 
_struct_site_gen.pdbx_num_res 
_struct_site_gen.label_comp_id 
_struct_site_gen.label_asym_id 
_struct_site_gen.label_seq_id 
_struct_site_gen.pdbx_auth_ins_code 
_struct_site_gen.auth_comp_id 
_struct_site_gen.auth_asym_id 
_struct_site_gen.auth_seq_id 
_struct_site_gen.label_atom_id 
_struct_site_gen.label_alt_id 
_struct_site_gen.symmetry 
_struct_site_gen.details 
1 AC1 9 MET A 59  ? MET A 149 . ? 1_555 ? 
2 AC1 9 HIS A 60  ? HIS A 150 . ? 1_555 ? 
3 AC1 9 PHE A 63  ? PHE A 153 . ? 1_555 ? 
4 AC1 9 ASN A 64  ? ASN A 154 . ? 1_555 ? 
5 AC1 9 GLY A 108 ? GLY A 198 . ? 1_555 ? 
6 AC1 9 GLY A 109 ? GLY A 199 . ? 1_555 ? 
7 AC1 9 SER A 111 ? SER A 201 . ? 1_555 ? 
8 AC1 9 PHE A 155 ? PHE A 245 . ? 1_555 ? 
9 AC1 9 HIS A 164 ? HIS A 254 . ? 1_555 ? 
# 
_pdbx_entry_details.entry_id                   3UBB 
_pdbx_entry_details.compound_details           ? 
_pdbx_entry_details.source_details             ? 
_pdbx_entry_details.nonpolymer_details         ? 
_pdbx_entry_details.sequence_details           ? 
_pdbx_entry_details.has_ligand_of_interest     ? 
_pdbx_entry_details.has_protein_modification   Y 
# 
_pdbx_validate_symm_contact.id                1 
_pdbx_validate_symm_contact.PDB_model_num     1 
_pdbx_validate_symm_contact.auth_atom_id_1    OE1 
_pdbx_validate_symm_contact.auth_asym_id_1    A 
_pdbx_validate_symm_contact.auth_comp_id_1    GLN 
_pdbx_validate_symm_contact.auth_seq_id_1     226 
_pdbx_validate_symm_contact.PDB_ins_code_1    ? 
_pdbx_validate_symm_contact.label_alt_id_1    ? 
_pdbx_validate_symm_contact.site_symmetry_1   1_555 
_pdbx_validate_symm_contact.auth_atom_id_2    O 
_pdbx_validate_symm_contact.auth_asym_id_2    A 
_pdbx_validate_symm_contact.auth_comp_id_2    HOH 
_pdbx_validate_symm_contact.auth_seq_id_2     411 
_pdbx_validate_symm_contact.PDB_ins_code_2    ? 
_pdbx_validate_symm_contact.label_alt_id_2    ? 
_pdbx_validate_symm_contact.site_symmetry_2   3_565 
_pdbx_validate_symm_contact.dist              2.08 
# 
loop_
_pdbx_validate_torsion.id 
_pdbx_validate_torsion.PDB_model_num 
_pdbx_validate_torsion.auth_comp_id 
_pdbx_validate_torsion.auth_asym_id 
_pdbx_validate_torsion.auth_seq_id 
_pdbx_validate_torsion.PDB_ins_code 
_pdbx_validate_torsion.label_alt_id 
_pdbx_validate_torsion.phi 
_pdbx_validate_torsion.psi 
1 1 PHE A 139 ? ? -131.95 -37.95  
2 1 ASP A 218 ? ? -152.60 71.55   
3 1 MET A 247 ? ? -90.95  -77.94  
4 1 MET A 249 ? ? -152.12 20.93   
5 1 ASN A 251 ? ? 75.54   -155.98 
6 1 SER A 269 ? ? -97.49  42.69   
# 
loop_
_pdbx_unobs_or_zero_occ_residues.id 
_pdbx_unobs_or_zero_occ_residues.PDB_model_num 
_pdbx_unobs_or_zero_occ_residues.polymer_flag 
_pdbx_unobs_or_zero_occ_residues.occupancy_flag 
_pdbx_unobs_or_zero_occ_residues.auth_asym_id 
_pdbx_unobs_or_zero_occ_residues.auth_comp_id 
_pdbx_unobs_or_zero_occ_residues.auth_seq_id 
_pdbx_unobs_or_zero_occ_residues.PDB_ins_code 
_pdbx_unobs_or_zero_occ_residues.label_asym_id 
_pdbx_unobs_or_zero_occ_residues.label_comp_id 
_pdbx_unobs_or_zero_occ_residues.label_seq_id 
1 1 Y 1 A GLU 91  ? A GLU 1   
2 1 Y 1 A ASN 271 ? A ASN 181 
3 1 Y 1 A ALA 272 ? A ALA 182 
# 
loop_
_chem_comp_atom.comp_id 
_chem_comp_atom.atom_id 
_chem_comp_atom.type_symbol 
_chem_comp_atom.pdbx_aromatic_flag 
_chem_comp_atom.pdbx_stereo_config 
_chem_comp_atom.pdbx_ordinal 
3UB O2P  O N N 1   
3UB P    P N N 2   
3UB C1   C N N 3   
3UB C2   C N N 4   
3UB C3   C N N 5   
3UB C4   C N R 6   
3UB C5   C N N 7   
3UB C6   C N N 8   
3UB C7   C N N 9   
3UB NC   N N N 10  
3UB O1C  O N N 11  
3UB O1P  O N N 12  
3UB O2C  O N N 13  
3UB O3P  O N N 14  
3UB C71  C Y N 15  
3UB C72  C Y N 16  
3UB C73  C Y N 17  
3UB C74  C Y N 18  
3UB C75  C Y N 19  
3UB C76  C Y N 20  
3UB H1   H N N 21  
3UB H2   H N N 22  
3UB H2A  H N N 23  
3UB H2B  H N N 24  
3UB H3   H N N 25  
3UB H3A  H N N 26  
3UB H3B  H N N 27  
3UB H4   H N N 28  
3UB H5   H N N 29  
3UB H5A  H N N 30  
3UB H5B  H N N 31  
3UB H7   H N N 32  
3UB H7A  H N N 33  
3UB HNC  H N N 34  
3UB HO3P H N N 35  
3UB H72  H N N 36  
3UB H73  H N N 37  
3UB H74  H N N 38  
3UB H75  H N N 39  
3UB H76  H N N 40  
ALA N    N N N 41  
ALA CA   C N S 42  
ALA C    C N N 43  
ALA O    O N N 44  
ALA CB   C N N 45  
ALA OXT  O N N 46  
ALA H    H N N 47  
ALA H2   H N N 48  
ALA HA   H N N 49  
ALA HB1  H N N 50  
ALA HB2  H N N 51  
ALA HB3  H N N 52  
ALA HXT  H N N 53  
ARG N    N N N 54  
ARG CA   C N S 55  
ARG C    C N N 56  
ARG O    O N N 57  
ARG CB   C N N 58  
ARG CG   C N N 59  
ARG CD   C N N 60  
ARG NE   N N N 61  
ARG CZ   C N N 62  
ARG NH1  N N N 63  
ARG NH2  N N N 64  
ARG OXT  O N N 65  
ARG H    H N N 66  
ARG H2   H N N 67  
ARG HA   H N N 68  
ARG HB2  H N N 69  
ARG HB3  H N N 70  
ARG HG2  H N N 71  
ARG HG3  H N N 72  
ARG HD2  H N N 73  
ARG HD3  H N N 74  
ARG HE   H N N 75  
ARG HH11 H N N 76  
ARG HH12 H N N 77  
ARG HH21 H N N 78  
ARG HH22 H N N 79  
ARG HXT  H N N 80  
ASN N    N N N 81  
ASN CA   C N S 82  
ASN C    C N N 83  
ASN O    O N N 84  
ASN CB   C N N 85  
ASN CG   C N N 86  
ASN OD1  O N N 87  
ASN ND2  N N N 88  
ASN OXT  O N N 89  
ASN H    H N N 90  
ASN H2   H N N 91  
ASN HA   H N N 92  
ASN HB2  H N N 93  
ASN HB3  H N N 94  
ASN HD21 H N N 95  
ASN HD22 H N N 96  
ASN HXT  H N N 97  
ASP N    N N N 98  
ASP CA   C N S 99  
ASP C    C N N 100 
ASP O    O N N 101 
ASP CB   C N N 102 
ASP CG   C N N 103 
ASP OD1  O N N 104 
ASP OD2  O N N 105 
ASP OXT  O N N 106 
ASP H    H N N 107 
ASP H2   H N N 108 
ASP HA   H N N 109 
ASP HB2  H N N 110 
ASP HB3  H N N 111 
ASP HD2  H N N 112 
ASP HXT  H N N 113 
CYS N    N N N 114 
CYS CA   C N R 115 
CYS C    C N N 116 
CYS O    O N N 117 
CYS CB   C N N 118 
CYS SG   S N N 119 
CYS OXT  O N N 120 
CYS H    H N N 121 
CYS H2   H N N 122 
CYS HA   H N N 123 
CYS HB2  H N N 124 
CYS HB3  H N N 125 
CYS HG   H N N 126 
CYS HXT  H N N 127 
GLN N    N N N 128 
GLN CA   C N S 129 
GLN C    C N N 130 
GLN O    O N N 131 
GLN CB   C N N 132 
GLN CG   C N N 133 
GLN CD   C N N 134 
GLN OE1  O N N 135 
GLN NE2  N N N 136 
GLN OXT  O N N 137 
GLN H    H N N 138 
GLN H2   H N N 139 
GLN HA   H N N 140 
GLN HB2  H N N 141 
GLN HB3  H N N 142 
GLN HG2  H N N 143 
GLN HG3  H N N 144 
GLN HE21 H N N 145 
GLN HE22 H N N 146 
GLN HXT  H N N 147 
GLU N    N N N 148 
GLU CA   C N S 149 
GLU C    C N N 150 
GLU O    O N N 151 
GLU CB   C N N 152 
GLU CG   C N N 153 
GLU CD   C N N 154 
GLU OE1  O N N 155 
GLU OE2  O N N 156 
GLU OXT  O N N 157 
GLU H    H N N 158 
GLU H2   H N N 159 
GLU HA   H N N 160 
GLU HB2  H N N 161 
GLU HB3  H N N 162 
GLU HG2  H N N 163 
GLU HG3  H N N 164 
GLU HE2  H N N 165 
GLU HXT  H N N 166 
GLY N    N N N 167 
GLY CA   C N N 168 
GLY C    C N N 169 
GLY O    O N N 170 
GLY OXT  O N N 171 
GLY H    H N N 172 
GLY H2   H N N 173 
GLY HA2  H N N 174 
GLY HA3  H N N 175 
GLY HXT  H N N 176 
HIS N    N N N 177 
HIS CA   C N S 178 
HIS C    C N N 179 
HIS O    O N N 180 
HIS CB   C N N 181 
HIS CG   C Y N 182 
HIS ND1  N Y N 183 
HIS CD2  C Y N 184 
HIS CE1  C Y N 185 
HIS NE2  N Y N 186 
HIS OXT  O N N 187 
HIS H    H N N 188 
HIS H2   H N N 189 
HIS HA   H N N 190 
HIS HB2  H N N 191 
HIS HB3  H N N 192 
HIS HD1  H N N 193 
HIS HD2  H N N 194 
HIS HE1  H N N 195 
HIS HE2  H N N 196 
HIS HXT  H N N 197 
HOH O    O N N 198 
HOH H1   H N N 199 
HOH H2   H N N 200 
ILE N    N N N 201 
ILE CA   C N S 202 
ILE C    C N N 203 
ILE O    O N N 204 
ILE CB   C N S 205 
ILE CG1  C N N 206 
ILE CG2  C N N 207 
ILE CD1  C N N 208 
ILE OXT  O N N 209 
ILE H    H N N 210 
ILE H2   H N N 211 
ILE HA   H N N 212 
ILE HB   H N N 213 
ILE HG12 H N N 214 
ILE HG13 H N N 215 
ILE HG21 H N N 216 
ILE HG22 H N N 217 
ILE HG23 H N N 218 
ILE HD11 H N N 219 
ILE HD12 H N N 220 
ILE HD13 H N N 221 
ILE HXT  H N N 222 
LEU N    N N N 223 
LEU CA   C N S 224 
LEU C    C N N 225 
LEU O    O N N 226 
LEU CB   C N N 227 
LEU CG   C N N 228 
LEU CD1  C N N 229 
LEU CD2  C N N 230 
LEU OXT  O N N 231 
LEU H    H N N 232 
LEU H2   H N N 233 
LEU HA   H N N 234 
LEU HB2  H N N 235 
LEU HB3  H N N 236 
LEU HG   H N N 237 
LEU HD11 H N N 238 
LEU HD12 H N N 239 
LEU HD13 H N N 240 
LEU HD21 H N N 241 
LEU HD22 H N N 242 
LEU HD23 H N N 243 
LEU HXT  H N N 244 
LYS N    N N N 245 
LYS CA   C N S 246 
LYS C    C N N 247 
LYS O    O N N 248 
LYS CB   C N N 249 
LYS CG   C N N 250 
LYS CD   C N N 251 
LYS CE   C N N 252 
LYS NZ   N N N 253 
LYS OXT  O N N 254 
LYS H    H N N 255 
LYS H2   H N N 256 
LYS HA   H N N 257 
LYS HB2  H N N 258 
LYS HB3  H N N 259 
LYS HG2  H N N 260 
LYS HG3  H N N 261 
LYS HD2  H N N 262 
LYS HD3  H N N 263 
LYS HE2  H N N 264 
LYS HE3  H N N 265 
LYS HZ1  H N N 266 
LYS HZ2  H N N 267 
LYS HZ3  H N N 268 
LYS HXT  H N N 269 
MET N    N N N 270 
MET CA   C N S 271 
MET C    C N N 272 
MET O    O N N 273 
MET CB   C N N 274 
MET CG   C N N 275 
MET SD   S N N 276 
MET CE   C N N 277 
MET OXT  O N N 278 
MET H    H N N 279 
MET H2   H N N 280 
MET HA   H N N 281 
MET HB2  H N N 282 
MET HB3  H N N 283 
MET HG2  H N N 284 
MET HG3  H N N 285 
MET HE1  H N N 286 
MET HE2  H N N 287 
MET HE3  H N N 288 
MET HXT  H N N 289 
PHE N    N N N 290 
PHE CA   C N S 291 
PHE C    C N N 292 
PHE O    O N N 293 
PHE CB   C N N 294 
PHE CG   C Y N 295 
PHE CD1  C Y N 296 
PHE CD2  C Y N 297 
PHE CE1  C Y N 298 
PHE CE2  C Y N 299 
PHE CZ   C Y N 300 
PHE OXT  O N N 301 
PHE H    H N N 302 
PHE H2   H N N 303 
PHE HA   H N N 304 
PHE HB2  H N N 305 
PHE HB3  H N N 306 
PHE HD1  H N N 307 
PHE HD2  H N N 308 
PHE HE1  H N N 309 
PHE HE2  H N N 310 
PHE HZ   H N N 311 
PHE HXT  H N N 312 
PRO N    N N N 313 
PRO CA   C N S 314 
PRO C    C N N 315 
PRO O    O N N 316 
PRO CB   C N N 317 
PRO CG   C N N 318 
PRO CD   C N N 319 
PRO OXT  O N N 320 
PRO H    H N N 321 
PRO HA   H N N 322 
PRO HB2  H N N 323 
PRO HB3  H N N 324 
PRO HG2  H N N 325 
PRO HG3  H N N 326 
PRO HD2  H N N 327 
PRO HD3  H N N 328 
PRO HXT  H N N 329 
SER N    N N N 330 
SER CA   C N S 331 
SER C    C N N 332 
SER O    O N N 333 
SER CB   C N N 334 
SER OG   O N N 335 
SER OXT  O N N 336 
SER H    H N N 337 
SER H2   H N N 338 
SER HA   H N N 339 
SER HB2  H N N 340 
SER HB3  H N N 341 
SER HG   H N N 342 
SER HXT  H N N 343 
THR N    N N N 344 
THR CA   C N S 345 
THR C    C N N 346 
THR O    O N N 347 
THR CB   C N R 348 
THR OG1  O N N 349 
THR CG2  C N N 350 
THR OXT  O N N 351 
THR H    H N N 352 
THR H2   H N N 353 
THR HA   H N N 354 
THR HB   H N N 355 
THR HG1  H N N 356 
THR HG21 H N N 357 
THR HG22 H N N 358 
THR HG23 H N N 359 
THR HXT  H N N 360 
TRP N    N N N 361 
TRP CA   C N S 362 
TRP C    C N N 363 
TRP O    O N N 364 
TRP CB   C N N 365 
TRP CG   C Y N 366 
TRP CD1  C Y N 367 
TRP CD2  C Y N 368 
TRP NE1  N Y N 369 
TRP CE2  C Y N 370 
TRP CE3  C Y N 371 
TRP CZ2  C Y N 372 
TRP CZ3  C Y N 373 
TRP CH2  C Y N 374 
TRP OXT  O N N 375 
TRP H    H N N 376 
TRP H2   H N N 377 
TRP HA   H N N 378 
TRP HB2  H N N 379 
TRP HB3  H N N 380 
TRP HD1  H N N 381 
TRP HE1  H N N 382 
TRP HE3  H N N 383 
TRP HZ2  H N N 384 
TRP HZ3  H N N 385 
TRP HH2  H N N 386 
TRP HXT  H N N 387 
TYR N    N N N 388 
TYR CA   C N S 389 
TYR C    C N N 390 
TYR O    O N N 391 
TYR CB   C N N 392 
TYR CG   C Y N 393 
TYR CD1  C Y N 394 
TYR CD2  C Y N 395 
TYR CE1  C Y N 396 
TYR CE2  C Y N 397 
TYR CZ   C Y N 398 
TYR OH   O N N 399 
TYR OXT  O N N 400 
TYR H    H N N 401 
TYR H2   H N N 402 
TYR HA   H N N 403 
TYR HB2  H N N 404 
TYR HB3  H N N 405 
TYR HD1  H N N 406 
TYR HD2  H N N 407 
TYR HE1  H N N 408 
TYR HE2  H N N 409 
TYR HH   H N N 410 
TYR HXT  H N N 411 
VAL N    N N N 412 
VAL CA   C N S 413 
VAL C    C N N 414 
VAL O    O N N 415 
VAL CB   C N N 416 
VAL CG1  C N N 417 
VAL CG2  C N N 418 
VAL OXT  O N N 419 
VAL H    H N N 420 
VAL H2   H N N 421 
VAL HA   H N N 422 
VAL HB   H N N 423 
VAL HG11 H N N 424 
VAL HG12 H N N 425 
VAL HG13 H N N 426 
VAL HG21 H N N 427 
VAL HG22 H N N 428 
VAL HG23 H N N 429 
VAL HXT  H N N 430 
# 
loop_
_chem_comp_bond.comp_id 
_chem_comp_bond.atom_id_1 
_chem_comp_bond.atom_id_2 
_chem_comp_bond.value_order 
_chem_comp_bond.pdbx_aromatic_flag 
_chem_comp_bond.pdbx_stereo_config 
_chem_comp_bond.pdbx_ordinal 
3UB P   O2P  doub N N 1   
3UB P   O3P  sing N N 2   
3UB C1  C3   sing N N 3   
3UB C2  C1   sing N N 4   
3UB C4  P    sing N N 5   
3UB C4  NC   sing N N 6   
3UB C5  C4   sing N N 7   
3UB C6  O2C  sing N N 8   
3UB NC  C6   sing N N 9   
3UB O1C C6   doub N N 10  
3UB O1P P    sing N N 11  
3UB O1P C1   sing N N 12  
3UB O2C C7   sing N N 13  
3UB C71 C7   sing N N 14  
3UB C71 C72  sing Y N 15  
3UB C73 C72  doub Y N 16  
3UB C74 C73  sing Y N 17  
3UB C75 C74  doub Y N 18  
3UB C75 C76  sing Y N 19  
3UB C76 C71  doub Y N 20  
3UB C1  H1   sing N N 21  
3UB C2  H2   sing N N 22  
3UB C2  H2A  sing N N 23  
3UB C2  H2B  sing N N 24  
3UB C3  H3   sing N N 25  
3UB C3  H3A  sing N N 26  
3UB C3  H3B  sing N N 27  
3UB C4  H4   sing N N 28  
3UB C5  H5   sing N N 29  
3UB C5  H5A  sing N N 30  
3UB C5  H5B  sing N N 31  
3UB C7  H7   sing N N 32  
3UB C7  H7A  sing N N 33  
3UB NC  HNC  sing N N 34  
3UB O3P HO3P sing N N 35  
3UB C72 H72  sing N N 36  
3UB C73 H73  sing N N 37  
3UB C74 H74  sing N N 38  
3UB C75 H75  sing N N 39  
3UB C76 H76  sing N N 40  
ALA N   CA   sing N N 41  
ALA N   H    sing N N 42  
ALA N   H2   sing N N 43  
ALA CA  C    sing N N 44  
ALA CA  CB   sing N N 45  
ALA CA  HA   sing N N 46  
ALA C   O    doub N N 47  
ALA C   OXT  sing N N 48  
ALA CB  HB1  sing N N 49  
ALA CB  HB2  sing N N 50  
ALA CB  HB3  sing N N 51  
ALA OXT HXT  sing N N 52  
ARG N   CA   sing N N 53  
ARG N   H    sing N N 54  
ARG N   H2   sing N N 55  
ARG CA  C    sing N N 56  
ARG CA  CB   sing N N 57  
ARG CA  HA   sing N N 58  
ARG C   O    doub N N 59  
ARG C   OXT  sing N N 60  
ARG CB  CG   sing N N 61  
ARG CB  HB2  sing N N 62  
ARG CB  HB3  sing N N 63  
ARG CG  CD   sing N N 64  
ARG CG  HG2  sing N N 65  
ARG CG  HG3  sing N N 66  
ARG CD  NE   sing N N 67  
ARG CD  HD2  sing N N 68  
ARG CD  HD3  sing N N 69  
ARG NE  CZ   sing N N 70  
ARG NE  HE   sing N N 71  
ARG CZ  NH1  sing N N 72  
ARG CZ  NH2  doub N N 73  
ARG NH1 HH11 sing N N 74  
ARG NH1 HH12 sing N N 75  
ARG NH2 HH21 sing N N 76  
ARG NH2 HH22 sing N N 77  
ARG OXT HXT  sing N N 78  
ASN N   CA   sing N N 79  
ASN N   H    sing N N 80  
ASN N   H2   sing N N 81  
ASN CA  C    sing N N 82  
ASN CA  CB   sing N N 83  
ASN CA  HA   sing N N 84  
ASN C   O    doub N N 85  
ASN C   OXT  sing N N 86  
ASN CB  CG   sing N N 87  
ASN CB  HB2  sing N N 88  
ASN CB  HB3  sing N N 89  
ASN CG  OD1  doub N N 90  
ASN CG  ND2  sing N N 91  
ASN ND2 HD21 sing N N 92  
ASN ND2 HD22 sing N N 93  
ASN OXT HXT  sing N N 94  
ASP N   CA   sing N N 95  
ASP N   H    sing N N 96  
ASP N   H2   sing N N 97  
ASP CA  C    sing N N 98  
ASP CA  CB   sing N N 99  
ASP CA  HA   sing N N 100 
ASP C   O    doub N N 101 
ASP C   OXT  sing N N 102 
ASP CB  CG   sing N N 103 
ASP CB  HB2  sing N N 104 
ASP CB  HB3  sing N N 105 
ASP CG  OD1  doub N N 106 
ASP CG  OD2  sing N N 107 
ASP OD2 HD2  sing N N 108 
ASP OXT HXT  sing N N 109 
CYS N   CA   sing N N 110 
CYS N   H    sing N N 111 
CYS N   H2   sing N N 112 
CYS CA  C    sing N N 113 
CYS CA  CB   sing N N 114 
CYS CA  HA   sing N N 115 
CYS C   O    doub N N 116 
CYS C   OXT  sing N N 117 
CYS CB  SG   sing N N 118 
CYS CB  HB2  sing N N 119 
CYS CB  HB3  sing N N 120 
CYS SG  HG   sing N N 121 
CYS OXT HXT  sing N N 122 
GLN N   CA   sing N N 123 
GLN N   H    sing N N 124 
GLN N   H2   sing N N 125 
GLN CA  C    sing N N 126 
GLN CA  CB   sing N N 127 
GLN CA  HA   sing N N 128 
GLN C   O    doub N N 129 
GLN C   OXT  sing N N 130 
GLN CB  CG   sing N N 131 
GLN CB  HB2  sing N N 132 
GLN CB  HB3  sing N N 133 
GLN CG  CD   sing N N 134 
GLN CG  HG2  sing N N 135 
GLN CG  HG3  sing N N 136 
GLN CD  OE1  doub N N 137 
GLN CD  NE2  sing N N 138 
GLN NE2 HE21 sing N N 139 
GLN NE2 HE22 sing N N 140 
GLN OXT HXT  sing N N 141 
GLU N   CA   sing N N 142 
GLU N   H    sing N N 143 
GLU N   H2   sing N N 144 
GLU CA  C    sing N N 145 
GLU CA  CB   sing N N 146 
GLU CA  HA   sing N N 147 
GLU C   O    doub N N 148 
GLU C   OXT  sing N N 149 
GLU CB  CG   sing N N 150 
GLU CB  HB2  sing N N 151 
GLU CB  HB3  sing N N 152 
GLU CG  CD   sing N N 153 
GLU CG  HG2  sing N N 154 
GLU CG  HG3  sing N N 155 
GLU CD  OE1  doub N N 156 
GLU CD  OE2  sing N N 157 
GLU OE2 HE2  sing N N 158 
GLU OXT HXT  sing N N 159 
GLY N   CA   sing N N 160 
GLY N   H    sing N N 161 
GLY N   H2   sing N N 162 
GLY CA  C    sing N N 163 
GLY CA  HA2  sing N N 164 
GLY CA  HA3  sing N N 165 
GLY C   O    doub N N 166 
GLY C   OXT  sing N N 167 
GLY OXT HXT  sing N N 168 
HIS N   CA   sing N N 169 
HIS N   H    sing N N 170 
HIS N   H2   sing N N 171 
HIS CA  C    sing N N 172 
HIS CA  CB   sing N N 173 
HIS CA  HA   sing N N 174 
HIS C   O    doub N N 175 
HIS C   OXT  sing N N 176 
HIS CB  CG   sing N N 177 
HIS CB  HB2  sing N N 178 
HIS CB  HB3  sing N N 179 
HIS CG  ND1  sing Y N 180 
HIS CG  CD2  doub Y N 181 
HIS ND1 CE1  doub Y N 182 
HIS ND1 HD1  sing N N 183 
HIS CD2 NE2  sing Y N 184 
HIS CD2 HD2  sing N N 185 
HIS CE1 NE2  sing Y N 186 
HIS CE1 HE1  sing N N 187 
HIS NE2 HE2  sing N N 188 
HIS OXT HXT  sing N N 189 
HOH O   H1   sing N N 190 
HOH O   H2   sing N N 191 
ILE N   CA   sing N N 192 
ILE N   H    sing N N 193 
ILE N   H2   sing N N 194 
ILE CA  C    sing N N 195 
ILE CA  CB   sing N N 196 
ILE CA  HA   sing N N 197 
ILE C   O    doub N N 198 
ILE C   OXT  sing N N 199 
ILE CB  CG1  sing N N 200 
ILE CB  CG2  sing N N 201 
ILE CB  HB   sing N N 202 
ILE CG1 CD1  sing N N 203 
ILE CG1 HG12 sing N N 204 
ILE CG1 HG13 sing N N 205 
ILE CG2 HG21 sing N N 206 
ILE CG2 HG22 sing N N 207 
ILE CG2 HG23 sing N N 208 
ILE CD1 HD11 sing N N 209 
ILE CD1 HD12 sing N N 210 
ILE CD1 HD13 sing N N 211 
ILE OXT HXT  sing N N 212 
LEU N   CA   sing N N 213 
LEU N   H    sing N N 214 
LEU N   H2   sing N N 215 
LEU CA  C    sing N N 216 
LEU CA  CB   sing N N 217 
LEU CA  HA   sing N N 218 
LEU C   O    doub N N 219 
LEU C   OXT  sing N N 220 
LEU CB  CG   sing N N 221 
LEU CB  HB2  sing N N 222 
LEU CB  HB3  sing N N 223 
LEU CG  CD1  sing N N 224 
LEU CG  CD2  sing N N 225 
LEU CG  HG   sing N N 226 
LEU CD1 HD11 sing N N 227 
LEU CD1 HD12 sing N N 228 
LEU CD1 HD13 sing N N 229 
LEU CD2 HD21 sing N N 230 
LEU CD2 HD22 sing N N 231 
LEU CD2 HD23 sing N N 232 
LEU OXT HXT  sing N N 233 
LYS N   CA   sing N N 234 
LYS N   H    sing N N 235 
LYS N   H2   sing N N 236 
LYS CA  C    sing N N 237 
LYS CA  CB   sing N N 238 
LYS CA  HA   sing N N 239 
LYS C   O    doub N N 240 
LYS C   OXT  sing N N 241 
LYS CB  CG   sing N N 242 
LYS CB  HB2  sing N N 243 
LYS CB  HB3  sing N N 244 
LYS CG  CD   sing N N 245 
LYS CG  HG2  sing N N 246 
LYS CG  HG3  sing N N 247 
LYS CD  CE   sing N N 248 
LYS CD  HD2  sing N N 249 
LYS CD  HD3  sing N N 250 
LYS CE  NZ   sing N N 251 
LYS CE  HE2  sing N N 252 
LYS CE  HE3  sing N N 253 
LYS NZ  HZ1  sing N N 254 
LYS NZ  HZ2  sing N N 255 
LYS NZ  HZ3  sing N N 256 
LYS OXT HXT  sing N N 257 
MET N   CA   sing N N 258 
MET N   H    sing N N 259 
MET N   H2   sing N N 260 
MET CA  C    sing N N 261 
MET CA  CB   sing N N 262 
MET CA  HA   sing N N 263 
MET C   O    doub N N 264 
MET C   OXT  sing N N 265 
MET CB  CG   sing N N 266 
MET CB  HB2  sing N N 267 
MET CB  HB3  sing N N 268 
MET CG  SD   sing N N 269 
MET CG  HG2  sing N N 270 
MET CG  HG3  sing N N 271 
MET SD  CE   sing N N 272 
MET CE  HE1  sing N N 273 
MET CE  HE2  sing N N 274 
MET CE  HE3  sing N N 275 
MET OXT HXT  sing N N 276 
PHE N   CA   sing N N 277 
PHE N   H    sing N N 278 
PHE N   H2   sing N N 279 
PHE CA  C    sing N N 280 
PHE CA  CB   sing N N 281 
PHE CA  HA   sing N N 282 
PHE C   O    doub N N 283 
PHE C   OXT  sing N N 284 
PHE CB  CG   sing N N 285 
PHE CB  HB2  sing N N 286 
PHE CB  HB3  sing N N 287 
PHE CG  CD1  doub Y N 288 
PHE CG  CD2  sing Y N 289 
PHE CD1 CE1  sing Y N 290 
PHE CD1 HD1  sing N N 291 
PHE CD2 CE2  doub Y N 292 
PHE CD2 HD2  sing N N 293 
PHE CE1 CZ   doub Y N 294 
PHE CE1 HE1  sing N N 295 
PHE CE2 CZ   sing Y N 296 
PHE CE2 HE2  sing N N 297 
PHE CZ  HZ   sing N N 298 
PHE OXT HXT  sing N N 299 
PRO N   CA   sing N N 300 
PRO N   CD   sing N N 301 
PRO N   H    sing N N 302 
PRO CA  C    sing N N 303 
PRO CA  CB   sing N N 304 
PRO CA  HA   sing N N 305 
PRO C   O    doub N N 306 
PRO C   OXT  sing N N 307 
PRO CB  CG   sing N N 308 
PRO CB  HB2  sing N N 309 
PRO CB  HB3  sing N N 310 
PRO CG  CD   sing N N 311 
PRO CG  HG2  sing N N 312 
PRO CG  HG3  sing N N 313 
PRO CD  HD2  sing N N 314 
PRO CD  HD3  sing N N 315 
PRO OXT HXT  sing N N 316 
SER N   CA   sing N N 317 
SER N   H    sing N N 318 
SER N   H2   sing N N 319 
SER CA  C    sing N N 320 
SER CA  CB   sing N N 321 
SER CA  HA   sing N N 322 
SER C   O    doub N N 323 
SER C   OXT  sing N N 324 
SER CB  OG   sing N N 325 
SER CB  HB2  sing N N 326 
SER CB  HB3  sing N N 327 
SER OG  HG   sing N N 328 
SER OXT HXT  sing N N 329 
THR N   CA   sing N N 330 
THR N   H    sing N N 331 
THR N   H2   sing N N 332 
THR CA  C    sing N N 333 
THR CA  CB   sing N N 334 
THR CA  HA   sing N N 335 
THR C   O    doub N N 336 
THR C   OXT  sing N N 337 
THR CB  OG1  sing N N 338 
THR CB  CG2  sing N N 339 
THR CB  HB   sing N N 340 
THR OG1 HG1  sing N N 341 
THR CG2 HG21 sing N N 342 
THR CG2 HG22 sing N N 343 
THR CG2 HG23 sing N N 344 
THR OXT HXT  sing N N 345 
TRP N   CA   sing N N 346 
TRP N   H    sing N N 347 
TRP N   H2   sing N N 348 
TRP CA  C    sing N N 349 
TRP CA  CB   sing N N 350 
TRP CA  HA   sing N N 351 
TRP C   O    doub N N 352 
TRP C   OXT  sing N N 353 
TRP CB  CG   sing N N 354 
TRP CB  HB2  sing N N 355 
TRP CB  HB3  sing N N 356 
TRP CG  CD1  doub Y N 357 
TRP CG  CD2  sing Y N 358 
TRP CD1 NE1  sing Y N 359 
TRP CD1 HD1  sing N N 360 
TRP CD2 CE2  doub Y N 361 
TRP CD2 CE3  sing Y N 362 
TRP NE1 CE2  sing Y N 363 
TRP NE1 HE1  sing N N 364 
TRP CE2 CZ2  sing Y N 365 
TRP CE3 CZ3  doub Y N 366 
TRP CE3 HE3  sing N N 367 
TRP CZ2 CH2  doub Y N 368 
TRP CZ2 HZ2  sing N N 369 
TRP CZ3 CH2  sing Y N 370 
TRP CZ3 HZ3  sing N N 371 
TRP CH2 HH2  sing N N 372 
TRP OXT HXT  sing N N 373 
TYR N   CA   sing N N 374 
TYR N   H    sing N N 375 
TYR N   H2   sing N N 376 
TYR CA  C    sing N N 377 
TYR CA  CB   sing N N 378 
TYR CA  HA   sing N N 379 
TYR C   O    doub N N 380 
TYR C   OXT  sing N N 381 
TYR CB  CG   sing N N 382 
TYR CB  HB2  sing N N 383 
TYR CB  HB3  sing N N 384 
TYR CG  CD1  doub Y N 385 
TYR CG  CD2  sing Y N 386 
TYR CD1 CE1  sing Y N 387 
TYR CD1 HD1  sing N N 388 
TYR CD2 CE2  doub Y N 389 
TYR CD2 HD2  sing N N 390 
TYR CE1 CZ   doub Y N 391 
TYR CE1 HE1  sing N N 392 
TYR CE2 CZ   sing Y N 393 
TYR CE2 HE2  sing N N 394 
TYR CZ  OH   sing N N 395 
TYR OH  HH   sing N N 396 
TYR OXT HXT  sing N N 397 
VAL N   CA   sing N N 398 
VAL N   H    sing N N 399 
VAL N   H2   sing N N 400 
VAL CA  C    sing N N 401 
VAL CA  CB   sing N N 402 
VAL CA  HA   sing N N 403 
VAL C   O    doub N N 404 
VAL C   OXT  sing N N 405 
VAL CB  CG1  sing N N 406 
VAL CB  CG2  sing N N 407 
VAL CB  HB   sing N N 408 
VAL CG1 HG11 sing N N 409 
VAL CG1 HG12 sing N N 410 
VAL CG1 HG13 sing N N 411 
VAL CG2 HG21 sing N N 412 
VAL CG2 HG22 sing N N 413 
VAL CG2 HG23 sing N N 414 
VAL OXT HXT  sing N N 415 
# 
_atom_sites.entry_id                    3UBB 
_atom_sites.fract_transf_matrix[1][1]   -0.00240155 
_atom_sites.fract_transf_matrix[1][2]   0.00507468 
_atom_sites.fract_transf_matrix[1][3]   0.00867807 
_atom_sites.fract_transf_matrix[2][1]   0.00660080 
_atom_sites.fract_transf_matrix[2][2]   0.00690616 
_atom_sites.fract_transf_matrix[2][3]   0.00394292 
_atom_sites.fract_transf_matrix[3][1]   -0.00354311 
_atom_sites.fract_transf_matrix[3][2]   0.00592408 
_atom_sites.fract_transf_matrix[3][3]   -0.00444474 
_atom_sites.fract_transf_vector[1]      0.250162 
_atom_sites.fract_transf_vector[2]      0.468240 
_atom_sites.fract_transf_vector[3]      0.323346 
# 
loop_
_atom_type.symbol 
C 
N 
O 
P 
S 
# 
loop_
_atom_site.group_PDB 
_atom_site.id 
_atom_site.type_symbol 
_atom_site.label_atom_id 
_atom_site.label_alt_id 
_atom_site.label_comp_id 
_atom_site.label_asym_id 
_atom_site.label_entity_id 
_atom_site.label_seq_id 
_atom_site.pdbx_PDB_ins_code 
_atom_site.Cartn_x 
_atom_site.Cartn_y 
_atom_site.Cartn_z 
_atom_site.occupancy 
_atom_site.B_iso_or_equiv 
_atom_site.pdbx_formal_charge 
_atom_site.auth_seq_id 
_atom_site.auth_comp_id 
_atom_site.auth_asym_id 
_atom_site.auth_atom_id 
_atom_site.pdbx_PDB_model_num 
ATOM   1    N N   . ARG A 1 2   ? -5.953  21.081  -0.023  1.00 76.01  ? 92  ARG A N   1 
ATOM   2    C CA  . ARG A 1 2   ? -5.755  19.973  0.911   1.00 80.93  ? 92  ARG A CA  1 
ATOM   3    C C   . ARG A 1 2   ? -6.000  18.605  0.251   1.00 82.34  ? 92  ARG A C   1 
ATOM   4    O O   . ARG A 1 2   ? -6.328  18.529  -0.933  1.00 85.53  ? 92  ARG A O   1 
ATOM   5    C CB  . ARG A 1 2   ? -6.661  20.141  2.130   1.00 75.86  ? 92  ARG A CB  1 
ATOM   6    C CG  . ARG A 1 2   ? -8.122  19.934  1.815   1.00 77.62  ? 92  ARG A CG  1 
ATOM   7    C CD  . ARG A 1 2   ? -9.005  20.239  3.009   1.00 81.58  ? 92  ARG A CD  1 
ATOM   8    N NE  . ARG A 1 2   ? -10.383 19.806  2.770   1.00 86.76  ? 92  ARG A NE  1 
ATOM   9    C CZ  . ARG A 1 2   ? -11.326 19.749  3.705   1.00 85.92  ? 92  ARG A CZ  1 
ATOM   10   N NH1 . ARG A 1 2   ? -11.049 20.101  4.960   1.00 80.82  ? 92  ARG A NH1 1 
ATOM   11   N NH2 . ARG A 1 2   ? -12.547 19.336  3.381   1.00 86.66  ? 92  ARG A NH2 1 
ATOM   12   N N   . ALA A 1 3   ? -5.834  17.530  1.018   1.00 78.63  ? 93  ALA A N   1 
ATOM   13   C CA  . ALA A 1 3   ? -5.997  16.174  0.486   1.00 76.95  ? 93  ALA A CA  1 
ATOM   14   C C   . ALA A 1 3   ? -7.445  15.691  0.592   1.00 73.64  ? 93  ALA A C   1 
ATOM   15   O O   . ALA A 1 3   ? -8.138  15.972  1.579   1.00 73.57  ? 93  ALA A O   1 
ATOM   16   C CB  . ALA A 1 3   ? -5.055  15.201  1.197   1.00 68.26  ? 93  ALA A CB  1 
ATOM   17   N N   . GLY A 1 4   ? -7.895  14.949  -0.419  1.00 64.66  ? 94  GLY A N   1 
ATOM   18   C CA  . GLY A 1 4   ? -9.272  14.488  -0.460  1.00 61.48  ? 94  GLY A CA  1 
ATOM   19   C C   . GLY A 1 4   ? -9.662  13.577  0.695   1.00 62.84  ? 94  GLY A C   1 
ATOM   20   O O   . GLY A 1 4   ? -8.817  13.210  1.519   1.00 62.55  ? 94  GLY A O   1 
ATOM   21   N N   . PRO A 1 5   ? -10.955 13.212  0.773   1.00 59.48  ? 95  PRO A N   1 
ATOM   22   C CA  . PRO A 1 5   ? -11.455 12.388  1.876   1.00 57.35  ? 95  PRO A CA  1 
ATOM   23   C C   . PRO A 1 5   ? -10.828 10.992  1.947   1.00 55.16  ? 95  PRO A C   1 
ATOM   24   O O   . PRO A 1 5   ? -10.559 10.540  3.060   1.00 56.20  ? 95  PRO A O   1 
ATOM   25   C CB  . PRO A 1 5   ? -12.960 12.290  1.581   1.00 57.53  ? 95  PRO A CB  1 
ATOM   26   C CG  . PRO A 1 5   ? -13.078 12.540  0.121   1.00 52.26  ? 95  PRO A CG  1 
ATOM   27   C CD  . PRO A 1 5   ? -12.039 13.580  -0.156  1.00 58.43  ? 95  PRO A CD  1 
ATOM   28   N N   . VAL A 1 6   ? -10.610 10.325  0.812   1.00 50.49  ? 96  VAL A N   1 
ATOM   29   C CA  . VAL A 1 6   ? -10.023 8.980   0.838   1.00 53.57  ? 96  VAL A CA  1 
ATOM   30   C C   . VAL A 1 6   ? -8.581  8.981   1.343   1.00 53.57  ? 96  VAL A C   1 
ATOM   31   O O   . VAL A 1 6   ? -8.201  8.148   2.180   1.00 47.99  ? 96  VAL A O   1 
ATOM   32   C CB  . VAL A 1 6   ? -10.016 8.305   -0.537  1.00 52.84  ? 96  VAL A CB  1 
ATOM   33   C CG1 . VAL A 1 6   ? -9.547  6.868   -0.385  1.00 48.27  ? 96  VAL A CG1 1 
ATOM   34   C CG2 . VAL A 1 6   ? -11.382 8.352   -1.169  1.00 52.06  ? 96  VAL A CG2 1 
ATOM   35   N N   . THR A 1 7   ? -7.781  9.906   0.807   1.00 54.79  ? 97  THR A N   1 
ATOM   36   C CA  . THR A 1 7   ? -6.407  10.094  1.256   1.00 52.12  ? 97  THR A CA  1 
ATOM   37   C C   . THR A 1 7   ? -6.405  10.353  2.752   1.00 51.38  ? 97  THR A C   1 
ATOM   38   O O   . THR A 1 7   ? -5.665  9.726   3.502   1.00 52.51  ? 97  THR A O   1 
ATOM   39   C CB  . THR A 1 7   ? -5.754  11.270  0.540   1.00 51.35  ? 97  THR A CB  1 
ATOM   40   O OG1 . THR A 1 7   ? -5.870  11.083  -0.872  1.00 53.21  ? 97  THR A OG1 1 
ATOM   41   C CG2 . THR A 1 7   ? -4.295  11.352  0.887   1.00 54.57  ? 97  THR A CG2 1 
ATOM   42   N N   . TRP A 1 8   ? -7.279  11.255  3.173   1.00 54.22  ? 98  TRP A N   1 
ATOM   43   C CA  . TRP A 1 8   ? -7.407  11.662  4.564   1.00 52.87  ? 98  TRP A CA  1 
ATOM   44   C C   . TRP A 1 8   ? -7.785  10.502  5.476   1.00 55.44  ? 98  TRP A C   1 
ATOM   45   O O   . TRP A 1 8   ? -7.110  10.226  6.477   1.00 58.37  ? 98  TRP A O   1 
ATOM   46   C CB  . TRP A 1 8   ? -8.456  12.767  4.640   1.00 55.84  ? 98  TRP A CB  1 
ATOM   47   C CG  . TRP A 1 8   ? -8.811  13.261  6.010   1.00 62.81  ? 98  TRP A CG  1 
ATOM   48   C CD1 . TRP A 1 8   ? -10.072 13.349  6.546   1.00 65.58  ? 98  TRP A CD1 1 
ATOM   49   C CD2 . TRP A 1 8   ? -7.919  13.768  7.011   1.00 63.52  ? 98  TRP A CD2 1 
ATOM   50   N NE1 . TRP A 1 8   ? -10.016 13.872  7.814   1.00 64.76  ? 98  TRP A NE1 1 
ATOM   51   C CE2 . TRP A 1 8   ? -8.709  14.141  8.128   1.00 68.89  ? 98  TRP A CE2 1 
ATOM   52   C CE3 . TRP A 1 8   ? -6.533  13.944  7.078   1.00 61.23  ? 98  TRP A CE3 1 
ATOM   53   C CZ2 . TRP A 1 8   ? -8.155  14.669  9.300   1.00 68.08  ? 98  TRP A CZ2 1 
ATOM   54   C CZ3 . TRP A 1 8   ? -5.984  14.476  8.240   1.00 64.49  ? 98  TRP A CZ3 1 
ATOM   55   C CH2 . TRP A 1 8   ? -6.795  14.832  9.335   1.00 67.98  ? 98  TRP A CH2 1 
ATOM   56   N N   . VAL A 1 9   ? -8.870  9.824   5.131   1.00 52.57  ? 99  VAL A N   1 
ATOM   57   C CA  . VAL A 1 9   ? -9.379  8.733   5.957   1.00 56.07  ? 99  VAL A CA  1 
ATOM   58   C C   . VAL A 1 9   ? -8.378  7.569   6.121   1.00 54.42  ? 99  VAL A C   1 
ATOM   59   O O   . VAL A 1 9   ? -8.237  7.020   7.221   1.00 51.82  ? 99  VAL A O   1 
ATOM   60   C CB  . VAL A 1 9   ? -10.751 8.222   5.433   1.00 56.98  ? 99  VAL A CB  1 
ATOM   61   C CG1 . VAL A 1 9   ? -11.130 6.929   6.109   1.00 55.15  ? 99  VAL A CG1 1 
ATOM   62   C CG2 . VAL A 1 9   ? -11.814 9.267   5.689   1.00 58.99  ? 99  VAL A CG2 1 
ATOM   63   N N   . MET A 1 10  ? -7.689  7.201   5.040   1.00 48.02  ? 100 MET A N   1 
ATOM   64   C CA  . MET A 1 10  ? -6.646  6.187   5.140   1.00 49.79  ? 100 MET A CA  1 
ATOM   65   C C   . MET A 1 10  ? -5.538  6.580   6.135   1.00 47.36  ? 100 MET A C   1 
ATOM   66   O O   . MET A 1 10  ? -5.013  5.728   6.869   1.00 44.29  ? 100 MET A O   1 
ATOM   67   C CB  . MET A 1 10  ? -6.048  5.882   3.771   1.00 50.39  ? 100 MET A CB  1 
ATOM   68   C CG  . MET A 1 10  ? -4.777  5.034   3.827   1.00 47.11  ? 100 MET A CG  1 
ATOM   69   S SD  . MET A 1 10  ? -5.104  3.350   4.392   1.00 52.41  ? 100 MET A SD  1 
ATOM   70   C CE  . MET A 1 10  ? -6.013  2.720   2.970   1.00 42.69  ? 100 MET A CE  1 
ATOM   71   N N   . MET A 1 11  ? -5.202  7.866   6.168   1.00 46.40  ? 101 MET A N   1 
ATOM   72   C CA  . MET A 1 11  ? -4.172  8.354   7.089   1.00 50.43  ? 101 MET A CA  1 
ATOM   73   C C   . MET A 1 11  ? -4.642  8.271   8.528   1.00 50.03  ? 101 MET A C   1 
ATOM   74   O O   . MET A 1 11  ? -3.910  7.825   9.406   1.00 50.74  ? 101 MET A O   1 
ATOM   75   C CB  . MET A 1 11  ? -3.737  9.785   6.746   1.00 47.97  ? 101 MET A CB  1 
ATOM   76   C CG  . MET A 1 11  ? -2.923  9.873   5.463   1.00 49.23  ? 101 MET A CG  1 
ATOM   77   S SD  . MET A 1 11  ? -2.302  11.515  5.092   1.00 50.71  ? 101 MET A SD  1 
ATOM   78   C CE  . MET A 1 11  ? -3.740  12.192  4.298   1.00 50.76  ? 101 MET A CE  1 
ATOM   79   N N   . ILE A 1 12  ? -5.875  8.686   8.769   1.00 49.96  ? 102 ILE A N   1 
ATOM   80   C CA  . ILE A 1 12  ? -6.412  8.623   10.122  1.00 53.75  ? 102 ILE A CA  1 
ATOM   81   C C   . ILE A 1 12  ? -6.421  7.192   10.638  1.00 50.79  ? 102 ILE A C   1 
ATOM   82   O O   . ILE A 1 12  ? -5.955  6.918   11.750  1.00 50.53  ? 102 ILE A O   1 
ATOM   83   C CB  . ILE A 1 12  ? -7.838  9.184   10.185  1.00 56.37  ? 102 ILE A CB  1 
ATOM   84   C CG1 . ILE A 1 12  ? -7.820  10.696  9.963   1.00 59.80  ? 102 ILE A CG1 1 
ATOM   85   C CG2 . ILE A 1 12  ? -8.469  8.865   11.519  1.00 54.95  ? 102 ILE A CG2 1 
ATOM   86   C CD1 . ILE A 1 12  ? -9.204  11.294  9.829   1.00 63.73  ? 102 ILE A CD1 1 
ATOM   87   N N   . ALA A 1 13  ? -6.943  6.292   9.808   1.00 49.14  ? 103 ALA A N   1 
ATOM   88   C CA  . ALA A 1 13  ? -7.093  4.886   10.162  1.00 49.08  ? 103 ALA A CA  1 
ATOM   89   C C   . ALA A 1 13  ? -5.761  4.243   10.521  1.00 49.35  ? 103 ALA A C   1 
ATOM   90   O O   . ALA A 1 13  ? -5.693  3.483   11.485  1.00 51.22  ? 103 ALA A O   1 
ATOM   91   C CB  . ALA A 1 13  ? -7.771  4.122   9.028   1.00 47.35  ? 103 ALA A CB  1 
ATOM   92   N N   . CYS A 1 14  ? -4.704  4.548   9.767   1.00 45.15  ? 104 CYS A N   1 
ATOM   93   C CA  . CYS A 1 14  ? -3.389  3.955   10.042  1.00 48.50  ? 104 CYS A CA  1 
ATOM   94   C C   . CYS A 1 14  ? -2.828  4.488   11.358  1.00 48.76  ? 104 CYS A C   1 
ATOM   95   O O   . CYS A 1 14  ? -2.095  3.790   12.065  1.00 49.27  ? 104 CYS A O   1 
ATOM   96   C CB  . CYS A 1 14  ? -2.376  4.258   8.928   1.00 43.66  ? 104 CYS A CB  1 
ATOM   97   S SG  . CYS A 1 14  ? -2.675  3.478   7.339   1.00 47.09  ? 104 CYS A SG  1 
ATOM   98   N N   . VAL A 1 15  ? -3.147  5.741   11.661  1.00 44.84  ? 105 VAL A N   1 
ATOM   99   C CA  . VAL A 1 15  ? -2.676  6.368   12.887  1.00 48.87  ? 105 VAL A CA  1 
ATOM   100  C C   . VAL A 1 15  ? -3.419  5.790   14.079  1.00 49.86  ? 105 VAL A C   1 
ATOM   101  O O   . VAL A 1 15  ? -2.806  5.361   15.057  1.00 49.35  ? 105 VAL A O   1 
ATOM   102  C CB  . VAL A 1 15  ? -2.852  7.901   12.847  1.00 50.58  ? 105 VAL A CB  1 
ATOM   103  C CG1 . VAL A 1 15  ? -2.606  8.508   14.217  1.00 47.96  ? 105 VAL A CG1 1 
ATOM   104  C CG2 . VAL A 1 15  ? -1.910  8.506   11.826  1.00 46.02  ? 105 VAL A CG2 1 
ATOM   105  N N   . VAL A 1 16  ? -4.744  5.765   13.984  1.00 47.70  ? 106 VAL A N   1 
ATOM   106  C CA  . VAL A 1 16  ? -5.556  5.150   15.016  1.00 49.85  ? 106 VAL A CA  1 
ATOM   107  C C   . VAL A 1 16  ? -5.098  3.716   15.299  1.00 51.59  ? 106 VAL A C   1 
ATOM   108  O O   . VAL A 1 16  ? -4.835  3.362   16.450  1.00 52.15  ? 106 VAL A O   1 
ATOM   109  C CB  . VAL A 1 16  ? -7.047  5.181   14.648  1.00 52.86  ? 106 VAL A CB  1 
ATOM   110  C CG1 . VAL A 1 16  ? -7.830  4.182   15.510  1.00 48.79  ? 106 VAL A CG1 1 
ATOM   111  C CG2 . VAL A 1 16  ? -7.587  6.605   14.808  1.00 50.89  ? 106 VAL A CG2 1 
ATOM   112  N N   . VAL A 1 17  ? -4.976  2.907   14.248  1.00 49.28  ? 107 VAL A N   1 
ATOM   113  C CA  . VAL A 1 17  ? -4.477  1.543   14.388  1.00 49.12  ? 107 VAL A CA  1 
ATOM   114  C C   . VAL A 1 17  ? -3.077  1.517   15.015  1.00 50.26  ? 107 VAL A C   1 
ATOM   115  O O   . VAL A 1 17  ? -2.805  0.724   15.928  1.00 48.71  ? 107 VAL A O   1 
ATOM   116  C CB  . VAL A 1 17  ? -4.434  0.822   13.033  1.00 46.04  ? 107 VAL A CB  1 
ATOM   117  C CG1 . VAL A 1 17  ? -3.567  -0.448  13.125  1.00 40.79  ? 107 VAL A CG1 1 
ATOM   118  C CG2 . VAL A 1 17  ? -5.857  0.516   12.549  1.00 46.45  ? 107 VAL A CG2 1 
ATOM   119  N N   . PHE A 1 18  ? -2.198  2.391   14.537  1.00 45.99  ? 108 PHE A N   1 
ATOM   120  C CA  . PHE A 1 18  ? -0.853  2.476   15.091  1.00 47.17  ? 108 PHE A CA  1 
ATOM   121  C C   . PHE A 1 18  ? -0.880  2.803   16.590  1.00 49.61  ? 108 PHE A C   1 
ATOM   122  O O   . PHE A 1 18  ? -0.074  2.282   17.373  1.00 46.14  ? 108 PHE A O   1 
ATOM   123  C CB  . PHE A 1 18  ? -0.028  3.515   14.335  1.00 48.05  ? 108 PHE A CB  1 
ATOM   124  C CG  . PHE A 1 18  ? 1.439   3.495   14.678  1.00 49.80  ? 108 PHE A CG  1 
ATOM   125  C CD1 . PHE A 1 18  ? 2.262   2.485   14.201  1.00 43.83  ? 108 PHE A CD1 1 
ATOM   126  C CD2 . PHE A 1 18  ? 2.000   4.493   15.473  1.00 45.62  ? 108 PHE A CD2 1 
ATOM   127  C CE1 . PHE A 1 18  ? 3.599   2.464   14.509  1.00 44.75  ? 108 PHE A CE1 1 
ATOM   128  C CE2 . PHE A 1 18  ? 3.351   4.475   15.779  1.00 41.69  ? 108 PHE A CE2 1 
ATOM   129  C CZ  . PHE A 1 18  ? 4.148   3.461   15.308  1.00 44.00  ? 108 PHE A CZ  1 
ATOM   130  N N   . ILE A 1 19  ? -1.811  3.660   16.990  1.00 47.64  ? 109 ILE A N   1 
ATOM   131  C CA  . ILE A 1 19  ? -1.955  3.966   18.398  1.00 49.58  ? 109 ILE A CA  1 
ATOM   132  C C   . ILE A 1 19  ? -2.302  2.716   19.184  1.00 50.95  ? 109 ILE A C   1 
ATOM   133  O O   . ILE A 1 19  ? -1.651  2.408   20.188  1.00 49.78  ? 109 ILE A O   1 
ATOM   134  C CB  . ILE A 1 19  ? -3.019  5.034   18.650  1.00 53.33  ? 109 ILE A CB  1 
ATOM   135  C CG1 . ILE A 1 19  ? -2.549  6.377   18.077  1.00 54.12  ? 109 ILE A CG1 1 
ATOM   136  C CG2 . ILE A 1 19  ? -3.269  5.171   20.154  1.00 48.16  ? 109 ILE A CG2 1 
ATOM   137  C CD1 . ILE A 1 19  ? -3.554  7.497   18.229  1.00 53.17  ? 109 ILE A CD1 1 
ATOM   138  N N   . ALA A 1 20  ? -3.320  1.999   18.706  1.00 54.05  ? 110 ALA A N   1 
ATOM   139  C CA  . ALA A 1 20  ? -3.775  0.741   19.314  1.00 51.66  ? 110 ALA A CA  1 
ATOM   140  C C   . ALA A 1 20  ? -2.634  -0.254  19.492  1.00 54.49  ? 110 ALA A C   1 
ATOM   141  O O   . ALA A 1 20  ? -2.543  -0.924  20.519  1.00 59.71  ? 110 ALA A O   1 
ATOM   142  C CB  . ALA A 1 20  ? -4.898  0.123   18.493  1.00 44.78  ? 110 ALA A CB  1 
ATOM   143  N N   . MET A 1 21  ? -1.755  -0.343  18.502  1.00 50.33  ? 111 MET A N   1 
ATOM   144  C CA  . MET A 1 21  ? -0.614  -1.237  18.606  1.00 54.01  ? 111 MET A CA  1 
ATOM   145  C C   . MET A 1 21  ? 0.377   -0.819  19.709  1.00 52.66  ? 111 MET A C   1 
ATOM   146  O O   . MET A 1 21  ? 1.130   -1.643  20.224  1.00 52.06  ? 111 MET A O   1 
ATOM   147  C CB  . MET A 1 21  ? 0.095   -1.372  17.241  1.00 48.80  ? 111 MET A CB  1 
ATOM   148  C CG  . MET A 1 21  ? -0.816  -1.929  16.125  1.00 50.74  ? 111 MET A CG  1 
ATOM   149  S SD  . MET A 1 21  ? -0.104  -1.982  14.461  1.00 45.88  ? 111 MET A SD  1 
ATOM   150  C CE  . MET A 1 21  ? 0.995   -3.388  14.500  1.00 39.70  ? 111 MET A CE  1 
ATOM   151  N N   . GLN A 1 22  ? 0.406   0.461   20.053  1.00 54.74  ? 112 GLN A N   1 
ATOM   152  C CA  . GLN A 1 22  ? 1.352   0.925   21.069  1.00 53.52  ? 112 GLN A CA  1 
ATOM   153  C C   . GLN A 1 22  ? 0.778   0.579   22.435  1.00 57.51  ? 112 GLN A C   1 
ATOM   154  O O   . GLN A 1 22  ? 1.476   0.059   23.317  1.00 53.40  ? 112 GLN A O   1 
ATOM   155  C CB  . GLN A 1 22  ? 1.597   2.429   20.956  1.00 50.18  ? 112 GLN A CB  1 
ATOM   156  C CG  . GLN A 1 22  ? 2.158   2.875   19.606  1.00 50.02  ? 112 GLN A CG  1 
ATOM   157  C CD  . GLN A 1 22  ? 3.143   1.881   19.014  1.00 50.75  ? 112 GLN A CD  1 
ATOM   158  O OE1 . GLN A 1 22  ? 4.204   1.626   19.586  1.00 55.09  ? 112 GLN A OE1 1 
ATOM   159  N NE2 . GLN A 1 22  ? 2.797   1.316   17.855  1.00 50.60  ? 112 GLN A NE2 1 
ATOM   160  N N   . ILE A 1 23  ? -0.516  0.840   22.579  1.00 53.78  ? 113 ILE A N   1 
ATOM   161  C CA  . ILE A 1 23  ? -1.235  0.491   23.790  1.00 55.58  ? 113 ILE A CA  1 
ATOM   162  C C   . ILE A 1 23  ? -1.310  -1.031  23.992  1.00 63.98  ? 113 ILE A C   1 
ATOM   163  O O   . ILE A 1 23  ? -0.765  -1.550  24.973  1.00 68.61  ? 113 ILE A O   1 
ATOM   164  C CB  . ILE A 1 23  ? -2.629  1.160   23.822  1.00 60.36  ? 113 ILE A CB  1 
ATOM   165  C CG1 . ILE A 1 23  ? -2.473  2.685   23.943  1.00 57.65  ? 113 ILE A CG1 1 
ATOM   166  C CG2 . ILE A 1 23  ? -3.459  0.637   24.986  1.00 61.09  ? 113 ILE A CG2 1 
ATOM   167  C CD1 . ILE A 1 23  ? -3.709  3.475   23.547  1.00 54.99  ? 113 ILE A CD1 1 
ATOM   168  N N   . LEU A 1 24  ? -1.929  -1.748  23.050  1.00 65.36  ? 114 LEU A N   1 
ATOM   169  C CA  . LEU A 1 24  ? -2.174  -3.196  23.194  1.00 55.45  ? 114 LEU A CA  1 
ATOM   170  C C   . LEU A 1 24  ? -1.031  -4.143  22.784  1.00 57.77  ? 114 LEU A C   1 
ATOM   171  O O   . LEU A 1 24  ? -1.082  -5.348  23.075  1.00 63.22  ? 114 LEU A O   1 
ATOM   172  C CB  . LEU A 1 24  ? -3.425  -3.581  22.412  1.00 54.52  ? 114 LEU A CB  1 
ATOM   173  C CG  . LEU A 1 24  ? -4.671  -2.733  22.666  1.00 68.63  ? 114 LEU A CG  1 
ATOM   174  C CD1 . LEU A 1 24  ? -5.726  -2.966  21.572  1.00 61.79  ? 114 LEU A CD1 1 
ATOM   175  C CD2 . LEU A 1 24  ? -5.249  -3.028  24.059  1.00 67.41  ? 114 LEU A CD2 1 
ATOM   176  N N   . GLY A 1 25  ? -0.019  -3.622  22.094  1.00 53.99  ? 115 GLY A N   1 
ATOM   177  C CA  . GLY A 1 25  ? 0.989   -4.478  21.490  1.00 47.64  ? 115 GLY A CA  1 
ATOM   178  C C   . GLY A 1 25  ? 0.575   -4.960  20.103  1.00 50.96  ? 115 GLY A C   1 
ATOM   179  O O   . GLY A 1 25  ? -0.606  -4.991  19.742  1.00 48.69  ? 115 GLY A O   1 
ATOM   180  N N   . ASP A 1 26  ? 1.567   -5.343  19.315  1.00 52.74  ? 116 ASP A N   1 
ATOM   181  C CA  . ASP A 1 26  ? 1.359   -5.712  17.921  1.00 51.77  ? 116 ASP A CA  1 
ATOM   182  C C   . ASP A 1 26  ? 0.501   -6.973  17.724  1.00 60.09  ? 116 ASP A C   1 
ATOM   183  O O   . ASP A 1 26  ? -0.426  -6.981  16.906  1.00 62.76  ? 116 ASP A O   1 
ATOM   184  C CB  . ASP A 1 26  ? 2.711   -5.909  17.248  1.00 45.68  ? 116 ASP A CB  1 
ATOM   185  C CG  . ASP A 1 26  ? 3.492   -4.616  17.109  1.00 45.14  ? 116 ASP A CG  1 
ATOM   186  O OD1 . ASP A 1 26  ? 2.919   -3.514  17.302  1.00 45.60  ? 116 ASP A OD1 1 
ATOM   187  O OD2 . ASP A 1 26  ? 4.686   -4.706  16.765  1.00 47.73  ? 116 ASP A OD2 1 
ATOM   188  N N   . GLN A 1 27  ? 0.831   -8.024  18.476  1.00 60.83  ? 117 GLN A N   1 
ATOM   189  C CA  . GLN A 1 27  ? 0.190   -9.335  18.387  1.00 57.31  ? 117 GLN A CA  1 
ATOM   190  C C   . GLN A 1 27  ? -1.314  -9.271  18.605  1.00 57.23  ? 117 GLN A C   1 
ATOM   191  O O   . GLN A 1 27  ? -2.093  -9.948  17.935  1.00 58.32  ? 117 GLN A O   1 
ATOM   192  C CB  . GLN A 1 27  ? 0.796   -10.261 19.437  1.00 57.97  ? 117 GLN A CB  1 
ATOM   193  C CG  . GLN A 1 27  ? 2.296   -10.476 19.291  1.00 63.98  ? 117 GLN A CG  1 
ATOM   194  C CD  . GLN A 1 27  ? 3.137   -9.568  20.190  1.00 68.62  ? 117 GLN A CD  1 
ATOM   195  O OE1 . GLN A 1 27  ? 2.750   -8.435  20.524  1.00 62.98  ? 117 GLN A OE1 1 
ATOM   196  N NE2 . GLN A 1 27  ? 4.303   -10.076 20.596  1.00 77.64  ? 117 GLN A NE2 1 
ATOM   197  N N   . GLU A 1 28  ? -1.714  -8.459  19.563  1.00 52.94  ? 118 GLU A N   1 
ATOM   198  C CA  . GLU A 1 28  ? -3.111  -8.353  19.911  1.00 54.54  ? 118 GLU A CA  1 
ATOM   199  C C   . GLU A 1 28  ? -3.903  -7.696  18.781  1.00 58.02  ? 118 GLU A C   1 
ATOM   200  O O   . GLU A 1 28  ? -5.037  -8.084  18.500  1.00 57.88  ? 118 GLU A O   1 
ATOM   201  C CB  . GLU A 1 28  ? -3.258  -7.569  21.223  1.00 51.96  ? 118 GLU A CB  1 
ATOM   202  C CG  . GLU A 1 28  ? -4.689  -7.385  21.663  1.00 58.20  ? 118 GLU A CG  1 
ATOM   203  C CD  . GLU A 1 28  ? -5.462  -8.702  21.778  1.00 59.81  ? 118 GLU A CD  1 
ATOM   204  O OE1 . GLU A 1 28  ? -4.866  -9.755  22.133  1.00 57.47  ? 118 GLU A OE1 1 
ATOM   205  O OE2 . GLU A 1 28  ? -6.680  -8.670  21.512  1.00 62.08  ? 118 GLU A OE2 1 
ATOM   206  N N   . VAL A 1 29  ? -3.304  -6.695  18.133  1.00 60.46  ? 119 VAL A N   1 
ATOM   207  C CA  . VAL A 1 29  ? -3.978  -5.993  17.041  1.00 58.15  ? 119 VAL A CA  1 
ATOM   208  C C   . VAL A 1 29  ? -3.943  -6.859  15.776  1.00 56.56  ? 119 VAL A C   1 
ATOM   209  O O   . VAL A 1 29  ? -4.902  -6.881  14.997  1.00 55.04  ? 119 VAL A O   1 
ATOM   210  C CB  . VAL A 1 29  ? -3.379  -4.578  16.787  1.00 57.70  ? 119 VAL A CB  1 
ATOM   211  C CG1 . VAL A 1 29  ? -4.075  -3.887  15.599  1.00 50.09  ? 119 VAL A CG1 1 
ATOM   212  C CG2 . VAL A 1 29  ? -3.497  -3.709  18.048  1.00 53.62  ? 119 VAL A CG2 1 
ATOM   213  N N   . MET A 1 30  ? -2.845  -7.587  15.591  1.00 51.18  ? 120 MET A N   1 
ATOM   214  C CA  . MET A 1 30  ? -2.738  -8.511  14.479  1.00 51.78  ? 120 MET A CA  1 
ATOM   215  C C   . MET A 1 30  ? -3.823  -9.550  14.587  1.00 56.73  ? 120 MET A C   1 
ATOM   216  O O   . MET A 1 30  ? -4.378  -9.998  13.587  1.00 57.68  ? 120 MET A O   1 
ATOM   217  C CB  . MET A 1 30  ? -1.379  -9.191  14.466  1.00 55.78  ? 120 MET A CB  1 
ATOM   218  C CG  . MET A 1 30  ? -0.251  -8.254  14.065  1.00 61.39  ? 120 MET A CG  1 
ATOM   219  S SD  . MET A 1 30  ? 1.059   -9.081  13.144  1.00 74.95  ? 120 MET A SD  1 
ATOM   220  C CE  . MET A 1 30  ? 2.115   -9.639  14.481  1.00 62.21  ? 120 MET A CE  1 
ATOM   221  N N   . LEU A 1 31  ? -4.138  -9.910  15.826  1.00 59.57  ? 121 LEU A N   1 
ATOM   222  C CA  . LEU A 1 31  ? -5.136  -10.918 16.119  1.00 55.65  ? 121 LEU A CA  1 
ATOM   223  C C   . LEU A 1 31  ? -6.463  -10.519 15.490  1.00 56.03  ? 121 LEU A C   1 
ATOM   224  O O   . LEU A 1 31  ? -7.212  -11.366 15.014  1.00 56.91  ? 121 LEU A O   1 
ATOM   225  C CB  . LEU A 1 31  ? -5.272  -11.045 17.631  1.00 59.75  ? 121 LEU A CB  1 
ATOM   226  C CG  . LEU A 1 31  ? -5.793  -12.329 18.257  1.00 56.51  ? 121 LEU A CG  1 
ATOM   227  C CD1 . LEU A 1 31  ? -4.834  -13.477 17.962  1.00 52.24  ? 121 LEU A CD1 1 
ATOM   228  C CD2 . LEU A 1 31  ? -5.979  -12.104 19.755  1.00 50.53  ? 121 LEU A CD2 1 
ATOM   229  N N   . TRP A 1 32  ? -6.733  -9.220  15.450  1.00 58.12  ? 122 TRP A N   1 
ATOM   230  C CA  . TRP A 1 32  ? -7.989  -8.724  14.888  1.00 57.52  ? 122 TRP A CA  1 
ATOM   231  C C   . TRP A 1 32  ? -7.928  -8.265  13.423  1.00 56.07  ? 122 TRP A C   1 
ATOM   232  O O   . TRP A 1 32  ? -8.945  -8.270  12.722  1.00 53.63  ? 122 TRP A O   1 
ATOM   233  C CB  . TRP A 1 32  ? -8.552  -7.622  15.784  1.00 55.59  ? 122 TRP A CB  1 
ATOM   234  C CG  . TRP A 1 32  ? -9.106  -8.217  17.026  1.00 71.91  ? 122 TRP A CG  1 
ATOM   235  C CD1 . TRP A 1 32  ? -8.528  -8.234  18.265  1.00 70.53  ? 122 TRP A CD1 1 
ATOM   236  C CD2 . TRP A 1 32  ? -10.333 -8.957  17.140  1.00 76.02  ? 122 TRP A CD2 1 
ATOM   237  N NE1 . TRP A 1 32  ? -9.335  -8.915  19.149  1.00 71.25  ? 122 TRP A NE1 1 
ATOM   238  C CE2 . TRP A 1 32  ? -10.446 -9.370  18.484  1.00 78.23  ? 122 TRP A CE2 1 
ATOM   239  C CE3 . TRP A 1 32  ? -11.353 -9.299  16.237  1.00 74.65  ? 122 TRP A CE3 1 
ATOM   240  C CZ2 . TRP A 1 32  ? -11.544 -10.110 18.950  1.00 87.67  ? 122 TRP A CZ2 1 
ATOM   241  C CZ3 . TRP A 1 32  ? -12.440 -10.036 16.700  1.00 78.39  ? 122 TRP A CZ3 1 
ATOM   242  C CH2 . TRP A 1 32  ? -12.527 -10.431 18.043  1.00 83.68  ? 122 TRP A CH2 1 
ATOM   243  N N   . LEU A 1 33  ? -6.745  -7.879  12.955  1.00 49.49  ? 123 LEU A N   1 
ATOM   244  C CA  . LEU A 1 33  ? -6.668  -7.222  11.661  1.00 48.32  ? 123 LEU A CA  1 
ATOM   245  C C   . LEU A 1 33  ? -5.884  -7.996  10.614  1.00 47.69  ? 123 LEU A C   1 
ATOM   246  O O   . LEU A 1 33  ? -5.938  -7.665  9.427   1.00 49.11  ? 123 LEU A O   1 
ATOM   247  C CB  . LEU A 1 33  ? -6.107  -5.803  11.806  1.00 48.36  ? 123 LEU A CB  1 
ATOM   248  C CG  . LEU A 1 33  ? -6.913  -4.823  12.669  1.00 48.88  ? 123 LEU A CG  1 
ATOM   249  C CD1 . LEU A 1 33  ? -6.315  -3.403  12.596  1.00 47.00  ? 123 LEU A CD1 1 
ATOM   250  C CD2 . LEU A 1 33  ? -8.380  -4.811  12.281  1.00 44.53  ? 123 LEU A CD2 1 
ATOM   251  N N   . ALA A 1 34  ? -5.143  -9.013  11.038  1.00 44.57  ? 124 ALA A N   1 
ATOM   252  C CA  . ALA A 1 34  ? -4.296  -9.725  10.091  1.00 49.31  ? 124 ALA A CA  1 
ATOM   253  C C   . ALA A 1 34  ? -5.112  -10.556 9.110   1.00 47.44  ? 124 ALA A C   1 
ATOM   254  O O   . ALA A 1 34  ? -6.256  -10.905 9.379   1.00 46.72  ? 124 ALA A O   1 
ATOM   255  C CB  . ALA A 1 34  ? -3.274  -10.608 10.816  1.00 46.02  ? 124 ALA A CB  1 
ATOM   256  N N   . TRP A 1 35  ? -4.497  -10.850 7.971   1.00 41.89  ? 125 TRP A N   1 
ATOM   257  C CA  . TRP A 1 35  ? -4.953  -11.884 7.081   1.00 45.43  ? 125 TRP A CA  1 
ATOM   258  C C   . TRP A 1 35  ? -5.317  -13.136 7.897   1.00 50.02  ? 125 TRP A C   1 
ATOM   259  O O   . TRP A 1 35  ? -4.620  -13.483 8.833   1.00 48.50  ? 125 TRP A O   1 
ATOM   260  C CB  . TRP A 1 35  ? -3.816  -12.208 6.131   1.00 46.64  ? 125 TRP A CB  1 
ATOM   261  C CG  . TRP A 1 35  ? -4.211  -12.992 4.928   1.00 47.26  ? 125 TRP A CG  1 
ATOM   262  C CD1 . TRP A 1 35  ? -4.306  -14.344 4.830   1.00 46.17  ? 125 TRP A CD1 1 
ATOM   263  C CD2 . TRP A 1 35  ? -4.539  -12.470 3.635   1.00 46.43  ? 125 TRP A CD2 1 
ATOM   264  N NE1 . TRP A 1 35  ? -4.684  -14.700 3.558   1.00 48.04  ? 125 TRP A NE1 1 
ATOM   265  C CE2 . TRP A 1 35  ? -4.838  -13.566 2.806   1.00 49.62  ? 125 TRP A CE2 1 
ATOM   266  C CE3 . TRP A 1 35  ? -4.609  -11.181 3.097   1.00 44.36  ? 125 TRP A CE3 1 
ATOM   267  C CZ2 . TRP A 1 35  ? -5.197  -13.413 1.468   1.00 49.45  ? 125 TRP A CZ2 1 
ATOM   268  C CZ3 . TRP A 1 35  ? -4.969  -11.030 1.773   1.00 46.03  ? 125 TRP A CZ3 1 
ATOM   269  C CH2 . TRP A 1 35  ? -5.266  -12.137 0.973   1.00 46.48  ? 125 TRP A CH2 1 
ATOM   270  N N   . PRO A 1 36  ? -6.423  -13.814 7.545   1.00 55.81  ? 126 PRO A N   1 
ATOM   271  C CA  . PRO A 1 36  ? -6.822  -15.044 8.246   1.00 54.95  ? 126 PRO A CA  1 
ATOM   272  C C   . PRO A 1 36  ? -5.660  -16.011 8.439   1.00 52.78  ? 126 PRO A C   1 
ATOM   273  O O   . PRO A 1 36  ? -4.930  -16.318 7.491   1.00 52.60  ? 126 PRO A O   1 
ATOM   274  C CB  . PRO A 1 36  ? -7.861  -15.652 7.305   1.00 51.32  ? 126 PRO A CB  1 
ATOM   275  C CG  . PRO A 1 36  ? -8.477  -14.465 6.649   1.00 53.60  ? 126 PRO A CG  1 
ATOM   276  C CD  . PRO A 1 36  ? -7.353  -13.484 6.446   1.00 51.12  ? 126 PRO A CD  1 
ATOM   277  N N   . PHE A 1 37  ? -5.480  -16.454 9.680   1.00 55.84  ? 127 PHE A N   1 
ATOM   278  C CA  . PHE A 1 37  ? -4.338  -17.287 10.065  1.00 58.33  ? 127 PHE A CA  1 
ATOM   279  C C   . PHE A 1 37  ? -4.859  -18.598 10.628  1.00 61.11  ? 127 PHE A C   1 
ATOM   280  O O   . PHE A 1 37  ? -4.080  -19.436 11.101  1.00 61.98  ? 127 PHE A O   1 
ATOM   281  C CB  . PHE A 1 37  ? -3.448  -16.574 11.099  1.00 53.36  ? 127 PHE A CB  1 
ATOM   282  C CG  . PHE A 1 37  ? -4.218  -15.923 12.222  1.00 54.84  ? 127 PHE A CG  1 
ATOM   283  C CD1 . PHE A 1 37  ? -4.626  -16.660 13.330  1.00 54.62  ? 127 PHE A CD1 1 
ATOM   284  C CD2 . PHE A 1 37  ? -4.526  -14.573 12.173  1.00 51.87  ? 127 PHE A CD2 1 
ATOM   285  C CE1 . PHE A 1 37  ? -5.332  -16.058 14.363  1.00 50.81  ? 127 PHE A CE1 1 
ATOM   286  C CE2 . PHE A 1 37  ? -5.225  -13.967 13.194  1.00 52.65  ? 127 PHE A CE2 1 
ATOM   287  C CZ  . PHE A 1 37  ? -5.628  -14.710 14.295  1.00 52.84  ? 127 PHE A CZ  1 
ATOM   288  N N   . ASP A 1 38  ? -6.185  -18.739 10.575  1.00 57.30  ? 128 ASP A N   1 
ATOM   289  C CA  . ASP A 1 38  ? -6.898  -19.951 10.945  1.00 59.56  ? 128 ASP A CA  1 
ATOM   290  C C   . ASP A 1 38  ? -8.207  -20.032 10.157  1.00 63.82  ? 128 ASP A C   1 
ATOM   291  O O   . ASP A 1 38  ? -8.873  -19.013 9.948   1.00 58.38  ? 128 ASP A O   1 
ATOM   292  C CB  . ASP A 1 38  ? -7.207  -19.960 12.442  1.00 61.39  ? 128 ASP A CB  1 
ATOM   293  C CG  . ASP A 1 38  ? -7.758  -21.295 12.912  1.00 69.58  ? 128 ASP A CG  1 
ATOM   294  O OD1 . ASP A 1 38  ? -6.950  -22.231 13.123  1.00 69.93  ? 128 ASP A OD1 1 
ATOM   295  O OD2 . ASP A 1 38  ? -8.997  -21.410 13.059  1.00 71.17  ? 128 ASP A OD2 1 
ATOM   296  N N   . PRO A 1 39  ? -8.589  -21.252 9.728   1.00 70.42  ? 129 PRO A N   1 
ATOM   297  C CA  . PRO A 1 39  ? -9.836  -21.496 8.988   1.00 63.46  ? 129 PRO A CA  1 
ATOM   298  C C   . PRO A 1 39  ? -11.103 -20.863 9.570   1.00 60.82  ? 129 PRO A C   1 
ATOM   299  O O   . PRO A 1 39  ? -11.973 -20.484 8.797   1.00 61.33  ? 129 PRO A O   1 
ATOM   300  C CB  . PRO A 1 39  ? -9.934  -23.020 8.990   1.00 59.38  ? 129 PRO A CB  1 
ATOM   301  C CG  . PRO A 1 39  ? -8.522  -23.439 8.866   1.00 63.91  ? 129 PRO A CG  1 
ATOM   302  C CD  . PRO A 1 39  ? -7.749  -22.463 9.757   1.00 67.39  ? 129 PRO A CD  1 
ATOM   303  N N   . THR A 1 40  ? -11.219 -20.726 10.882  1.00 59.38  ? 130 THR A N   1 
ATOM   304  C CA  . THR A 1 40  ? -12.450 -20.169 11.432  1.00 60.11  ? 130 THR A CA  1 
ATOM   305  C C   . THR A 1 40  ? -12.594 -18.667 11.129  1.00 63.48  ? 130 THR A C   1 
ATOM   306  O O   . THR A 1 40  ? -13.682 -18.093 11.244  1.00 63.55  ? 130 THR A O   1 
ATOM   307  C CB  . THR A 1 40  ? -12.607 -20.477 12.949  1.00 63.07  ? 130 THR A CB  1 
ATOM   308  O OG1 . THR A 1 40  ? -11.800 -19.587 13.723  1.00 65.45  ? 130 THR A OG1 1 
ATOM   309  C CG2 . THR A 1 40  ? -12.191 -21.913 13.251  1.00 63.90  ? 130 THR A CG2 1 
ATOM   310  N N   . LEU A 1 41  ? -11.496 -18.040 10.716  1.00 62.53  ? 131 LEU A N   1 
ATOM   311  C CA  . LEU A 1 41  ? -11.466 -16.596 10.496  1.00 59.92  ? 131 LEU A CA  1 
ATOM   312  C C   . LEU A 1 41  ? -11.684 -16.218 9.019   1.00 60.35  ? 131 LEU A C   1 
ATOM   313  O O   . LEU A 1 41  ? -11.693 -15.035 8.652   1.00 57.06  ? 131 LEU A O   1 
ATOM   314  C CB  . LEU A 1 41  ? -10.127 -16.051 10.983  1.00 57.05  ? 131 LEU A CB  1 
ATOM   315  C CG  . LEU A 1 41  ? -9.721  -16.412 12.420  1.00 58.51  ? 131 LEU A CG  1 
ATOM   316  C CD1 . LEU A 1 41  ? -8.415  -15.767 12.747  1.00 53.26  ? 131 LEU A CD1 1 
ATOM   317  C CD2 . LEU A 1 41  ? -10.768 -15.998 13.438  1.00 53.79  ? 131 LEU A CD2 1 
ATOM   318  N N   . LYS A 1 42  ? -11.875 -17.239 8.187   1.00 60.20  ? 132 LYS A N   1 
ATOM   319  C CA  . LYS A 1 42  ? -11.856 -17.095 6.735   1.00 56.22  ? 132 LYS A CA  1 
ATOM   320  C C   . LYS A 1 42  ? -12.983 -16.223 6.193   1.00 58.16  ? 132 LYS A C   1 
ATOM   321  O O   . LYS A 1 42  ? -12.836 -15.632 5.121   1.00 54.62  ? 132 LYS A O   1 
ATOM   322  C CB  . LYS A 1 42  ? -11.908 -18.472 6.072   1.00 60.60  ? 132 LYS A CB  1 
ATOM   323  C CG  . LYS A 1 42  ? -13.253 -19.214 6.266   1.00 63.40  ? 132 LYS A CG  1 
ATOM   324  C CD  . LYS A 1 42  ? -13.148 -20.676 5.823   1.00 62.85  ? 132 LYS A CD  1 
ATOM   325  C CE  . LYS A 1 42  ? -13.970 -21.600 6.721   1.00 67.60  ? 132 LYS A CE  1 
ATOM   326  N NZ  . LYS A 1 42  ? -15.364 -21.099 6.946   1.00 67.04  ? 132 LYS A NZ  1 
ATOM   327  N N   . PHE A 1 43  ? -14.099 -16.157 6.923   1.00 57.19  ? 133 PHE A N   1 
ATOM   328  C CA  . PHE A 1 43  ? -15.250 -15.336 6.535   1.00 56.48  ? 133 PHE A CA  1 
ATOM   329  C C   . PHE A 1 43  ? -15.192 -13.918 7.101   1.00 57.76  ? 133 PHE A C   1 
ATOM   330  O O   . PHE A 1 43  ? -16.101 -13.115 6.872   1.00 60.88  ? 133 PHE A O   1 
ATOM   331  C CB  . PHE A 1 43  ? -16.585 -15.999 6.945   1.00 59.50  ? 133 PHE A CB  1 
ATOM   332  C CG  . PHE A 1 43  ? -17.114 -16.996 5.938   1.00 62.41  ? 133 PHE A CG  1 
ATOM   333  C CD1 . PHE A 1 43  ? -17.645 -16.567 4.728   1.00 68.10  ? 133 PHE A CD1 1 
ATOM   334  C CD2 . PHE A 1 43  ? -17.077 -18.361 6.197   1.00 65.56  ? 133 PHE A CD2 1 
ATOM   335  C CE1 . PHE A 1 43  ? -18.126 -17.482 3.789   1.00 64.21  ? 133 PHE A CE1 1 
ATOM   336  C CE2 . PHE A 1 43  ? -17.554 -19.281 5.269   1.00 60.01  ? 133 PHE A CE2 1 
ATOM   337  C CZ  . PHE A 1 43  ? -18.078 -18.840 4.067   1.00 64.04  ? 133 PHE A CZ  1 
ATOM   338  N N   . GLU A 1 44  ? -14.141 -13.600 7.852   1.00 58.48  ? 134 GLU A N   1 
ATOM   339  C CA  . GLU A 1 44  ? -13.976 -12.228 8.335   1.00 58.64  ? 134 GLU A CA  1 
ATOM   340  C C   . GLU A 1 44  ? -13.275 -11.352 7.272   1.00 56.28  ? 134 GLU A C   1 
ATOM   341  O O   . GLU A 1 44  ? -12.056 -11.163 7.286   1.00 54.13  ? 134 GLU A O   1 
ATOM   342  C CB  . GLU A 1 44  ? -13.274 -12.218 9.690   1.00 56.48  ? 134 GLU A CB  1 
ATOM   343  C CG  . GLU A 1 44  ? -13.971 -13.125 10.686  1.00 54.96  ? 134 GLU A CG  1 
ATOM   344  C CD  . GLU A 1 44  ? -13.427 -13.012 12.093  1.00 59.31  ? 134 GLU A CD  1 
ATOM   345  O OE1 . GLU A 1 44  ? -12.310 -12.479 12.278  1.00 63.34  ? 134 GLU A OE1 1 
ATOM   346  O OE2 . GLU A 1 44  ? -14.126 -13.457 13.023  1.00 55.68  ? 134 GLU A OE2 1 
ATOM   347  N N   . PHE A 1 45  ? -14.092 -10.820 6.365   1.00 54.85  ? 135 PHE A N   1 
ATOM   348  C CA  . PHE A 1 45  ? -13.651 -10.239 5.102   1.00 52.52  ? 135 PHE A CA  1 
ATOM   349  C C   . PHE A 1 45  ? -12.684 -9.070  5.221   1.00 53.33  ? 135 PHE A C   1 
ATOM   350  O O   . PHE A 1 45  ? -11.861 -8.851  4.325   1.00 49.43  ? 135 PHE A O   1 
ATOM   351  C CB  . PHE A 1 45  ? -14.873 -9.809  4.286   1.00 50.62  ? 135 PHE A CB  1 
ATOM   352  C CG  . PHE A 1 45  ? -15.654 -10.965 3.728   1.00 63.79  ? 135 PHE A CG  1 
ATOM   353  C CD1 . PHE A 1 45  ? -15.001 -12.101 3.259   1.00 59.36  ? 135 PHE A CD1 1 
ATOM   354  C CD2 . PHE A 1 45  ? -17.048 -10.934 3.686   1.00 71.50  ? 135 PHE A CD2 1 
ATOM   355  C CE1 . PHE A 1 45  ? -15.717 -13.180 2.748   1.00 60.02  ? 135 PHE A CE1 1 
ATOM   356  C CE2 . PHE A 1 45  ? -17.773 -12.017 3.180   1.00 68.59  ? 135 PHE A CE2 1 
ATOM   357  C CZ  . PHE A 1 45  ? -17.099 -13.139 2.707   1.00 64.36  ? 135 PHE A CZ  1 
ATOM   358  N N   . TRP A 1 46  ? -12.794 -8.323  6.317   1.00 49.75  ? 136 TRP A N   1 
ATOM   359  C CA  . TRP A 1 46  ? -11.965 -7.149  6.506   1.00 49.24  ? 136 TRP A CA  1 
ATOM   360  C C   . TRP A 1 46  ? -10.488 -7.549  6.495   1.00 51.06  ? 136 TRP A C   1 
ATOM   361  O O   . TRP A 1 46  ? -9.643  -6.814  5.971   1.00 48.75  ? 136 TRP A O   1 
ATOM   362  C CB  . TRP A 1 46  ? -12.361 -6.384  7.786   1.00 49.30  ? 136 TRP A CB  1 
ATOM   363  C CG  . TRP A 1 46  ? -12.060 -7.085  9.104   1.00 52.53  ? 136 TRP A CG  1 
ATOM   364  C CD1 . TRP A 1 46  ? -10.875 -7.069  9.790   1.00 52.68  ? 136 TRP A CD1 1 
ATOM   365  C CD2 . TRP A 1 46  ? -12.971 -7.867  9.900   1.00 54.72  ? 136 TRP A CD2 1 
ATOM   366  N NE1 . TRP A 1 46  ? -10.987 -7.804  10.952  1.00 53.30  ? 136 TRP A NE1 1 
ATOM   367  C CE2 . TRP A 1 46  ? -12.259 -8.306  11.044  1.00 51.99  ? 136 TRP A CE2 1 
ATOM   368  C CE3 . TRP A 1 46  ? -14.316 -8.253  9.748   1.00 54.98  ? 136 TRP A CE3 1 
ATOM   369  C CZ2 . TRP A 1 46  ? -12.845 -9.110  12.033  1.00 55.25  ? 136 TRP A CZ2 1 
ATOM   370  C CZ3 . TRP A 1 46  ? -14.902 -9.050  10.736  1.00 50.07  ? 136 TRP A CZ3 1 
ATOM   371  C CH2 . TRP A 1 46  ? -14.162 -9.470  11.862  1.00 54.92  ? 136 TRP A CH2 1 
ATOM   372  N N   . ARG A 1 47  ? -10.199 -8.741  7.018   1.00 46.26  ? 137 ARG A N   1 
ATOM   373  C CA  . ARG A 1 47  ? -8.824  -9.224  7.157   1.00 46.32  ? 137 ARG A CA  1 
ATOM   374  C C   . ARG A 1 47  ? -8.032  -9.286  5.853   1.00 47.46  ? 137 ARG A C   1 
ATOM   375  O O   . ARG A 1 47  ? -6.799  -9.270  5.868   1.00 49.50  ? 137 ARG A O   1 
ATOM   376  C CB  . ARG A 1 47  ? -8.820  -10.602 7.815   1.00 48.56  ? 137 ARG A CB  1 
ATOM   377  C CG  . ARG A 1 47  ? -9.487  -10.624 9.181   1.00 51.21  ? 137 ARG A CG  1 
ATOM   378  C CD  . ARG A 1 47  ? -9.467  -11.996 9.785   1.00 49.17  ? 137 ARG A CD  1 
ATOM   379  N NE  . ARG A 1 47  ? -9.853  -11.937 11.183  1.00 55.07  ? 137 ARG A NE  1 
ATOM   380  C CZ  . ARG A 1 47  ? -9.005  -11.722 12.183  1.00 56.06  ? 137 ARG A CZ  1 
ATOM   381  N NH1 . ARG A 1 47  ? -7.713  -11.552 11.939  1.00 52.68  ? 137 ARG A NH1 1 
ATOM   382  N NH2 . ARG A 1 47  ? -9.454  -11.670 13.429  1.00 55.16  ? 137 ARG A NH2 1 
ATOM   383  N N   . TYR A 1 48  ? -8.730  -9.366  4.724   1.00 44.85  ? 138 TYR A N   1 
ATOM   384  C CA  . TYR A 1 48  ? -8.052  -9.454  3.436   1.00 42.69  ? 138 TYR A CA  1 
ATOM   385  C C   . TYR A 1 48  ? -7.528  -8.083  3.023   1.00 44.15  ? 138 TYR A C   1 
ATOM   386  O O   . TYR A 1 48  ? -6.818  -7.951  2.023   1.00 42.64  ? 138 TYR A O   1 
ATOM   387  C CB  . TYR A 1 48  ? -8.967  -10.058 2.364   1.00 44.40  ? 138 TYR A CB  1 
ATOM   388  C CG  . TYR A 1 48  ? -9.444  -11.452 2.729   1.00 47.27  ? 138 TYR A CG  1 
ATOM   389  C CD1 . TYR A 1 48  ? -8.591  -12.537 2.638   1.00 47.29  ? 138 TYR A CD1 1 
ATOM   390  C CD2 . TYR A 1 48  ? -10.734 -11.676 3.194   1.00 48.79  ? 138 TYR A CD2 1 
ATOM   391  C CE1 . TYR A 1 48  ? -9.005  -13.798 2.992   1.00 49.00  ? 138 TYR A CE1 1 
ATOM   392  C CE2 . TYR A 1 48  ? -11.156 -12.944 3.558   1.00 47.12  ? 138 TYR A CE2 1 
ATOM   393  C CZ  . TYR A 1 48  ? -10.285 -14.004 3.454   1.00 47.57  ? 138 TYR A CZ  1 
ATOM   394  O OH  . TYR A 1 48  ? -10.674 -15.284 3.805   1.00 45.70  ? 138 TYR A OH  1 
ATOM   395  N N   . PHE A 1 49  ? -7.841  -7.080  3.839   1.00 43.08  ? 139 PHE A N   1 
ATOM   396  C CA  . PHE A 1 49  ? -7.496  -5.690  3.555   1.00 45.27  ? 139 PHE A CA  1 
ATOM   397  C C   . PHE A 1 49  ? -6.848  -4.976  4.751   1.00 46.97  ? 139 PHE A C   1 
ATOM   398  O O   . PHE A 1 49  ? -5.932  -4.174  4.575   1.00 45.78  ? 139 PHE A O   1 
ATOM   399  C CB  . PHE A 1 49  ? -8.748  -4.915  3.118   1.00 45.80  ? 139 PHE A CB  1 
ATOM   400  C CG  . PHE A 1 49  ? -9.521  -5.587  2.019   1.00 46.76  ? 139 PHE A CG  1 
ATOM   401  C CD1 . PHE A 1 49  ? -9.210  -5.351  0.691   1.00 48.63  ? 139 PHE A CD1 1 
ATOM   402  C CD2 . PHE A 1 49  ? -10.556 -6.473  2.318   1.00 45.18  ? 139 PHE A CD2 1 
ATOM   403  C CE1 . PHE A 1 49  ? -9.920  -5.983  -0.336  1.00 48.48  ? 139 PHE A CE1 1 
ATOM   404  C CE2 . PHE A 1 49  ? -11.265 -7.108  1.314   1.00 46.06  ? 139 PHE A CE2 1 
ATOM   405  C CZ  . PHE A 1 49  ? -10.950 -6.862  -0.021  1.00 48.72  ? 139 PHE A CZ  1 
ATOM   406  N N   . THR A 1 50  ? -7.323  -5.265  5.958   1.00 42.92  ? 140 THR A N   1 
ATOM   407  C CA  . THR A 1 50  ? -6.863  -4.552  7.144   1.00 44.96  ? 140 THR A CA  1 
ATOM   408  C C   . THR A 1 50  ? -5.359  -4.716  7.462   1.00 47.88  ? 140 THR A C   1 
ATOM   409  O O   . THR A 1 50  ? -4.796  -3.919  8.215   1.00 48.49  ? 140 THR A O   1 
ATOM   410  C CB  . THR A 1 50  ? -7.722  -4.903  8.397   1.00 46.51  ? 140 THR A CB  1 
ATOM   411  O OG1 . THR A 1 50  ? -7.742  -6.322  8.587   1.00 48.60  ? 140 THR A OG1 1 
ATOM   412  C CG2 . THR A 1 50  ? -9.156  -4.412  8.220   1.00 46.12  ? 140 THR A CG2 1 
ATOM   413  N N   . HIS A 1 51  ? -4.712  -5.732  6.895   1.00 43.25  ? 141 HIS A N   1 
ATOM   414  C CA  . HIS A 1 51  ? -3.284  -5.909  7.091   1.00 41.84  ? 141 HIS A CA  1 
ATOM   415  C C   . HIS A 1 51  ? -2.520  -4.652  6.667   1.00 43.95  ? 141 HIS A C   1 
ATOM   416  O O   . HIS A 1 51  ? -1.483  -4.307  7.257   1.00 42.80  ? 141 HIS A O   1 
ATOM   417  C CB  . HIS A 1 51  ? -2.782  -7.119  6.319   1.00 40.73  ? 141 HIS A CB  1 
ATOM   418  C CG  . HIS A 1 51  ? -3.112  -7.073  4.859   1.00 47.11  ? 141 HIS A CG  1 
ATOM   419  N ND1 . HIS A 1 51  ? -2.262  -6.526  3.922   1.00 43.58  ? 141 HIS A ND1 1 
ATOM   420  C CD2 . HIS A 1 51  ? -4.211  -7.484  4.178   1.00 42.70  ? 141 HIS A CD2 1 
ATOM   421  C CE1 . HIS A 1 51  ? -2.815  -6.612  2.725   1.00 41.70  ? 141 HIS A CE1 1 
ATOM   422  N NE2 . HIS A 1 51  ? -3.998  -7.185  2.854   1.00 42.71  ? 141 HIS A NE2 1 
ATOM   423  N N   . ALA A 1 52  ? -3.045  -3.955  5.663   1.00 43.59  ? 142 ALA A N   1 
ATOM   424  C CA  . ALA A 1 52  ? -2.398  -2.746  5.139   1.00 44.68  ? 142 ALA A CA  1 
ATOM   425  C C   . ALA A 1 52  ? -2.416  -1.555  6.115   1.00 41.67  ? 142 ALA A C   1 
ATOM   426  O O   . ALA A 1 52  ? -1.702  -0.575  5.914   1.00 38.26  ? 142 ALA A O   1 
ATOM   427  C CB  . ALA A 1 52  ? -3.009  -2.350  3.796   1.00 40.02  ? 142 ALA A CB  1 
ATOM   428  N N   . LEU A 1 53  ? -3.229  -1.659  7.165   1.00 40.93  ? 143 LEU A N   1 
ATOM   429  C CA  . LEU A 1 53  ? -3.406  -0.578  8.141   1.00 43.28  ? 143 LEU A CA  1 
ATOM   430  C C   . LEU A 1 53  ? -2.436  -0.687  9.306   1.00 44.86  ? 143 LEU A C   1 
ATOM   431  O O   . LEU A 1 53  ? -2.383  0.202   10.155  1.00 44.29  ? 143 LEU A O   1 
ATOM   432  C CB  . LEU A 1 53  ? -4.836  -0.573  8.705   1.00 40.45  ? 143 LEU A CB  1 
ATOM   433  C CG  . LEU A 1 53  ? -5.976  -0.356  7.702   1.00 43.97  ? 143 LEU A CG  1 
ATOM   434  C CD1 . LEU A 1 53  ? -7.304  -0.195  8.413   1.00 43.77  ? 143 LEU A CD1 1 
ATOM   435  C CD2 . LEU A 1 53  ? -5.706  0.845   6.802   1.00 38.50  ? 143 LEU A CD2 1 
ATOM   436  N N   . MET A 1 54  ? -1.687  -1.787  9.355   1.00 45.73  ? 144 MET A N   1 
ATOM   437  C CA  . MET A 1 54  ? -0.799  -2.060  10.487  1.00 48.10  ? 144 MET A CA  1 
ATOM   438  C C   . MET A 1 54  ? 0.654   -1.722  10.178  1.00 47.28  ? 144 MET A C   1 
ATOM   439  O O   . MET A 1 54  ? 1.176   -2.128  9.142   1.00 46.93  ? 144 MET A O   1 
ATOM   440  C CB  . MET A 1 54  ? -0.910  -3.526  10.917  1.00 42.09  ? 144 MET A CB  1 
ATOM   441  C CG  . MET A 1 54  ? -2.221  -3.870  11.595  1.00 42.11  ? 144 MET A CG  1 
ATOM   442  S SD  . MET A 1 54  ? -2.206  -5.558  12.246  1.00 48.79  ? 144 MET A SD  1 
ATOM   443  C CE  . MET A 1 54  ? -1.978  -6.462  10.712  1.00 43.33  ? 144 MET A CE  1 
ATOM   444  N N   . HIS A 1 55  ? 1.298   -0.967  11.066  1.00 45.40  ? 145 HIS A N   1 
ATOM   445  C CA  . HIS A 1 55  ? 2.729   -0.672  10.910  1.00 46.53  ? 145 HIS A CA  1 
ATOM   446  C C   . HIS A 1 55  ? 3.518   -0.992  12.181  1.00 48.33  ? 145 HIS A C   1 
ATOM   447  O O   . HIS A 1 55  ? 3.004   -0.873  13.302  1.00 49.17  ? 145 HIS A O   1 
ATOM   448  C CB  . HIS A 1 55  ? 2.948   0.773   10.479  1.00 43.31  ? 145 HIS A CB  1 
ATOM   449  C CG  . HIS A 1 55  ? 2.367   1.081   9.141   1.00 44.00  ? 145 HIS A CG  1 
ATOM   450  N ND1 . HIS A 1 55  ? 1.075   1.527   8.978   1.00 40.06  ? 145 HIS A ND1 1 
ATOM   451  C CD2 . HIS A 1 55  ? 2.895   0.979   7.897   1.00 42.49  ? 145 HIS A CD2 1 
ATOM   452  C CE1 . HIS A 1 55  ? 0.837   1.707   7.690   1.00 42.73  ? 145 HIS A CE1 1 
ATOM   453  N NE2 . HIS A 1 55  ? 1.923   1.378   7.013   1.00 40.93  ? 145 HIS A NE2 1 
ATOM   454  N N   . PHE A 1 56  ? 4.769   -1.391  12.007  1.00 44.81  ? 146 PHE A N   1 
ATOM   455  C CA  . PHE A 1 56  ? 5.505   -2.014  13.105  1.00 50.18  ? 146 PHE A CA  1 
ATOM   456  C C   . PHE A 1 56  ? 6.637   -1.164  13.706  1.00 50.53  ? 146 PHE A C   1 
ATOM   457  O O   . PHE A 1 56  ? 7.234   -1.527  14.715  1.00 54.22  ? 146 PHE A O   1 
ATOM   458  C CB  . PHE A 1 56  ? 5.989   -3.412  12.680  1.00 44.44  ? 146 PHE A CB  1 
ATOM   459  C CG  . PHE A 1 56  ? 4.869   -4.319  12.229  1.00 50.56  ? 146 PHE A CG  1 
ATOM   460  C CD1 . PHE A 1 56  ? 4.036   -4.934  13.159  1.00 48.32  ? 146 PHE A CD1 1 
ATOM   461  C CD2 . PHE A 1 56  ? 4.616   -4.523  10.862  1.00 52.81  ? 146 PHE A CD2 1 
ATOM   462  C CE1 . PHE A 1 56  ? 2.990   -5.761  12.742  1.00 46.89  ? 146 PHE A CE1 1 
ATOM   463  C CE2 . PHE A 1 56  ? 3.571   -5.346  10.434  1.00 46.86  ? 146 PHE A CE2 1 
ATOM   464  C CZ  . PHE A 1 56  ? 2.762   -5.964  11.375  1.00 47.88  ? 146 PHE A CZ  1 
ATOM   465  N N   . SER A 1 57  ? 6.924   -0.037  13.073  1.00 49.76  ? 147 SER A N   1 
ATOM   466  C CA  . SER A 1 57  ? 7.841   0.944   13.617  1.00 45.68  ? 147 SER A CA  1 
ATOM   467  C C   . SER A 1 57  ? 7.361   2.341   13.225  1.00 48.15  ? 147 SER A C   1 
ATOM   468  O O   . SER A 1 57  ? 6.436   2.494   12.414  1.00 45.15  ? 147 SER A O   1 
ATOM   469  C CB  . SER A 1 57  ? 9.270   0.705   13.128  1.00 45.63  ? 147 SER A CB  1 
ATOM   470  O OG  . SER A 1 57  ? 9.503   1.270   11.847  1.00 48.75  ? 147 SER A OG  1 
ATOM   471  N N   . LEU A 1 58  ? 7.986   3.345   13.829  1.00 46.13  ? 148 LEU A N   1 
ATOM   472  C CA  . LEU A 1 58  ? 7.735   4.741   13.526  1.00 47.39  ? 148 LEU A CA  1 
ATOM   473  C C   . LEU A 1 58  ? 8.022   5.035   12.056  1.00 47.39  ? 148 LEU A C   1 
ATOM   474  O O   . LEU A 1 58  ? 7.196   5.636   11.350  1.00 46.04  ? 148 LEU A O   1 
ATOM   475  C CB  . LEU A 1 58  ? 8.647   5.615   14.385  1.00 51.62  ? 148 LEU A CB  1 
ATOM   476  C CG  . LEU A 1 58  ? 8.439   7.122   14.275  1.00 54.29  ? 148 LEU A CG  1 
ATOM   477  C CD1 . LEU A 1 58  ? 7.107   7.499   14.951  1.00 52.42  ? 148 LEU A CD1 1 
ATOM   478  C CD2 . LEU A 1 58  ? 9.611   7.892   14.874  1.00 54.07  ? 148 LEU A CD2 1 
ATOM   479  N N   . MET A 1 59  ? 9.204   4.617   11.614  1.00 42.93  ? 149 MET A N   1 
ATOM   480  C CA  . MET A 1 59  ? 9.649   4.834   10.250  1.00 48.29  ? 149 MET A CA  1 
ATOM   481  C C   . MET A 1 59  ? 8.726   4.142   9.252   1.00 50.77  ? 149 MET A C   1 
ATOM   482  O O   . MET A 1 59  ? 8.528   4.618   8.128   1.00 48.20  ? 149 MET A O   1 
ATOM   483  C CB  . MET A 1 59  ? 11.067  4.296   10.082  1.00 50.72  ? 149 MET A CB  1 
ATOM   484  C CG  . MET A 1 59  ? 12.185  5.272   10.447  1.00 59.85  ? 149 MET A CG  1 
ATOM   485  S SD  . MET A 1 59  ? 13.784  4.410   10.553  1.00 73.60  ? 149 MET A SD  1 
ATOM   486  C CE  . MET A 1 59  ? 14.929  5.766   10.238  1.00 86.66  ? 149 MET A CE  1 
ATOM   487  N N   . HIS A 1 60  ? 8.175   3.007   9.668   1.00 44.34  ? 150 HIS A N   1 
ATOM   488  C CA  . HIS A 1 60  ? 7.291   2.239   8.819   1.00 47.58  ? 150 HIS A CA  1 
ATOM   489  C C   . HIS A 1 60  ? 6.045   3.056   8.409   1.00 41.29  ? 150 HIS A C   1 
ATOM   490  O O   . HIS A 1 60  ? 5.717   3.178   7.237   1.00 42.81  ? 150 HIS A O   1 
ATOM   491  C CB  . HIS A 1 60  ? 6.909   0.943   9.538   1.00 49.06  ? 150 HIS A CB  1 
ATOM   492  C CG  . HIS A 1 60  ? 6.311   -0.097  8.643   1.00 48.06  ? 150 HIS A CG  1 
ATOM   493  N ND1 . HIS A 1 60  ? 5.488   -1.096  9.114   1.00 46.65  ? 150 HIS A ND1 1 
ATOM   494  C CD2 . HIS A 1 60  ? 6.419   -0.293  7.308   1.00 46.82  ? 150 HIS A CD2 1 
ATOM   495  C CE1 . HIS A 1 60  ? 5.107   -1.858  8.106   1.00 46.08  ? 150 HIS A CE1 1 
ATOM   496  N NE2 . HIS A 1 60  ? 5.657   -1.393  6.999   1.00 45.26  ? 150 HIS A NE2 1 
ATOM   497  N N   . ILE A 1 61  ? 5.371   3.627   9.383   1.00 39.76  ? 151 ILE A N   1 
ATOM   498  C CA  . ILE A 1 61  ? 4.179   4.404   9.116   1.00 42.37  ? 151 ILE A CA  1 
ATOM   499  C C   . ILE A 1 61  ? 4.469   5.770   8.463   1.00 43.39  ? 151 ILE A C   1 
ATOM   500  O O   . ILE A 1 61  ? 3.736   6.202   7.566   1.00 40.05  ? 151 ILE A O   1 
ATOM   501  C CB  . ILE A 1 61  ? 3.326   4.541   10.397  1.00 41.06  ? 151 ILE A CB  1 
ATOM   502  C CG1 . ILE A 1 61  ? 1.981   5.184   10.075  1.00 43.38  ? 151 ILE A CG1 1 
ATOM   503  C CG2 . ILE A 1 61  ? 4.109   5.291   11.502  1.00 41.48  ? 151 ILE A CG2 1 
ATOM   504  C CD1 . ILE A 1 61  ? 0.958   5.083   11.204  1.00 43.66  ? 151 ILE A CD1 1 
ATOM   505  N N   . LEU A 1 62  ? 5.534   6.445   8.897   1.00 45.63  ? 152 LEU A N   1 
ATOM   506  C CA  . LEU A 1 62  ? 5.855   7.776   8.357   1.00 46.34  ? 152 LEU A CA  1 
ATOM   507  C C   . LEU A 1 62  ? 6.078   7.734   6.868   1.00 43.33  ? 152 LEU A C   1 
ATOM   508  O O   . LEU A 1 62  ? 5.486   8.498   6.119   1.00 45.98  ? 152 LEU A O   1 
ATOM   509  C CB  . LEU A 1 62  ? 7.116   8.356   8.990   1.00 44.53  ? 152 LEU A CB  1 
ATOM   510  C CG  . LEU A 1 62  ? 6.973   9.159   10.272  1.00 51.36  ? 152 LEU A CG  1 
ATOM   511  C CD1 . LEU A 1 62  ? 8.241   9.965   10.481  1.00 57.05  ? 152 LEU A CD1 1 
ATOM   512  C CD2 . LEU A 1 62  ? 5.758   10.060  10.211  1.00 54.49  ? 152 LEU A CD2 1 
ATOM   513  N N   . PHE A 1 63  ? 6.956   6.834   6.455   1.00 45.34  ? 153 PHE A N   1 
ATOM   514  C CA  . PHE A 1 63  ? 7.349   6.722   5.066   1.00 46.81  ? 153 PHE A CA  1 
ATOM   515  C C   . PHE A 1 63  ? 6.245   6.213   4.168   1.00 43.40  ? 153 PHE A C   1 
ATOM   516  O O   . PHE A 1 63  ? 6.031   6.768   3.102   1.00 42.50  ? 153 PHE A O   1 
ATOM   517  C CB  . PHE A 1 63  ? 8.611   5.890   4.959   1.00 54.47  ? 153 PHE A CB  1 
ATOM   518  C CG  . PHE A 1 63  ? 9.816   6.613   5.461   1.00 59.77  ? 153 PHE A CG  1 
ATOM   519  C CD1 . PHE A 1 63  ? 10.019  7.943   5.116   1.00 63.33  ? 153 PHE A CD1 1 
ATOM   520  C CD2 . PHE A 1 63  ? 10.715  6.000   6.309   1.00 64.71  ? 153 PHE A CD2 1 
ATOM   521  C CE1 . PHE A 1 63  ? 11.114  8.642   5.580   1.00 67.69  ? 153 PHE A CE1 1 
ATOM   522  C CE2 . PHE A 1 63  ? 11.820  6.695   6.785   1.00 70.46  ? 153 PHE A CE2 1 
ATOM   523  C CZ  . PHE A 1 63  ? 12.017  8.021   6.417   1.00 73.11  ? 153 PHE A CZ  1 
ATOM   524  N N   . ASN A 1 64  ? 5.530   5.184   4.604   1.00 39.03  ? 154 ASN A N   1 
ATOM   525  C CA  . ASN A 1 64  ? 4.300   4.813   3.927   1.00 39.79  ? 154 ASN A CA  1 
ATOM   526  C C   . ASN A 1 64  ? 3.293   5.971   3.782   1.00 43.56  ? 154 ASN A C   1 
ATOM   527  O O   . ASN A 1 64  ? 2.794   6.221   2.683   1.00 42.75  ? 154 ASN A O   1 
ATOM   528  C CB  . ASN A 1 64  ? 3.656   3.608   4.610   1.00 41.03  ? 154 ASN A CB  1 
ATOM   529  C CG  . ASN A 1 64  ? 4.211   2.291   4.096   1.00 42.09  ? 154 ASN A CG  1 
ATOM   530  O OD1 . ASN A 1 64  ? 4.543   2.174   2.929   1.00 43.85  ? 154 ASN A OD1 1 
ATOM   531  N ND2 . ASN A 1 64  ? 4.315   1.296   4.970   1.00 49.13  ? 154 ASN A ND2 1 
ATOM   532  N N   . LEU A 1 65  ? 3.014   6.694   4.867   1.00 42.47  ? 155 LEU A N   1 
ATOM   533  C CA  . LEU A 1 65  ? 1.997   7.755   4.813   1.00 44.68  ? 155 LEU A CA  1 
ATOM   534  C C   . LEU A 1 65  ? 2.468   8.987   4.038   1.00 44.54  ? 155 LEU A C   1 
ATOM   535  O O   . LEU A 1 65  ? 1.677   9.692   3.424   1.00 46.37  ? 155 LEU A O   1 
ATOM   536  C CB  . LEU A 1 65  ? 1.496   8.151   6.206   1.00 38.81  ? 155 LEU A CB  1 
ATOM   537  C CG  . LEU A 1 65  ? 0.693   7.091   6.958   1.00 41.47  ? 155 LEU A CG  1 
ATOM   538  C CD1 . LEU A 1 65  ? 0.070   7.681   8.212   1.00 43.73  ? 155 LEU A CD1 1 
ATOM   539  C CD2 . LEU A 1 65  ? -0.381  6.462   6.085   1.00 43.46  ? 155 LEU A CD2 1 
ATOM   540  N N   . LEU A 1 66  ? 3.766   9.225   4.063   1.00 44.67  ? 156 LEU A N   1 
ATOM   541  C CA  . LEU A 1 66  ? 4.376   10.237  3.219   1.00 46.98  ? 156 LEU A CA  1 
ATOM   542  C C   . LEU A 1 66  ? 4.097   9.970   1.748   1.00 45.56  ? 156 LEU A C   1 
ATOM   543  O O   . LEU A 1 66  ? 3.639   10.846  1.025   1.00 47.93  ? 156 LEU A O   1 
ATOM   544  C CB  . LEU A 1 66  ? 5.874   10.212  3.421   1.00 45.45  ? 156 LEU A CB  1 
ATOM   545  C CG  . LEU A 1 66  ? 6.502   11.585  3.480   1.00 56.70  ? 156 LEU A CG  1 
ATOM   546  C CD1 . LEU A 1 66  ? 6.948   11.861  4.924   1.00 60.84  ? 156 LEU A CD1 1 
ATOM   547  C CD2 . LEU A 1 66  ? 7.666   11.633  2.496   1.00 55.52  ? 156 LEU A CD2 1 
ATOM   548  N N   . TRP A 1 67  ? 4.377   8.749   1.310   1.00 43.66  ? 157 TRP A N   1 
ATOM   549  C CA  . TRP A 1 67  ? 4.158   8.383   -0.075  1.00 46.61  ? 157 TRP A CA  1 
ATOM   550  C C   . TRP A 1 67  ? 2.678   8.371   -0.404  1.00 49.91  ? 157 TRP A C   1 
ATOM   551  O O   . TRP A 1 67  ? 2.263   8.843   -1.473  1.00 49.55  ? 157 TRP A O   1 
ATOM   552  C CB  . TRP A 1 67  ? 4.799   7.035   -0.392  1.00 44.58  ? 157 TRP A CB  1 
ATOM   553  C CG  . TRP A 1 67  ? 6.242   7.187   -0.727  1.00 47.61  ? 157 TRP A CG  1 
ATOM   554  C CD1 . TRP A 1 67  ? 7.308   6.841   0.049   1.00 50.38  ? 157 TRP A CD1 1 
ATOM   555  C CD2 . TRP A 1 67  ? 6.786   7.766   -1.922  1.00 50.87  ? 157 TRP A CD2 1 
ATOM   556  N NE1 . TRP A 1 67  ? 8.484   7.159   -0.591  1.00 49.74  ? 157 TRP A NE1 1 
ATOM   557  C CE2 . TRP A 1 67  ? 8.194   7.727   -1.802  1.00 46.34  ? 157 TRP A CE2 1 
ATOM   558  C CE3 . TRP A 1 67  ? 6.219   8.297   -3.091  1.00 49.38  ? 157 TRP A CE3 1 
ATOM   559  C CZ2 . TRP A 1 67  ? 9.045   8.198   -2.798  1.00 40.24  ? 157 TRP A CZ2 1 
ATOM   560  C CZ3 . TRP A 1 67  ? 7.060   8.769   -4.076  1.00 51.17  ? 157 TRP A CZ3 1 
ATOM   561  C CH2 . TRP A 1 67  ? 8.469   8.716   -3.922  1.00 47.57  ? 157 TRP A CH2 1 
ATOM   562  N N   . TRP A 1 68  ? 1.886   7.836   0.520   1.00 47.67  ? 158 TRP A N   1 
ATOM   563  C CA  . TRP A 1 68  ? 0.440   7.770   0.333   1.00 49.35  ? 158 TRP A CA  1 
ATOM   564  C C   . TRP A 1 68  ? -0.159  9.156   0.177   1.00 47.97  ? 158 TRP A C   1 
ATOM   565  O O   . TRP A 1 68  ? -0.918  9.396   -0.754  1.00 45.24  ? 158 TRP A O   1 
ATOM   566  C CB  . TRP A 1 68  ? -0.237  7.045   1.500   1.00 48.48  ? 158 TRP A CB  1 
ATOM   567  C CG  . TRP A 1 68  ? -1.729  7.213   1.521   1.00 44.83  ? 158 TRP A CG  1 
ATOM   568  C CD1 . TRP A 1 68  ? -2.437  8.131   2.237   1.00 47.22  ? 158 TRP A CD1 1 
ATOM   569  C CD2 . TRP A 1 68  ? -2.690  6.448   0.786   1.00 48.29  ? 158 TRP A CD2 1 
ATOM   570  N NE1 . TRP A 1 68  ? -3.781  7.984   2.003   1.00 46.02  ? 158 TRP A NE1 1 
ATOM   571  C CE2 . TRP A 1 68  ? -3.967  6.955   1.117   1.00 50.76  ? 158 TRP A CE2 1 
ATOM   572  C CE3 . TRP A 1 68  ? -2.598  5.377   -0.117  1.00 45.43  ? 158 TRP A CE3 1 
ATOM   573  C CZ2 . TRP A 1 68  ? -5.151  6.430   0.573   1.00 47.91  ? 158 TRP A CZ2 1 
ATOM   574  C CZ3 . TRP A 1 68  ? -3.760  4.854   -0.648  1.00 43.54  ? 158 TRP A CZ3 1 
ATOM   575  C CH2 . TRP A 1 68  ? -5.026  5.383   -0.305  1.00 47.24  ? 158 TRP A CH2 1 
ATOM   576  N N   . TRP A 1 69  ? 0.180   10.053  1.102   1.00 45.70  ? 159 TRP A N   1 
ATOM   577  C CA  . TRP A 1 69  ? -0.294  11.435  1.067   1.00 47.45  ? 159 TRP A CA  1 
ATOM   578  C C   . TRP A 1 69  ? -0.073  12.078  -0.300  1.00 51.26  ? 159 TRP A C   1 
ATOM   579  O O   . TRP A 1 69  ? -0.939  12.767  -0.840  1.00 48.61  ? 159 TRP A O   1 
ATOM   580  C CB  . TRP A 1 69  ? 0.489   12.248  2.081   1.00 47.91  ? 159 TRP A CB  1 
ATOM   581  C CG  . TRP A 1 69  ? 0.015   13.647  2.262   1.00 53.94  ? 159 TRP A CG  1 
ATOM   582  C CD1 . TRP A 1 69  ? -1.211  14.153  1.935   1.00 56.69  ? 159 TRP A CD1 1 
ATOM   583  C CD2 . TRP A 1 69  ? 0.753   14.728  2.840   1.00 61.93  ? 159 TRP A CD2 1 
ATOM   584  N NE1 . TRP A 1 69  ? -1.281  15.479  2.267   1.00 52.74  ? 159 TRP A NE1 1 
ATOM   585  C CE2 . TRP A 1 69  ? -0.088  15.862  2.824   1.00 60.22  ? 159 TRP A CE2 1 
ATOM   586  C CE3 . TRP A 1 69  ? 2.047   14.847  3.376   1.00 65.86  ? 159 TRP A CE3 1 
ATOM   587  C CZ2 . TRP A 1 69  ? 0.321   17.109  3.331   1.00 65.56  ? 159 TRP A CZ2 1 
ATOM   588  C CZ3 . TRP A 1 69  ? 2.463   16.089  3.879   1.00 64.34  ? 159 TRP A CZ3 1 
ATOM   589  C CH2 . TRP A 1 69  ? 1.597   17.203  3.849   1.00 70.32  ? 159 TRP A CH2 1 
ATOM   590  N N   . TYR A 1 70  ? 1.113   11.849  -0.842  1.00 48.93  ? 160 TYR A N   1 
ATOM   591  C CA  . TYR A 1 70  ? 1.509   12.497  -2.063  1.00 47.37  ? 160 TYR A CA  1 
ATOM   592  C C   . TYR A 1 70  ? 0.878   11.827  -3.282  1.00 49.10  ? 160 TYR A C   1 
ATOM   593  O O   . TYR A 1 70  ? 0.215   12.481  -4.079  1.00 51.55  ? 160 TYR A O   1 
ATOM   594  C CB  . TYR A 1 70  ? 3.037   12.512  -2.195  1.00 47.22  ? 160 TYR A CB  1 
ATOM   595  C CG  . TYR A 1 70  ? 3.454   13.219  -3.451  1.00 55.12  ? 160 TYR A CG  1 
ATOM   596  C CD1 . TYR A 1 70  ? 3.548   14.606  -3.488  1.00 59.13  ? 160 TYR A CD1 1 
ATOM   597  C CD2 . TYR A 1 70  ? 3.693   12.513  -4.622  1.00 56.83  ? 160 TYR A CD2 1 
ATOM   598  C CE1 . TYR A 1 70  ? 3.902   15.263  -4.653  1.00 59.09  ? 160 TYR A CE1 1 
ATOM   599  C CE2 . TYR A 1 70  ? 4.029   13.161  -5.790  1.00 57.88  ? 160 TYR A CE2 1 
ATOM   600  C CZ  . TYR A 1 70  ? 4.140   14.532  -5.803  1.00 62.44  ? 160 TYR A CZ  1 
ATOM   601  O OH  . TYR A 1 70  ? 4.498   15.170  -6.974  1.00 73.16  ? 160 TYR A OH  1 
ATOM   602  N N   . LEU A 1 71  ? 1.116   10.532  -3.446  1.00 46.15  ? 161 LEU A N   1 
ATOM   603  C CA  . LEU A 1 71  ? 0.608   9.824   -4.604  1.00 45.24  ? 161 LEU A CA  1 
ATOM   604  C C   . LEU A 1 71  ? -0.897  9.591   -4.481  1.00 51.10  ? 161 LEU A C   1 
ATOM   605  O O   . LEU A 1 71  ? -1.634  9.769   -5.444  1.00 53.35  ? 161 LEU A O   1 
ATOM   606  C CB  . LEU A 1 71  ? 1.342   8.499   -4.797  1.00 47.52  ? 161 LEU A CB  1 
ATOM   607  C CG  . LEU A 1 71  ? 2.850   8.557   -5.026  1.00 47.49  ? 161 LEU A CG  1 
ATOM   608  C CD1 . LEU A 1 71  ? 3.450   7.168   -4.949  1.00 47.46  ? 161 LEU A CD1 1 
ATOM   609  C CD2 . LEU A 1 71  ? 3.166   9.191   -6.363  1.00 42.89  ? 161 LEU A CD2 1 
ATOM   610  N N   . GLY A 1 72  ? -1.356  9.192   -3.301  1.00 48.30  ? 162 GLY A N   1 
ATOM   611  C CA  . GLY A 1 72  ? -2.778  9.016   -3.082  1.00 49.89  ? 162 GLY A CA  1 
ATOM   612  C C   . GLY A 1 72  ? -3.522  10.305  -3.355  1.00 53.50  ? 162 GLY A C   1 
ATOM   613  O O   . GLY A 1 72  ? -4.491  10.319  -4.118  1.00 55.73  ? 162 GLY A O   1 
ATOM   614  N N   . GLY A 1 73  ? -3.054  11.391  -2.745  1.00 53.63  ? 163 GLY A N   1 
ATOM   615  C CA  . GLY A 1 73  ? -3.616  12.715  -2.966  1.00 53.05  ? 163 GLY A CA  1 
ATOM   616  C C   . GLY A 1 73  ? -3.615  13.126  -4.431  1.00 59.04  ? 163 GLY A C   1 
ATOM   617  O O   . GLY A 1 73  ? -4.585  13.698  -4.923  1.00 65.27  ? 163 GLY A O   1 
ATOM   618  N N   . ALA A 1 74  ? -2.525  12.828  -5.134  1.00 57.31  ? 164 ALA A N   1 
ATOM   619  C CA  . ALA A 1 74  ? -2.411  13.127  -6.558  1.00 56.99  ? 164 ALA A CA  1 
ATOM   620  C C   . ALA A 1 74  ? -3.509  12.424  -7.367  1.00 62.52  ? 164 ALA A C   1 
ATOM   621  O O   . ALA A 1 74  ? -4.168  13.047  -8.203  1.00 63.86  ? 164 ALA A O   1 
ATOM   622  C CB  . ALA A 1 74  ? -1.024  12.732  -7.086  1.00 48.60  ? 164 ALA A CB  1 
ATOM   623  N N   . VAL A 1 75  ? -3.696  11.129  -7.119  1.00 60.17  ? 165 VAL A N   1 
ATOM   624  C CA  . VAL A 1 75  ? -4.714  10.356  -7.826  1.00 61.09  ? 165 VAL A CA  1 
ATOM   625  C C   . VAL A 1 75  ? -6.116  10.880  -7.513  1.00 60.12  ? 165 VAL A C   1 
ATOM   626  O O   . VAL A 1 75  ? -6.945  11.024  -8.401  1.00 57.18  ? 165 VAL A O   1 
ATOM   627  C CB  . VAL A 1 75  ? -4.630  8.853   -7.482  1.00 58.13  ? 165 VAL A CB  1 
ATOM   628  C CG1 . VAL A 1 75  ? -5.828  8.101   -8.056  1.00 55.53  ? 165 VAL A CG1 1 
ATOM   629  C CG2 . VAL A 1 75  ? -3.319  8.260   -7.999  1.00 51.74  ? 165 VAL A CG2 1 
ATOM   630  N N   . GLU A 1 76  ? -6.363  11.195  -6.249  1.00 59.51  ? 166 GLU A N   1 
ATOM   631  C CA  . GLU A 1 76  ? -7.688  11.619  -5.831  1.00 58.43  ? 166 GLU A CA  1 
ATOM   632  C C   . GLU A 1 76  ? -8.055  12.982  -6.397  1.00 60.69  ? 166 GLU A C   1 
ATOM   633  O O   . GLU A 1 76  ? -9.190  13.196  -6.814  1.00 65.55  ? 166 GLU A O   1 
ATOM   634  C CB  . GLU A 1 76  ? -7.808  11.638  -4.303  1.00 52.55  ? 166 GLU A CB  1 
ATOM   635  C CG  . GLU A 1 76  ? -9.190  12.015  -3.838  1.00 49.70  ? 166 GLU A CG  1 
ATOM   636  C CD  . GLU A 1 76  ? -9.420  11.753  -2.371  1.00 54.34  ? 166 GLU A CD  1 
ATOM   637  O OE1 . GLU A 1 76  ? -8.445  11.726  -1.578  1.00 53.41  ? 166 GLU A OE1 1 
ATOM   638  O OE2 . GLU A 1 76  ? -10.599 11.574  -2.006  1.00 56.62  ? 166 GLU A OE2 1 
ATOM   639  N N   . LYS A 1 77  ? -7.104  13.906  -6.404  1.00 60.32  ? 167 LYS A N   1 
ATOM   640  C CA  . LYS A 1 77  ? -7.395  15.254  -6.872  1.00 63.59  ? 167 LYS A CA  1 
ATOM   641  C C   . LYS A 1 77  ? -7.716  15.216  -8.357  1.00 65.81  ? 167 LYS A C   1 
ATOM   642  O O   . LYS A 1 77  ? -8.724  15.764  -8.801  1.00 66.88  ? 167 LYS A O   1 
ATOM   643  C CB  . LYS A 1 77  ? -6.207  16.189  -6.620  1.00 60.54  ? 167 LYS A CB  1 
ATOM   644  N N   . ARG A 1 78  ? -6.859  14.531  -9.105  1.00 63.11  ? 168 ARG A N   1 
ATOM   645  C CA  . ARG A 1 78  ? -6.895  14.541  -10.560 1.00 57.80  ? 168 ARG A CA  1 
ATOM   646  C C   . ARG A 1 78  ? -7.783  13.462  -11.181 1.00 66.56  ? 168 ARG A C   1 
ATOM   647  O O   . ARG A 1 78  ? -8.283  13.646  -12.292 1.00 70.02  ? 168 ARG A O   1 
ATOM   648  C CB  . ARG A 1 78  ? -5.468  14.413  -11.111 1.00 59.29  ? 168 ARG A CB  1 
ATOM   649  N N   . LEU A 1 79  ? -7.966  12.332  -10.492 1.00 64.20  ? 169 LEU A N   1 
ATOM   650  C CA  . LEU A 1 79  ? -8.751  11.225  -11.058 1.00 56.40  ? 169 LEU A CA  1 
ATOM   651  C C   . LEU A 1 79  ? -10.000 10.889  -10.243 1.00 54.88  ? 169 LEU A C   1 
ATOM   652  O O   . LEU A 1 79  ? -10.898 10.204  -10.724 1.00 57.25  ? 169 LEU A O   1 
ATOM   653  C CB  . LEU A 1 79  ? -7.901  9.958   -11.258 1.00 56.54  ? 169 LEU A CB  1 
ATOM   654  C CG  . LEU A 1 79  ? -6.607  10.035  -12.079 1.00 61.44  ? 169 LEU A CG  1 
ATOM   655  C CD1 . LEU A 1 79  ? -5.936  8.671   -12.192 1.00 52.99  ? 169 LEU A CD1 1 
ATOM   656  C CD2 . LEU A 1 79  ? -6.873  10.621  -13.451 1.00 64.14  ? 169 LEU A CD2 1 
ATOM   657  N N   . GLY A 1 80  ? -10.062 11.357  -9.007  1.00 56.76  ? 170 GLY A N   1 
ATOM   658  C CA  . GLY A 1 80  ? -11.251 11.141  -8.207  1.00 56.13  ? 170 GLY A CA  1 
ATOM   659  C C   . GLY A 1 80  ? -11.123 10.116  -7.097  1.00 55.21  ? 170 GLY A C   1 
ATOM   660  O O   . GLY A 1 80  ? -10.339 9.167   -7.171  1.00 53.79  ? 170 GLY A O   1 
ATOM   661  N N   . SER A 1 81  ? -11.930 10.318  -6.064  1.00 51.29  ? 171 SER A N   1 
ATOM   662  C CA  . SER A 1 81  ? -11.900 9.494   -4.876  1.00 52.30  ? 171 SER A CA  1 
ATOM   663  C C   . SER A 1 81  ? -12.066 8.017   -5.185  1.00 55.67  ? 171 SER A C   1 
ATOM   664  O O   . SER A 1 81  ? -11.418 7.166   -4.558  1.00 54.00  ? 171 SER A O   1 
ATOM   665  C CB  . SER A 1 81  ? -12.982 9.950   -3.910  1.00 47.04  ? 171 SER A CB  1 
ATOM   666  O OG  . SER A 1 81  ? -12.703 11.257  -3.453  1.00 52.37  ? 171 SER A OG  1 
ATOM   667  N N   . GLY A 1 82  ? -12.930 7.723   -6.154  1.00 55.14  ? 172 GLY A N   1 
ATOM   668  C CA  . GLY A 1 82  ? -13.271 6.355   -6.495  1.00 50.03  ? 172 GLY A CA  1 
ATOM   669  C C   . GLY A 1 82  ? -12.090 5.615   -7.088  1.00 50.33  ? 172 GLY A C   1 
ATOM   670  O O   . GLY A 1 82  ? -11.912 4.426   -6.852  1.00 55.54  ? 172 GLY A O   1 
ATOM   671  N N   . LYS A 1 83  ? -11.275 6.313   -7.866  1.00 48.01  ? 173 LYS A N   1 
ATOM   672  C CA  . LYS A 1 83  ? -10.106 5.685   -8.465  1.00 51.89  ? 173 LYS A CA  1 
ATOM   673  C C   . LYS A 1 83  ? -9.141  5.242   -7.360  1.00 54.08  ? 173 LYS A C   1 
ATOM   674  O O   . LYS A 1 83  ? -8.666  4.103   -7.339  1.00 54.74  ? 173 LYS A O   1 
ATOM   675  C CB  . LYS A 1 83  ? -9.421  6.650   -9.431  1.00 50.84  ? 173 LYS A CB  1 
ATOM   676  C CG  . LYS A 1 83  ? -8.159  6.123   -10.052 1.00 53.28  ? 173 LYS A CG  1 
ATOM   677  C CD  . LYS A 1 83  ? -8.399  4.848   -10.833 1.00 55.78  ? 173 LYS A CD  1 
ATOM   678  C CE  . LYS A 1 83  ? -9.171  5.099   -12.108 1.00 55.30  ? 173 LYS A CE  1 
ATOM   679  N NZ  . LYS A 1 83  ? -9.153  3.878   -12.941 1.00 54.84  ? 173 LYS A NZ  1 
ATOM   680  N N   . LEU A 1 84  ? -8.875  6.147   -6.431  1.00 52.05  ? 174 LEU A N   1 
ATOM   681  C CA  . LEU A 1 84  ? -8.004  5.844   -5.319  1.00 52.26  ? 174 LEU A CA  1 
ATOM   682  C C   . LEU A 1 84  ? -8.546  4.654   -4.533  1.00 48.97  ? 174 LEU A C   1 
ATOM   683  O O   . LEU A 1 84  ? -7.783  3.777   -4.142  1.00 48.67  ? 174 LEU A O   1 
ATOM   684  C CB  . LEU A 1 84  ? -7.810  7.075   -4.426  1.00 48.91  ? 174 LEU A CB  1 
ATOM   685  C CG  . LEU A 1 84  ? -6.748  6.934   -3.337  1.00 45.93  ? 174 LEU A CG  1 
ATOM   686  C CD1 . LEU A 1 84  ? -5.431  6.377   -3.882  1.00 43.04  ? 174 LEU A CD1 1 
ATOM   687  C CD2 . LEU A 1 84  ? -6.545  8.280   -2.670  1.00 48.59  ? 174 LEU A CD2 1 
ATOM   688  N N   . ILE A 1 85  ? -9.861  4.610   -4.336  1.00 48.94  ? 175 ILE A N   1 
ATOM   689  C CA  . ILE A 1 85  ? -10.476 3.522   -3.580  1.00 47.45  ? 175 ILE A CA  1 
ATOM   690  C C   . ILE A 1 85  ? -10.197 2.170   -4.232  1.00 48.53  ? 175 ILE A C   1 
ATOM   691  O O   . ILE A 1 85  ? -9.869  1.193   -3.563  1.00 47.54  ? 175 ILE A O   1 
ATOM   692  C CB  . ILE A 1 85  ? -12.010 3.703   -3.454  1.00 52.12  ? 175 ILE A CB  1 
ATOM   693  C CG1 . ILE A 1 85  ? -12.349 4.871   -2.528  1.00 52.25  ? 175 ILE A CG1 1 
ATOM   694  C CG2 . ILE A 1 85  ? -12.671 2.419   -2.938  1.00 51.18  ? 175 ILE A CG2 1 
ATOM   695  C CD1 . ILE A 1 85  ? -13.819 4.983   -2.199  1.00 51.91  ? 175 ILE A CD1 1 
ATOM   696  N N   . VAL A 1 86  ? -10.318 2.130   -5.550  1.00 48.56  ? 176 VAL A N   1 
ATOM   697  C CA  . VAL A 1 86  ? -10.235 0.877   -6.286  1.00 49.00  ? 176 VAL A CA  1 
ATOM   698  C C   . VAL A 1 86  ? -8.784  0.430   -6.433  1.00 49.33  ? 176 VAL A C   1 
ATOM   699  O O   . VAL A 1 86  ? -8.489  -0.759  -6.339  1.00 51.42  ? 176 VAL A O   1 
ATOM   700  C CB  . VAL A 1 86  ? -10.963 0.983   -7.671  1.00 51.89  ? 176 VAL A CB  1 
ATOM   701  C CG1 . VAL A 1 86  ? -10.772 -0.255  -8.486  1.00 46.19  ? 176 VAL A CG1 1 
ATOM   702  C CG2 . VAL A 1 86  ? -12.448 1.213   -7.465  1.00 49.67  ? 176 VAL A CG2 1 
ATOM   703  N N   . ILE A 1 87  ? -7.876  1.379   -6.657  1.00 49.80  ? 177 ILE A N   1 
ATOM   704  C CA  . ILE A 1 87  ? -6.453  1.070   -6.626  1.00 49.78  ? 177 ILE A CA  1 
ATOM   705  C C   . ILE A 1 87  ? -6.100  0.473   -5.274  1.00 46.46  ? 177 ILE A C   1 
ATOM   706  O O   . ILE A 1 87  ? -5.408  -0.541  -5.196  1.00 48.15  ? 177 ILE A O   1 
ATOM   707  C CB  . ILE A 1 87  ? -5.570  2.318   -6.886  1.00 55.66  ? 177 ILE A CB  1 
ATOM   708  C CG1 . ILE A 1 87  ? -5.804  2.849   -8.314  1.00 54.50  ? 177 ILE A CG1 1 
ATOM   709  C CG2 . ILE A 1 87  ? -4.067  1.991   -6.618  1.00 44.30  ? 177 ILE A CG2 1 
ATOM   710  C CD1 . ILE A 1 87  ? -4.902  4.007   -8.705  1.00 53.50  ? 177 ILE A CD1 1 
ATOM   711  N N   . THR A 1 88  ? -6.612  1.082   -4.212  1.00 44.02  ? 178 THR A N   1 
ATOM   712  C CA  . THR A 1 88  ? -6.316  0.620   -2.864  1.00 46.46  ? 178 THR A CA  1 
ATOM   713  C C   . THR A 1 88  ? -6.830  -0.794  -2.558  1.00 48.22  ? 178 THR A C   1 
ATOM   714  O O   . THR A 1 88  ? -6.042  -1.656  -2.117  1.00 49.30  ? 178 THR A O   1 
ATOM   715  C CB  . THR A 1 88  ? -6.848  1.592   -1.813  1.00 44.27  ? 178 THR A CB  1 
ATOM   716  O OG1 . THR A 1 88  ? -6.343  2.898   -2.089  1.00 45.81  ? 178 THR A OG1 1 
ATOM   717  C CG2 . THR A 1 88  ? -6.400  1.167   -0.441  1.00 39.54  ? 178 THR A CG2 1 
ATOM   718  N N   . LEU A 1 89  ? -8.125  -1.032  -2.792  1.00 44.71  ? 179 LEU A N   1 
ATOM   719  C CA  . LEU A 1 89  ? -8.733  -2.358  -2.563  1.00 45.73  ? 179 LEU A CA  1 
ATOM   720  C C   . LEU A 1 89  ? -8.022  -3.469  -3.315  1.00 44.71  ? 179 LEU A C   1 
ATOM   721  O O   . LEU A 1 89  ? -7.802  -4.549  -2.772  1.00 45.43  ? 179 LEU A O   1 
ATOM   722  C CB  . LEU A 1 89  ? -10.207 -2.388  -2.986  1.00 50.29  ? 179 LEU A CB  1 
ATOM   723  C CG  . LEU A 1 89  ? -11.287 -1.770  -2.098  1.00 52.37  ? 179 LEU A CG  1 
ATOM   724  C CD1 . LEU A 1 89  ? -12.638 -2.052  -2.707  1.00 48.43  ? 179 LEU A CD1 1 
ATOM   725  C CD2 . LEU A 1 89  ? -11.199 -2.306  -0.664  1.00 51.87  ? 179 LEU A CD2 1 
ATOM   726  N N   . ILE A 1 90  ? -7.677  -3.207  -4.571  1.00 41.18  ? 180 ILE A N   1 
ATOM   727  C CA  . ILE A 1 90  ? -7.073  -4.235  -5.413  1.00 44.98  ? 180 ILE A CA  1 
ATOM   728  C C   . ILE A 1 90  ? -5.640  -4.567  -4.976  1.00 46.16  ? 180 ILE A C   1 
ATOM   729  O O   . ILE A 1 90  ? -5.283  -5.751  -4.835  1.00 43.29  ? 180 ILE A O   1 
ATOM   730  C CB  . ILE A 1 90  ? -7.113  -3.838  -6.914  1.00 45.42  ? 180 ILE A CB  1 
ATOM   731  C CG1 . ILE A 1 90  ? -8.573  -3.656  -7.384  1.00 46.68  ? 180 ILE A CG1 1 
ATOM   732  C CG2 . ILE A 1 90  ? -6.376  -4.867  -7.756  1.00 38.70  ? 180 ILE A CG2 1 
ATOM   733  C CD1 . ILE A 1 90  ? -8.752  -3.182  -8.842  1.00 45.07  ? 180 ILE A CD1 1 
ATOM   734  N N   . SER A 1 91  ? -4.826  -3.523  -4.769  1.00 46.28  ? 181 SER A N   1 
ATOM   735  C CA  . SER A 1 91  ? -3.431  -3.699  -4.354  1.00 46.64  ? 181 SER A CA  1 
ATOM   736  C C   . SER A 1 91  ? -3.331  -4.341  -2.949  1.00 47.07  ? 181 SER A C   1 
ATOM   737  O O   . SER A 1 91  ? -2.537  -5.262  -2.746  1.00 43.40  ? 181 SER A O   1 
ATOM   738  C CB  . SER A 1 91  ? -2.654  -2.371  -4.427  1.00 42.88  ? 181 SER A CB  1 
ATOM   739  O OG  . SER A 1 91  ? -3.259  -1.324  -3.651  1.00 43.89  ? 181 SER A OG  1 
ATOM   740  N N   . ALA A 1 92  ? -4.155  -3.875  -2.007  1.00 37.76  ? 182 ALA A N   1 
ATOM   741  C CA  . ALA A 1 92  ? -4.167  -4.444  -0.658  1.00 43.33  ? 182 ALA A CA  1 
ATOM   742  C C   . ALA A 1 92  ? -4.444  -5.938  -0.693  1.00 40.63  ? 182 ALA A C   1 
ATOM   743  O O   . ALA A 1 92  ? -3.736  -6.728  -0.066  1.00 41.92  ? 182 ALA A O   1 
ATOM   744  C CB  . ALA A 1 92  ? -5.197  -3.721  0.245   1.00 41.03  ? 182 ALA A CB  1 
ATOM   745  N N   . LEU A 1 93  ? -5.460  -6.313  -1.461  1.00 41.19  ? 183 LEU A N   1 
ATOM   746  C CA  . LEU A 1 93  ? -5.879  -7.705  -1.606  1.00 44.48  ? 183 LEU A CA  1 
ATOM   747  C C   . LEU A 1 93  ? -4.873  -8.586  -2.334  1.00 43.72  ? 183 LEU A C   1 
ATOM   748  O O   . LEU A 1 93  ? -4.578  -9.692  -1.879  1.00 43.90  ? 183 LEU A O   1 
ATOM   749  C CB  . LEU A 1 93  ? -7.183  -7.754  -2.379  1.00 48.75  ? 183 LEU A CB  1 
ATOM   750  C CG  . LEU A 1 93  ? -8.210  -8.858  -2.127  1.00 48.10  ? 183 LEU A CG  1 
ATOM   751  C CD1 . LEU A 1 93  ? -8.719  -9.325  -3.456  1.00 43.17  ? 183 LEU A CD1 1 
ATOM   752  C CD2 . LEU A 1 93  ? -7.702  -10.019 -1.278  1.00 46.29  ? 183 LEU A CD2 1 
ATOM   753  N N   . LEU A 1 94  ? -4.382  -8.113  -3.478  1.00 42.31  ? 184 LEU A N   1 
ATOM   754  C CA  . LEU A 1 94  ? -3.430  -8.887  -4.280  1.00 45.69  ? 184 LEU A CA  1 
ATOM   755  C C   . LEU A 1 94  ? -2.015  -8.964  -3.673  1.00 47.88  ? 184 LEU A C   1 
ATOM   756  O O   . LEU A 1 94  ? -1.379  -10.028 -3.681  1.00 46.36  ? 184 LEU A O   1 
ATOM   757  C CB  . LEU A 1 94  ? -3.365  -8.349  -5.711  1.00 46.34  ? 184 LEU A CB  1 
ATOM   758  C CG  . LEU A 1 94  ? -4.200  -9.086  -6.771  1.00 47.44  ? 184 LEU A CG  1 
ATOM   759  C CD1 . LEU A 1 94  ? -5.678  -8.959  -6.469  1.00 45.70  ? 184 LEU A CD1 1 
ATOM   760  C CD2 . LEU A 1 94  ? -3.902  -8.550  -8.156  1.00 41.20  ? 184 LEU A CD2 1 
ATOM   761  N N   . SER A 1 95  ? -1.524  -7.840  -3.154  1.00 46.03  ? 185 SER A N   1 
ATOM   762  C CA  . SER A 1 95  ? -0.257  -7.842  -2.455  1.00 44.79  ? 185 SER A CA  1 
ATOM   763  C C   . SER A 1 95  ? -0.419  -8.687  -1.199  1.00 44.17  ? 185 SER A C   1 
ATOM   764  O O   . SER A 1 95  ? 0.468   -9.471  -0.860  1.00 41.80  ? 185 SER A O   1 
ATOM   765  C CB  . SER A 1 95  ? 0.202   -6.422  -2.115  1.00 38.99  ? 185 SER A CB  1 
ATOM   766  O OG  . SER A 1 95  ? 1.375   -6.462  -1.331  1.00 46.38  ? 185 SER A OG  1 
ATOM   767  N N   . GLY A 1 96  ? -1.564  -8.545  -0.529  1.00 41.23  ? 186 GLY A N   1 
ATOM   768  C CA  . GLY A 1 96  ? -1.834  -9.327  0.667   1.00 42.57  ? 186 GLY A CA  1 
ATOM   769  C C   . GLY A 1 96  ? -1.729  -10.813 0.369   1.00 45.45  ? 186 GLY A C   1 
ATOM   770  O O   . GLY A 1 96  ? -1.118  -11.597 1.114   1.00 43.13  ? 186 GLY A O   1 
ATOM   771  N N   . TYR A 1 97  ? -2.311  -11.195 -0.761  1.00 46.27  ? 187 TYR A N   1 
ATOM   772  C CA  . TYR A 1 97  ? -2.339  -12.582 -1.168  1.00 46.51  ? 187 TYR A CA  1 
ATOM   773  C C   . TYR A 1 97  ? -0.934  -13.109 -1.442  1.00 48.56  ? 187 TYR A C   1 
ATOM   774  O O   . TYR A 1 97  ? -0.577  -14.188 -0.977  1.00 49.14  ? 187 TYR A O   1 
ATOM   775  C CB  . TYR A 1 97  ? -3.236  -12.780 -2.397  1.00 51.12  ? 187 TYR A CB  1 
ATOM   776  C CG  . TYR A 1 97  ? -3.288  -14.229 -2.813  1.00 51.35  ? 187 TYR A CG  1 
ATOM   777  C CD1 . TYR A 1 97  ? -4.062  -15.144 -2.105  1.00 60.09  ? 187 TYR A CD1 1 
ATOM   778  C CD2 . TYR A 1 97  ? -2.524  -14.699 -3.874  1.00 54.10  ? 187 TYR A CD2 1 
ATOM   779  C CE1 . TYR A 1 97  ? -4.100  -16.491 -2.458  1.00 57.64  ? 187 TYR A CE1 1 
ATOM   780  C CE2 . TYR A 1 97  ? -2.552  -16.041 -4.235  1.00 62.05  ? 187 TYR A CE2 1 
ATOM   781  C CZ  . TYR A 1 97  ? -3.343  -16.930 -3.518  1.00 63.06  ? 187 TYR A CZ  1 
ATOM   782  O OH  . TYR A 1 97  ? -3.379  -18.265 -3.860  1.00 72.38  ? 187 TYR A OH  1 
ATOM   783  N N   . VAL A 1 98  ? -0.150  -12.341 -2.199  1.00 46.55  ? 188 VAL A N   1 
ATOM   784  C CA  . VAL A 1 98  ? 1.250   -12.660 -2.448  1.00 44.58  ? 188 VAL A CA  1 
ATOM   785  C C   . VAL A 1 98  ? 2.094   -12.733 -1.171  1.00 49.11  ? 188 VAL A C   1 
ATOM   786  O O   . VAL A 1 98  ? 2.828   -13.705 -0.978  1.00 54.91  ? 188 VAL A O   1 
ATOM   787  C CB  . VAL A 1 98  ? 1.892   -11.669 -3.441  1.00 51.41  ? 188 VAL A CB  1 
ATOM   788  C CG1 . VAL A 1 98  ? 3.414   -11.849 -3.487  1.00 45.42  ? 188 VAL A CG1 1 
ATOM   789  C CG2 . VAL A 1 98  ? 1.262   -11.821 -4.846  1.00 40.73  ? 188 VAL A CG2 1 
ATOM   790  N N   . GLN A 1 99  ? 1.988   -11.725 -0.304  1.00 45.95  ? 189 GLN A N   1 
ATOM   791  C CA  . GLN A 1 99  ? 2.695   -11.737 0.981   1.00 46.78  ? 189 GLN A CA  1 
ATOM   792  C C   . GLN A 1 99  ? 2.415   -13.015 1.753   1.00 51.42  ? 189 GLN A C   1 
ATOM   793  O O   . GLN A 1 99  ? 3.324   -13.651 2.260   1.00 53.42  ? 189 GLN A O   1 
ATOM   794  C CB  . GLN A 1 99  ? 2.306   -10.542 1.867   1.00 44.74  ? 189 GLN A CB  1 
ATOM   795  C CG  . GLN A 1 99  ? 2.615   -9.169  1.292   1.00 46.34  ? 189 GLN A CG  1 
ATOM   796  C CD  . GLN A 1 99  ? 3.835   -9.166  0.380   1.00 53.08  ? 189 GLN A CD  1 
ATOM   797  O OE1 . GLN A 1 99  ? 4.953   -9.464  0.813   1.00 58.40  ? 189 GLN A OE1 1 
ATOM   798  N NE2 . GLN A 1 99  ? 3.626   -8.826  -0.889  1.00 48.85  ? 189 GLN A NE2 1 
ATOM   799  N N   . GLN A 1 100 ? 1.140   -13.372 1.839   1.00 51.67  ? 190 GLN A N   1 
ATOM   800  C CA  . GLN A 1 100 ? 0.697   -14.547 2.583   1.00 49.32  ? 190 GLN A CA  1 
ATOM   801  C C   . GLN A 1 100 ? 1.350   -15.838 2.076   1.00 53.67  ? 190 GLN A C   1 
ATOM   802  O O   . GLN A 1 100 ? 1.752   -16.687 2.866   1.00 55.74  ? 190 GLN A O   1 
ATOM   803  C CB  . GLN A 1 100 ? -0.831  -14.638 2.503   1.00 48.72  ? 190 GLN A CB  1 
ATOM   804  C CG  . GLN A 1 100 ? -1.471  -15.633 3.438   1.00 51.59  ? 190 GLN A CG  1 
ATOM   805  C CD  . GLN A 1 100 ? -1.356  -17.058 2.935   1.00 58.16  ? 190 GLN A CD  1 
ATOM   806  O OE1 . GLN A 1 100 ? -1.456  -17.319 1.727   1.00 55.77  ? 190 GLN A OE1 1 
ATOM   807  N NE2 . GLN A 1 100 ? -1.115  -17.987 3.856   1.00 56.17  ? 190 GLN A NE2 1 
ATOM   808  N N   . LYS A 1 101 ? 1.448   -15.987 0.757   1.00 53.04  ? 191 LYS A N   1 
ATOM   809  C CA  . LYS A 1 101 ? 2.037   -17.188 0.174   1.00 60.52  ? 191 LYS A CA  1 
ATOM   810  C C   . LYS A 1 101 ? 3.521   -17.329 0.530   1.00 59.86  ? 191 LYS A C   1 
ATOM   811  O O   . LYS A 1 101 ? 4.016   -18.432 0.727   1.00 60.70  ? 191 LYS A O   1 
ATOM   812  C CB  . LYS A 1 101 ? 1.848   -17.214 -1.352  1.00 55.31  ? 191 LYS A CB  1 
ATOM   813  N N   . PHE A 1 102 ? 4.219   -16.206 0.624   1.00 60.45  ? 192 PHE A N   1 
ATOM   814  C CA  . PHE A 1 102 ? 5.662   -16.220 0.868   1.00 65.66  ? 192 PHE A CA  1 
ATOM   815  C C   . PHE A 1 102 ? 6.063   -16.120 2.327   1.00 64.45  ? 192 PHE A C   1 
ATOM   816  O O   . PHE A 1 102 ? 7.025   -16.748 2.763   1.00 67.64  ? 192 PHE A O   1 
ATOM   817  C CB  . PHE A 1 102 ? 6.350   -15.121 0.062   1.00 62.46  ? 192 PHE A CB  1 
ATOM   818  C CG  . PHE A 1 102 ? 6.485   -15.468 -1.373  1.00 72.45  ? 192 PHE A CG  1 
ATOM   819  C CD1 . PHE A 1 102 ? 5.438   -15.232 -2.255  1.00 68.76  ? 192 PHE A CD1 1 
ATOM   820  C CD2 . PHE A 1 102 ? 7.631   -16.102 -1.839  1.00 81.77  ? 192 PHE A CD2 1 
ATOM   821  C CE1 . PHE A 1 102 ? 5.544   -15.591 -3.590  1.00 72.20  ? 192 PHE A CE1 1 
ATOM   822  C CE2 . PHE A 1 102 ? 7.749   -16.468 -3.177  1.00 85.70  ? 192 PHE A CE2 1 
ATOM   823  C CZ  . PHE A 1 102 ? 6.700   -16.214 -4.055  1.00 81.08  ? 192 PHE A CZ  1 
ATOM   824  N N   . SER A 1 103 ? 5.326   -15.329 3.084   1.00 61.49  ? 193 SER A N   1 
ATOM   825  C CA  . SER A 1 103 ? 5.715   -15.042 4.443   1.00 57.59  ? 193 SER A CA  1 
ATOM   826  C C   . SER A 1 103 ? 4.667   -15.530 5.469   1.00 56.13  ? 193 SER A C   1 
ATOM   827  O O   . SER A 1 103 ? 4.835   -15.343 6.674   1.00 53.11  ? 193 SER A O   1 
ATOM   828  C CB  . SER A 1 103 ? 5.999   -13.533 4.572   1.00 58.55  ? 193 SER A CB  1 
ATOM   829  O OG  . SER A 1 103 ? 4.837   -12.798 4.937   1.00 60.98  ? 193 SER A OG  1 
ATOM   830  N N   . GLY A 1 104 ? 3.595   -16.169 5.009   1.00 50.89  ? 194 GLY A N   1 
ATOM   831  C CA  . GLY A 1 104 ? 2.529   -16.533 5.930   1.00 49.40  ? 194 GLY A CA  1 
ATOM   832  C C   . GLY A 1 104 ? 1.669   -15.340 6.332   1.00 53.78  ? 194 GLY A C   1 
ATOM   833  O O   . GLY A 1 104 ? 1.926   -14.213 5.914   1.00 56.96  ? 194 GLY A O   1 
ATOM   834  N N   . PRO A 1 105 ? 0.638   -15.577 7.154   1.00 51.96  ? 195 PRO A N   1 
ATOM   835  C CA  . PRO A 1 105 ? -0.411  -14.584 7.425   1.00 50.32  ? 195 PRO A CA  1 
ATOM   836  C C   . PRO A 1 105 ? -0.017  -13.465 8.389   1.00 51.44  ? 195 PRO A C   1 
ATOM   837  O O   . PRO A 1 105 ? -0.851  -12.620 8.731   1.00 50.61  ? 195 PRO A O   1 
ATOM   838  C CB  . PRO A 1 105 ? -1.507  -15.428 8.078   1.00 52.22  ? 195 PRO A CB  1 
ATOM   839  C CG  . PRO A 1 105 ? -0.756  -16.516 8.772   1.00 47.61  ? 195 PRO A CG  1 
ATOM   840  C CD  . PRO A 1 105 ? 0.389   -16.848 7.859   1.00 50.93  ? 195 PRO A CD  1 
ATOM   841  N N   . TRP A 1 106 ? 1.223   -13.460 8.850   1.00 52.60  ? 196 TRP A N   1 
ATOM   842  C CA  . TRP A 1 106 ? 1.622   -12.466 9.831   1.00 50.37  ? 196 TRP A CA  1 
ATOM   843  C C   . TRP A 1 106 ? 2.463   -11.373 9.166   1.00 52.43  ? 196 TRP A C   1 
ATOM   844  O O   . TRP A 1 106 ? 3.684   -11.482 9.078   1.00 58.65  ? 196 TRP A O   1 
ATOM   845  C CB  . TRP A 1 106 ? 2.347   -13.134 11.000  1.00 52.11  ? 196 TRP A CB  1 
ATOM   846  C CG  . TRP A 1 106 ? 1.520   -14.214 11.670  1.00 53.63  ? 196 TRP A CG  1 
ATOM   847  C CD1 . TRP A 1 106 ? 1.618   -15.563 11.480  1.00 50.99  ? 196 TRP A CD1 1 
ATOM   848  C CD2 . TRP A 1 106 ? 0.455   -14.021 12.616  1.00 51.99  ? 196 TRP A CD2 1 
ATOM   849  N NE1 . TRP A 1 106 ? 0.689   -16.223 12.262  1.00 50.72  ? 196 TRP A NE1 1 
ATOM   850  C CE2 . TRP A 1 106 ? -0.034  -15.301 12.965  1.00 42.84  ? 196 TRP A CE2 1 
ATOM   851  C CE3 . TRP A 1 106 ? -0.135  -12.888 13.198  1.00 52.78  ? 196 TRP A CE3 1 
ATOM   852  C CZ2 . TRP A 1 106 ? -1.076  -15.484 13.864  1.00 49.58  ? 196 TRP A CZ2 1 
ATOM   853  C CZ3 . TRP A 1 106 ? -1.177  -13.069 14.102  1.00 54.90  ? 196 TRP A CZ3 1 
ATOM   854  C CH2 . TRP A 1 106 ? -1.635  -14.363 14.427  1.00 54.45  ? 196 TRP A CH2 1 
ATOM   855  N N   . PHE A 1 107 ? 1.787   -10.337 8.677   1.00 45.05  ? 197 PHE A N   1 
ATOM   856  C CA  . PHE A 1 107 ? 2.422   -9.243  7.954   1.00 43.70  ? 197 PHE A CA  1 
ATOM   857  C C   . PHE A 1 107 ? 1.533   -8.002  8.046   1.00 43.04  ? 197 PHE A C   1 
ATOM   858  O O   . PHE A 1 107 ? 0.382   -8.083  8.474   1.00 43.22  ? 197 PHE A O   1 
ATOM   859  C CB  . PHE A 1 107 ? 2.719   -9.623  6.484   1.00 41.02  ? 197 PHE A CB  1 
ATOM   860  C CG  . PHE A 1 107 ? 1.486   -9.820  5.640   1.00 48.90  ? 197 PHE A CG  1 
ATOM   861  C CD1 . PHE A 1 107 ? 0.896   -8.742  4.974   1.00 43.91  ? 197 PHE A CD1 1 
ATOM   862  C CD2 . PHE A 1 107 ? 0.908   -11.080 5.513   1.00 46.92  ? 197 PHE A CD2 1 
ATOM   863  C CE1 . PHE A 1 107 ? -0.242  -8.929  4.209   1.00 45.72  ? 197 PHE A CE1 1 
ATOM   864  C CE2 . PHE A 1 107 ? -0.224  -11.270 4.747   1.00 44.13  ? 197 PHE A CE2 1 
ATOM   865  C CZ  . PHE A 1 107 ? -0.802  -10.203 4.096   1.00 45.30  ? 197 PHE A CZ  1 
ATOM   866  N N   . GLY A 1 108 ? 2.064   -6.853  7.647   1.00 42.88  ? 198 GLY A N   1 
ATOM   867  C CA  . GLY A 1 108 ? 1.310   -5.617  7.725   1.00 41.97  ? 198 GLY A CA  1 
ATOM   868  C C   . GLY A 1 108 ? 2.013   -4.473  7.041   1.00 41.93  ? 198 GLY A C   1 
ATOM   869  O O   . GLY A 1 108 ? 3.213   -4.524  6.801   1.00 41.16  ? 198 GLY A O   1 
ATOM   870  N N   . GLY A 1 109 ? 1.265   -3.431  6.721   1.00 42.10  ? 199 GLY A N   1 
ATOM   871  C CA  . GLY A 1 109 ? 1.858   -2.264  6.108   1.00 39.91  ? 199 GLY A CA  1 
ATOM   872  C C   . GLY A 1 109 ? 1.176   -1.853  4.827   1.00 44.28  ? 199 GLY A C   1 
ATOM   873  O O   . GLY A 1 109 ? 0.608   -2.678  4.105   1.00 46.23  ? 199 GLY A O   1 
ATOM   874  N N   . LEU A 1 110 ? 1.268   -0.561  4.531   1.00 45.41  ? 200 LEU A N   1 
ATOM   875  C CA  . LEU A 1 110 ? 0.556   0.040   3.416   1.00 43.32  ? 200 LEU A CA  1 
ATOM   876  C C   . LEU A 1 110 ? 1.400   -0.013  2.146   1.00 42.35  ? 200 LEU A C   1 
ATOM   877  O O   . LEU A 1 110 ? 0.973   0.428   1.079   1.00 40.81  ? 200 LEU A O   1 
ATOM   878  C CB  . LEU A 1 110 ? 0.206   1.487   3.775   1.00 42.79  ? 200 LEU A CB  1 
ATOM   879  C CG  . LEU A 1 110 ? -0.774  2.253   2.885   1.00 44.80  ? 200 LEU A CG  1 
ATOM   880  C CD1 . LEU A 1 110 ? -2.089  1.495   2.773   1.00 39.54  ? 200 LEU A CD1 1 
ATOM   881  C CD2 . LEU A 1 110 ? -0.976  3.671   3.429   1.00 41.79  ? 200 LEU A CD2 1 
ATOM   882  N N   . SER A 1 111 ? 2.592   -0.585  2.250   1.00 40.27  ? 201 SER A N   1 
ATOM   883  C CA  . SER A 1 111 ? 3.566   -0.439  1.174   1.00 43.81  ? 201 SER A CA  1 
ATOM   884  C C   . SER A 1 111 ? 3.186   -1.160  -0.127  1.00 40.21  ? 201 SER A C   1 
ATOM   885  O O   . SER A 1 111 ? 3.663   -0.793  -1.196  1.00 40.93  ? 201 SER A O   1 
ATOM   886  C CB  . SER A 1 111 ? 4.966   -0.860  1.636   1.00 42.82  ? 201 SER A CB  1 
ATOM   887  O OG  . SER A 1 111 ? 5.028   -2.269  1.738   1.00 47.52  ? 201 SER A OG  1 
ATOM   888  N N   . GLY A 1 112 ? 2.349   -2.184  -0.036  1.00 40.75  ? 202 GLY A N   1 
ATOM   889  C CA  . GLY A 1 112 ? 1.872   -2.870  -1.227  1.00 40.51  ? 202 GLY A CA  1 
ATOM   890  C C   . GLY A 1 112 ? 1.077   -1.875  -2.056  1.00 42.31  ? 202 GLY A C   1 
ATOM   891  O O   . GLY A 1 112 ? 1.284   -1.730  -3.273  1.00 42.83  ? 202 GLY A O   1 
ATOM   892  N N   . VAL A 1 113 ? 0.195   -1.157  -1.364  1.00 37.36  ? 203 VAL A N   1 
ATOM   893  C CA  . VAL A 1 113 ? -0.604  -0.092  -1.951  1.00 38.61  ? 203 VAL A CA  1 
ATOM   894  C C   . VAL A 1 113 ? 0.267   1.054   -2.472  1.00 43.45  ? 203 VAL A C   1 
ATOM   895  O O   . VAL A 1 113 ? 0.040   1.578   -3.571  1.00 44.23  ? 203 VAL A O   1 
ATOM   896  C CB  . VAL A 1 113 ? -1.601  0.465   -0.922  1.00 41.71  ? 203 VAL A CB  1 
ATOM   897  C CG1 . VAL A 1 113 ? -2.418  1.605   -1.532  1.00 41.91  ? 203 VAL A CG1 1 
ATOM   898  C CG2 . VAL A 1 113 ? -2.490  -0.652  -0.371  1.00 36.05  ? 203 VAL A CG2 1 
ATOM   899  N N   . VAL A 1 114 ? 1.259   1.444   -1.672  1.00 41.44  ? 204 VAL A N   1 
ATOM   900  C CA  . VAL A 1 114 ? 2.211   2.470   -2.073  1.00 41.98  ? 204 VAL A CA  1 
ATOM   901  C C   . VAL A 1 114 ? 2.964   2.092   -3.368  1.00 42.14  ? 204 VAL A C   1 
ATOM   902  O O   . VAL A 1 114 ? 3.104   2.920   -4.270  1.00 41.64  ? 204 VAL A O   1 
ATOM   903  C CB  . VAL A 1 114 ? 3.207   2.823   -0.905  1.00 45.29  ? 204 VAL A CB  1 
ATOM   904  C CG1 . VAL A 1 114 ? 4.375   3.711   -1.397  1.00 40.26  ? 204 VAL A CG1 1 
ATOM   905  C CG2 . VAL A 1 114 ? 2.459   3.491   0.235   1.00 37.99  ? 204 VAL A CG2 1 
ATOM   906  N N   . TYR A 1 115 ? 3.434   0.851   -3.462  1.00 41.75  ? 205 TYR A N   1 
ATOM   907  C CA  . TYR A 1 115 ? 4.113   0.396   -4.677  1.00 44.75  ? 205 TYR A CA  1 
ATOM   908  C C   . TYR A 1 115 ? 3.167   0.433   -5.863  1.00 48.62  ? 205 TYR A C   1 
ATOM   909  O O   . TYR A 1 115 ? 3.560   0.824   -6.958  1.00 47.44  ? 205 TYR A O   1 
ATOM   910  C CB  . TYR A 1 115 ? 4.699   -1.011  -4.513  1.00 46.44  ? 205 TYR A CB  1 
ATOM   911  C CG  . TYR A 1 115 ? 5.920   -1.043  -3.605  1.00 50.23  ? 205 TYR A CG  1 
ATOM   912  C CD1 . TYR A 1 115 ? 6.909   -0.082  -3.720  1.00 49.61  ? 205 TYR A CD1 1 
ATOM   913  C CD2 . TYR A 1 115 ? 6.068   -2.021  -2.625  1.00 46.76  ? 205 TYR A CD2 1 
ATOM   914  C CE1 . TYR A 1 115 ? 8.017   -0.093  -2.900  1.00 50.94  ? 205 TYR A CE1 1 
ATOM   915  C CE2 . TYR A 1 115 ? 7.166   -2.039  -1.800  1.00 50.31  ? 205 TYR A CE2 1 
ATOM   916  C CZ  . TYR A 1 115 ? 8.144   -1.067  -1.939  1.00 53.79  ? 205 TYR A CZ  1 
ATOM   917  O OH  . TYR A 1 115 ? 9.255   -1.060  -1.118  1.00 55.28  ? 205 TYR A OH  1 
ATOM   918  N N   . ALA A 1 116 ? 1.914   0.044   -5.633  1.00 46.87  ? 206 ALA A N   1 
ATOM   919  C CA  . ALA A 1 116 ? 0.919   0.073   -6.691  1.00 46.54  ? 206 ALA A CA  1 
ATOM   920  C C   . ALA A 1 116 ? 0.707   1.501   -7.169  1.00 47.35  ? 206 ALA A C   1 
ATOM   921  O O   . ALA A 1 116 ? 0.672   1.756   -8.370  1.00 50.01  ? 206 ALA A O   1 
ATOM   922  C CB  . ALA A 1 116 ? -0.383  -0.529  -6.217  1.00 41.02  ? 206 ALA A CB  1 
ATOM   923  N N   . LEU A 1 117 ? 0.586   2.428   -6.224  1.00 42.84  ? 207 LEU A N   1 
ATOM   924  C CA  . LEU A 1 117 ? 0.440   3.835   -6.565  1.00 44.23  ? 207 LEU A CA  1 
ATOM   925  C C   . LEU A 1 117 ? 1.670   4.380   -7.307  1.00 47.22  ? 207 LEU A C   1 
ATOM   926  O O   . LEU A 1 117 ? 1.548   5.220   -8.190  1.00 49.58  ? 207 LEU A O   1 
ATOM   927  C CB  . LEU A 1 117 ? 0.145   4.666   -5.315  1.00 42.16  ? 207 LEU A CB  1 
ATOM   928  C CG  . LEU A 1 117 ? -1.266  4.546   -4.735  1.00 44.53  ? 207 LEU A CG  1 
ATOM   929  C CD1 . LEU A 1 117 ? -1.367  5.282   -3.413  1.00 46.32  ? 207 LEU A CD1 1 
ATOM   930  C CD2 . LEU A 1 117 ? -2.306  5.076   -5.700  1.00 43.67  ? 207 LEU A CD2 1 
ATOM   931  N N   . MET A 1 118 ? 2.855   3.913   -6.944  1.00 45.87  ? 208 MET A N   1 
ATOM   932  C CA  . MET A 1 118 ? 4.052   4.271   -7.697  1.00 51.88  ? 208 MET A CA  1 
ATOM   933  C C   . MET A 1 118 ? 3.971   3.792   -9.136  1.00 52.75  ? 208 MET A C   1 
ATOM   934  O O   . MET A 1 118 ? 4.129   4.582   -10.071 1.00 53.70  ? 208 MET A O   1 
ATOM   935  C CB  . MET A 1 118 ? 5.307   3.688   -7.055  1.00 46.15  ? 208 MET A CB  1 
ATOM   936  C CG  . MET A 1 118 ? 5.783   4.479   -5.868  1.00 44.87  ? 208 MET A CG  1 
ATOM   937  S SD  . MET A 1 118 ? 7.076   3.582   -5.005  1.00 48.69  ? 208 MET A SD  1 
ATOM   938  C CE  . MET A 1 118 ? 7.365   4.720   -3.652  1.00 45.56  ? 208 MET A CE  1 
ATOM   939  N N   . GLY A 1 119 ? 3.735   2.497   -9.307  1.00 48.33  ? 209 GLY A N   1 
ATOM   940  C CA  . GLY A 1 119 ? 3.608   1.936   -10.628 1.00 48.52  ? 209 GLY A CA  1 
ATOM   941  C C   . GLY A 1 119 ? 2.483   2.598   -11.401 1.00 54.98  ? 209 GLY A C   1 
ATOM   942  O O   . GLY A 1 119 ? 2.641   2.975   -12.563 1.00 55.68  ? 209 GLY A O   1 
ATOM   943  N N   . TYR A 1 120 ? 1.339   2.761   -10.754 1.00 53.80  ? 210 TYR A N   1 
ATOM   944  C CA  . TYR A 1 120 ? 0.185   3.295   -11.459 1.00 54.41  ? 210 TYR A CA  1 
ATOM   945  C C   . TYR A 1 120 ? 0.463   4.685   -11.983 1.00 57.35  ? 210 TYR A C   1 
ATOM   946  O O   . TYR A 1 120 ? 0.362   4.927   -13.177 1.00 61.65  ? 210 TYR A O   1 
ATOM   947  C CB  . TYR A 1 120 ? -1.043  3.338   -10.564 1.00 50.16  ? 210 TYR A CB  1 
ATOM   948  C CG  . TYR A 1 120 ? -2.278  3.773   -11.304 1.00 57.51  ? 210 TYR A CG  1 
ATOM   949  C CD1 . TYR A 1 120 ? -3.055  2.854   -12.006 1.00 59.39  ? 210 TYR A CD1 1 
ATOM   950  C CD2 . TYR A 1 120 ? -2.676  5.105   -11.308 1.00 55.69  ? 210 TYR A CD2 1 
ATOM   951  C CE1 . TYR A 1 120 ? -4.192  3.249   -12.684 1.00 55.09  ? 210 TYR A CE1 1 
ATOM   952  C CE2 . TYR A 1 120 ? -3.813  5.509   -11.982 1.00 56.81  ? 210 TYR A CE2 1 
ATOM   953  C CZ  . TYR A 1 120 ? -4.565  4.578   -12.673 1.00 58.15  ? 210 TYR A CZ  1 
ATOM   954  O OH  . TYR A 1 120 ? -5.700  4.980   -13.348 1.00 59.87  ? 210 TYR A OH  1 
ATOM   955  N N   . VAL A 1 121 ? 0.809   5.595   -11.080 1.00 57.69  ? 211 VAL A N   1 
ATOM   956  C CA  . VAL A 1 121 ? 0.980   7.001   -11.426 1.00 55.48  ? 211 VAL A CA  1 
ATOM   957  C C   . VAL A 1 121 ? 2.030   7.190   -12.519 1.00 60.37  ? 211 VAL A C   1 
ATOM   958  O O   . VAL A 1 121 ? 1.787   7.865   -13.526 1.00 60.14  ? 211 VAL A O   1 
ATOM   959  C CB  . VAL A 1 121 ? 1.357   7.817   -10.189 1.00 54.86  ? 211 VAL A CB  1 
ATOM   960  C CG1 . VAL A 1 121 ? 1.798   9.222   -10.587 1.00 60.19  ? 211 VAL A CG1 1 
ATOM   961  C CG2 . VAL A 1 121 ? 0.190   7.859   -9.215  1.00 49.33  ? 211 VAL A CG2 1 
ATOM   962  N N   . TRP A 1 122 ? 3.189   6.572   -12.327 1.00 56.74  ? 212 TRP A N   1 
ATOM   963  C CA  . TRP A 1 122 ? 4.210   6.589   -13.359 1.00 59.62  ? 212 TRP A CA  1 
ATOM   964  C C   . TRP A 1 122 ? 3.706   6.103   -14.722 1.00 64.00  ? 212 TRP A C   1 
ATOM   965  O O   . TRP A 1 122 ? 3.773   6.844   -15.701 1.00 68.19  ? 212 TRP A O   1 
ATOM   966  C CB  . TRP A 1 122 ? 5.430   5.764   -12.957 1.00 58.03  ? 212 TRP A CB  1 
ATOM   967  C CG  . TRP A 1 122 ? 6.421   5.698   -14.073 1.00 61.66  ? 212 TRP A CG  1 
ATOM   968  C CD1 . TRP A 1 122 ? 7.263   6.697   -14.474 1.00 61.09  ? 212 TRP A CD1 1 
ATOM   969  C CD2 . TRP A 1 122 ? 6.654   4.593   -14.962 1.00 61.73  ? 212 TRP A CD2 1 
ATOM   970  N NE1 . TRP A 1 122 ? 8.020   6.276   -15.544 1.00 65.50  ? 212 TRP A NE1 1 
ATOM   971  C CE2 . TRP A 1 122 ? 7.665   4.992   -15.868 1.00 62.65  ? 212 TRP A CE2 1 
ATOM   972  C CE3 . TRP A 1 122 ? 6.114   3.305   -15.076 1.00 60.98  ? 212 TRP A CE3 1 
ATOM   973  C CZ2 . TRP A 1 122 ? 8.153   4.149   -16.872 1.00 57.09  ? 212 TRP A CZ2 1 
ATOM   974  C CZ3 . TRP A 1 122 ? 6.595   2.466   -16.079 1.00 63.21  ? 212 TRP A CZ3 1 
ATOM   975  C CH2 . TRP A 1 122 ? 7.607   2.893   -16.961 1.00 61.83  ? 212 TRP A CH2 1 
ATOM   976  N N   . LEU A 1 123 ? 3.221   4.862   -14.784 1.00 60.91  ? 213 LEU A N   1 
ATOM   977  C CA  . LEU A 1 123 ? 2.826   4.263   -16.056 1.00 63.17  ? 213 LEU A CA  1 
ATOM   978  C C   . LEU A 1 123 ? 1.713   5.051   -16.737 1.00 65.68  ? 213 LEU A C   1 
ATOM   979  O O   . LEU A 1 123 ? 1.737   5.254   -17.947 1.00 68.20  ? 213 LEU A O   1 
ATOM   980  C CB  . LEU A 1 123 ? 2.408   2.795   -15.885 1.00 62.62  ? 213 LEU A CB  1 
ATOM   981  C CG  . LEU A 1 123 ? 2.164   2.068   -17.220 1.00 63.28  ? 213 LEU A CG  1 
ATOM   982  C CD1 . LEU A 1 123 ? 3.348   2.277   -18.162 1.00 62.56  ? 213 LEU A CD1 1 
ATOM   983  C CD2 . LEU A 1 123 ? 1.909   0.580   -17.040 1.00 58.72  ? 213 LEU A CD2 1 
ATOM   984  N N   . ARG A 1 124 ? 0.748   5.494   -15.945 1.00 65.93  ? 214 ARG A N   1 
ATOM   985  C CA  . ARG A 1 124 ? -0.367  6.297   -16.427 1.00 67.22  ? 214 ARG A CA  1 
ATOM   986  C C   . ARG A 1 124 ? 0.133   7.612   -17.034 1.00 68.41  ? 214 ARG A C   1 
ATOM   987  O O   . ARG A 1 124 ? -0.355  8.043   -18.072 1.00 70.32  ? 214 ARG A O   1 
ATOM   988  C CB  . ARG A 1 124 ? -1.350  6.564   -15.277 1.00 60.05  ? 214 ARG A CB  1 
ATOM   989  C CG  . ARG A 1 124 ? -2.643  7.201   -15.695 1.00 64.55  ? 214 ARG A CG  1 
ATOM   990  C CD  . ARG A 1 124 ? -3.430  6.286   -16.632 1.00 69.38  ? 214 ARG A CD  1 
ATOM   991  N NE  . ARG A 1 124 ? -4.489  7.036   -17.301 1.00 70.87  ? 214 ARG A NE  1 
ATOM   992  C CZ  . ARG A 1 124 ? -5.702  7.235   -16.801 1.00 66.90  ? 214 ARG A CZ  1 
ATOM   993  N NH1 . ARG A 1 124 ? -6.031  6.725   -15.629 1.00 63.39  ? 214 ARG A NH1 1 
ATOM   994  N NH2 . ARG A 1 124 ? -6.590  7.945   -17.481 1.00 73.61  ? 214 ARG A NH2 1 
ATOM   995  N N   . GLY A 1 125 ? 1.112   8.239   -16.388 1.00 64.75  ? 215 GLY A N   1 
ATOM   996  C CA  . GLY A 1 125 ? 1.690   9.470   -16.898 1.00 67.03  ? 215 GLY A CA  1 
ATOM   997  C C   . GLY A 1 125 ? 2.445   9.323   -18.212 1.00 70.84  ? 215 GLY A C   1 
ATOM   998  O O   . GLY A 1 125 ? 2.349   10.170  -19.092 1.00 75.77  ? 215 GLY A O   1 
ATOM   999  N N   . GLU A 1 126 ? 3.204   8.247   -18.350 1.00 65.34  ? 216 GLU A N   1 
ATOM   1000 C CA  . GLU A 1 126 ? 3.975   8.025   -19.560 1.00 69.83  ? 216 GLU A CA  1 
ATOM   1001 C C   . GLU A 1 126 ? 3.116   7.525   -20.737 1.00 75.41  ? 216 GLU A C   1 
ATOM   1002 O O   . GLU A 1 126 ? 3.545   7.575   -21.891 1.00 78.12  ? 216 GLU A O   1 
ATOM   1003 C CB  . GLU A 1 126 ? 5.134   7.057   -19.282 1.00 65.70  ? 216 GLU A CB  1 
ATOM   1004 N N   . ARG A 1 127 ? 1.907   7.049   -20.448 1.00 75.62  ? 217 ARG A N   1 
ATOM   1005 C CA  . ARG A 1 127 ? 1.039   6.478   -21.483 1.00 75.27  ? 217 ARG A CA  1 
ATOM   1006 C C   . ARG A 1 127 ? -0.220  7.307   -21.708 1.00 77.06  ? 217 ARG A C   1 
ATOM   1007 O O   . ARG A 1 127 ? -0.935  7.111   -22.686 1.00 77.92  ? 217 ARG A O   1 
ATOM   1008 C CB  . ARG A 1 127 ? 0.649   5.038   -21.145 1.00 69.24  ? 217 ARG A CB  1 
ATOM   1009 C CG  . ARG A 1 127 ? 1.742   4.022   -21.426 1.00 75.09  ? 217 ARG A CG  1 
ATOM   1010 C CD  . ARG A 1 127 ? 1.277   2.605   -21.107 1.00 73.23  ? 217 ARG A CD  1 
ATOM   1011 N NE  . ARG A 1 127 ? -0.045  2.325   -21.660 1.00 81.83  ? 217 ARG A NE  1 
ATOM   1012 C CZ  . ARG A 1 127 ? -0.265  1.616   -22.767 1.00 87.34  ? 217 ARG A CZ  1 
ATOM   1013 N NH1 . ARG A 1 127 ? 0.757   1.104   -23.443 1.00 84.15  ? 217 ARG A NH1 1 
ATOM   1014 N NH2 . ARG A 1 127 ? -1.508  1.409   -23.196 1.00 84.61  ? 217 ARG A NH2 1 
ATOM   1015 N N   . ASP A 1 128 ? -0.486  8.233   -20.798 1.00 75.58  ? 218 ASP A N   1 
ATOM   1016 C CA  . ASP A 1 128 ? -1.671  9.068   -20.900 1.00 76.87  ? 218 ASP A CA  1 
ATOM   1017 C C   . ASP A 1 128 ? -1.379  10.386  -20.203 1.00 78.04  ? 218 ASP A C   1 
ATOM   1018 O O   . ASP A 1 128 ? -1.910  10.657  -19.125 1.00 78.77  ? 218 ASP A O   1 
ATOM   1019 C CB  . ASP A 1 128 ? -2.886  8.365   -20.273 1.00 76.12  ? 218 ASP A CB  1 
ATOM   1020 C CG  . ASP A 1 128 ? -4.213  9.064   -20.587 1.00 80.05  ? 218 ASP A CG  1 
ATOM   1021 O OD1 . ASP A 1 128 ? -4.225  10.286  -20.862 1.00 83.99  ? 218 ASP A OD1 1 
ATOM   1022 O OD2 . ASP A 1 128 ? -5.261  8.386   -20.545 1.00 78.88  ? 218 ASP A OD2 1 
ATOM   1023 N N   . PRO A 1 129 ? -0.527  11.212  -20.823 1.00 75.91  ? 219 PRO A N   1 
ATOM   1024 C CA  . PRO A 1 129 ? -0.154  12.499  -20.239 1.00 74.16  ? 219 PRO A CA  1 
ATOM   1025 C C   . PRO A 1 129 ? -1.385  13.368  -20.091 1.00 77.66  ? 219 PRO A C   1 
ATOM   1026 O O   . PRO A 1 129 ? -1.465  14.186  -19.179 1.00 82.54  ? 219 PRO A O   1 
ATOM   1027 C CB  . PRO A 1 129 ? 0.769   13.102  -21.298 1.00 74.92  ? 219 PRO A CB  1 
ATOM   1028 C CG  . PRO A 1 129 ? 1.209   11.934  -22.153 1.00 71.33  ? 219 PRO A CG  1 
ATOM   1029 C CD  . PRO A 1 129 ? 0.047   11.025  -22.165 1.00 72.70  ? 219 PRO A CD  1 
ATOM   1030 N N   . GLN A 1 130 ? -2.349  13.166  -20.982 1.00 82.82  ? 220 GLN A N   1 
ATOM   1031 C CA  . GLN A 1 130 ? -3.549  13.998  -21.033 1.00 83.53  ? 220 GLN A CA  1 
ATOM   1032 C C   . GLN A 1 130 ? -4.484  13.761  -19.845 1.00 83.56  ? 220 GLN A C   1 
ATOM   1033 O O   . GLN A 1 130 ? -5.451  14.494  -19.655 1.00 83.34  ? 220 GLN A O   1 
ATOM   1034 C CB  . GLN A 1 130 ? -4.289  13.768  -22.353 1.00 79.75  ? 220 GLN A CB  1 
ATOM   1035 N N   . SER A 1 131 ? -4.188  12.736  -19.050 1.00 83.43  ? 221 SER A N   1 
ATOM   1036 C CA  . SER A 1 131 ? -5.001  12.405  -17.879 1.00 82.82  ? 221 SER A CA  1 
ATOM   1037 C C   . SER A 1 131 ? -4.719  13.343  -16.697 1.00 83.54  ? 221 SER A C   1 
ATOM   1038 O O   . SER A 1 131 ? -5.558  13.507  -15.801 1.00 82.69  ? 221 SER A O   1 
ATOM   1039 C CB  . SER A 1 131 ? -4.753  10.955  -17.459 1.00 81.54  ? 221 SER A CB  1 
ATOM   1040 O OG  . SER A 1 131 ? -3.451  10.811  -16.905 1.00 83.90  ? 221 SER A OG  1 
ATOM   1041 N N   . GLY A 1 132 ? -3.538  13.951  -16.691 1.00 79.61  ? 222 GLY A N   1 
ATOM   1042 C CA  . GLY A 1 132 ? -3.186  14.896  -15.643 1.00 84.22  ? 222 GLY A CA  1 
ATOM   1043 C C   . GLY A 1 132 ? -2.302  14.322  -14.546 1.00 80.30  ? 222 GLY A C   1 
ATOM   1044 O O   . GLY A 1 132 ? -1.865  15.046  -13.651 1.00 74.14  ? 222 GLY A O   1 
ATOM   1045 N N   . ILE A 1 133 ? -2.047  13.017  -14.610 1.00 79.54  ? 223 ILE A N   1 
ATOM   1046 C CA  . ILE A 1 133 ? -1.206  12.363  -13.615 1.00 75.34  ? 223 ILE A CA  1 
ATOM   1047 C C   . ILE A 1 133 ? 0.139   12.002  -14.225 1.00 72.60  ? 223 ILE A C   1 
ATOM   1048 O O   . ILE A 1 133 ? 0.220   11.606  -15.390 1.00 74.95  ? 223 ILE A O   1 
ATOM   1049 C CB  . ILE A 1 133 ? -1.860  11.083  -13.028 1.00 66.79  ? 223 ILE A CB  1 
ATOM   1050 N N   . TYR A 1 134 ? 1.188   12.156  -13.427 1.00 64.16  ? 224 TYR A N   1 
ATOM   1051 C CA  . TYR A 1 134 ? 2.527   11.778  -13.826 1.00 66.18  ? 224 TYR A CA  1 
ATOM   1052 C C   . TYR A 1 134 ? 3.431   11.764  -12.587 1.00 64.34  ? 224 TYR A C   1 
ATOM   1053 O O   . TYR A 1 134 ? 3.154   12.447  -11.596 1.00 63.44  ? 224 TYR A O   1 
ATOM   1054 C CB  . TYR A 1 134 ? 3.064   12.756  -14.883 1.00 66.28  ? 224 TYR A CB  1 
ATOM   1055 C CG  . TYR A 1 134 ? 3.309   14.146  -14.340 1.00 70.01  ? 224 TYR A CG  1 
ATOM   1056 C CD1 . TYR A 1 134 ? 2.257   15.037  -14.152 1.00 68.52  ? 224 TYR A CD1 1 
ATOM   1057 C CD2 . TYR A 1 134 ? 4.595   14.562  -13.996 1.00 72.11  ? 224 TYR A CD2 1 
ATOM   1058 C CE1 . TYR A 1 134 ? 2.476   16.298  -13.633 1.00 73.68  ? 224 TYR A CE1 1 
ATOM   1059 C CE2 . TYR A 1 134 ? 4.824   15.823  -13.481 1.00 73.50  ? 224 TYR A CE2 1 
ATOM   1060 C CZ  . TYR A 1 134 ? 3.764   16.687  -13.302 1.00 79.69  ? 224 TYR A CZ  1 
ATOM   1061 O OH  . TYR A 1 134 ? 3.993   17.949  -12.793 1.00 87.60  ? 224 TYR A OH  1 
ATOM   1062 N N   . LEU A 1 135 ? 4.499   10.973  -12.641 1.00 61.97  ? 225 LEU A N   1 
ATOM   1063 C CA  . LEU A 1 135 ? 5.532   11.010  -11.608 1.00 63.82  ? 225 LEU A CA  1 
ATOM   1064 C C   . LEU A 1 135 ? 6.759   11.830  -12.074 1.00 65.52  ? 225 LEU A C   1 
ATOM   1065 O O   . LEU A 1 135 ? 7.430   11.471  -13.048 1.00 61.68  ? 225 LEU A O   1 
ATOM   1066 C CB  . LEU A 1 135 ? 5.929   9.585   -11.182 1.00 58.58  ? 225 LEU A CB  1 
ATOM   1067 C CG  . LEU A 1 135 ? 6.715   9.428   -9.869  1.00 56.10  ? 225 LEU A CG  1 
ATOM   1068 C CD1 . LEU A 1 135 ? 5.953   9.974   -8.686  1.00 50.73  ? 225 LEU A CD1 1 
ATOM   1069 C CD2 . LEU A 1 135 ? 7.069   7.980   -9.636  1.00 56.84  ? 225 LEU A CD2 1 
ATOM   1070 N N   . GLN A 1 136 ? 7.039   12.932  -11.378 1.00 64.78  ? 226 GLN A N   1 
ATOM   1071 C CA  . GLN A 1 136 ? 8.162   13.813  -11.728 1.00 68.99  ? 226 GLN A CA  1 
ATOM   1072 C C   . GLN A 1 136 ? 9.513   13.077  -11.752 1.00 62.95  ? 226 GLN A C   1 
ATOM   1073 O O   . GLN A 1 136 ? 9.691   12.054  -11.085 1.00 63.66  ? 226 GLN A O   1 
ATOM   1074 C CB  . GLN A 1 136 ? 8.221   15.005  -10.764 1.00 70.14  ? 226 GLN A CB  1 
ATOM   1075 C CG  . GLN A 1 136 ? 8.476   16.341  -11.443 1.00 74.10  ? 226 GLN A CG  1 
ATOM   1076 C CD  . GLN A 1 136 ? 9.565   17.146  -10.748 1.00 82.62  ? 226 GLN A CD  1 
ATOM   1077 O OE1 . GLN A 1 136 ? 10.687  17.257  -11.253 1.00 83.51  ? 226 GLN A OE1 1 
ATOM   1078 N NE2 . GLN A 1 136 ? 9.245   17.702  -9.581  1.00 85.81  ? 226 GLN A NE2 1 
ATOM   1079 N N   . ARG A 1 137 ? 10.456  13.601  -12.525 1.00 65.27  ? 227 ARG A N   1 
ATOM   1080 C CA  . ARG A 1 137 ? 11.767  12.958  -12.721 1.00 68.58  ? 227 ARG A CA  1 
ATOM   1081 C C   . ARG A 1 137 ? 12.493  12.593  -11.419 1.00 65.95  ? 227 ARG A C   1 
ATOM   1082 O O   . ARG A 1 137 ? 12.971  11.460  -11.254 1.00 62.26  ? 227 ARG A O   1 
ATOM   1083 C CB  . ARG A 1 137 ? 12.682  13.853  -13.557 1.00 67.85  ? 227 ARG A CB  1 
ATOM   1084 C CG  . ARG A 1 137 ? 12.810  13.462  -15.013 1.00 63.93  ? 227 ARG A CG  1 
ATOM   1085 C CD  . ARG A 1 137 ? 13.808  14.396  -15.673 1.00 69.83  ? 227 ARG A CD  1 
ATOM   1086 N NE  . ARG A 1 137 ? 14.155  14.007  -17.033 1.00 71.57  ? 227 ARG A NE  1 
ATOM   1087 C CZ  . ARG A 1 137 ? 15.066  14.636  -17.768 1.00 73.46  ? 227 ARG A CZ  1 
ATOM   1088 N NH1 . ARG A 1 137 ? 15.718  15.682  -17.268 1.00 72.16  ? 227 ARG A NH1 1 
ATOM   1089 N NH2 . ARG A 1 137 ? 15.329  14.222  -18.998 1.00 76.13  ? 227 ARG A NH2 1 
ATOM   1090 N N   . GLY A 1 138 ? 12.594  13.556  -10.508 1.00 56.79  ? 228 GLY A N   1 
ATOM   1091 C CA  . GLY A 1 138 ? 13.231  13.301  -9.236  1.00 55.03  ? 228 GLY A CA  1 
ATOM   1092 C C   . GLY A 1 138 ? 12.497  12.239  -8.431  1.00 60.66  ? 228 GLY A C   1 
ATOM   1093 O O   . GLY A 1 138 ? 13.138  11.379  -7.828  1.00 57.25  ? 228 GLY A O   1 
ATOM   1094 N N   . LEU A 1 139 ? 11.162  12.275  -8.430  1.00 57.75  ? 229 LEU A N   1 
ATOM   1095 C CA  . LEU A 1 139 ? 10.395  11.296  -7.659  1.00 56.57  ? 229 LEU A CA  1 
ATOM   1096 C C   . LEU A 1 139 ? 10.524  9.869   -8.191  1.00 52.04  ? 229 LEU A C   1 
ATOM   1097 O O   . LEU A 1 139 ? 10.476  8.910   -7.421  1.00 48.92  ? 229 LEU A O   1 
ATOM   1098 C CB  . LEU A 1 139 ? 8.930   11.707  -7.544  1.00 56.91  ? 229 LEU A CB  1 
ATOM   1099 C CG  . LEU A 1 139 ? 8.760   12.959  -6.696  1.00 58.49  ? 229 LEU A CG  1 
ATOM   1100 C CD1 . LEU A 1 139 ? 7.304   13.318  -6.618  1.00 60.19  ? 229 LEU A CD1 1 
ATOM   1101 C CD2 . LEU A 1 139 ? 9.359   12.764  -5.306  1.00 52.41  ? 229 LEU A CD2 1 
ATOM   1102 N N   . ILE A 1 140 ? 10.692  9.741   -9.502  1.00 50.98  ? 230 ILE A N   1 
ATOM   1103 C CA  . ILE A 1 140 ? 10.910  8.443   -10.124 1.00 50.27  ? 230 ILE A CA  1 
ATOM   1104 C C   . ILE A 1 140 ? 12.136  7.776   -9.515  1.00 53.78  ? 230 ILE A C   1 
ATOM   1105 O O   . ILE A 1 140 ? 12.145  6.567   -9.255  1.00 53.67  ? 230 ILE A O   1 
ATOM   1106 C CB  . ILE A 1 140 ? 11.157  8.595   -11.634 1.00 53.59  ? 230 ILE A CB  1 
ATOM   1107 C CG1 . ILE A 1 140 ? 9.915   9.148   -12.333 1.00 59.47  ? 230 ILE A CG1 1 
ATOM   1108 C CG2 . ILE A 1 140 ? 11.582  7.266   -12.258 1.00 52.31  ? 230 ILE A CG2 1 
ATOM   1109 C CD1 . ILE A 1 140 ? 9.996   9.113   -13.857 1.00 57.07  ? 230 ILE A CD1 1 
ATOM   1110 N N   . ILE A 1 141 ? 13.171  8.583   -9.297  1.00 54.60  ? 231 ILE A N   1 
ATOM   1111 C CA  . ILE A 1 141 ? 14.440  8.108   -8.777  1.00 50.73  ? 231 ILE A CA  1 
ATOM   1112 C C   . ILE A 1 141 ? 14.246  7.593   -7.362  1.00 48.66  ? 231 ILE A C   1 
ATOM   1113 O O   . ILE A 1 141 ? 14.702  6.495   -7.015  1.00 45.60  ? 231 ILE A O   1 
ATOM   1114 C CB  . ILE A 1 141 ? 15.513  9.233   -8.823  1.00 53.87  ? 231 ILE A CB  1 
ATOM   1115 C CG1 . ILE A 1 141 ? 15.888  9.545   -10.281 1.00 51.55  ? 231 ILE A CG1 1 
ATOM   1116 C CG2 . ILE A 1 141 ? 16.746  8.888   -7.950  1.00 43.78  ? 231 ILE A CG2 1 
ATOM   1117 C CD1 . ILE A 1 141 ? 16.652  8.436   -11.003 1.00 48.20  ? 231 ILE A CD1 1 
ATOM   1118 N N   . PHE A 1 142 ? 13.537  8.369   -6.552  1.00 46.05  ? 232 PHE A N   1 
ATOM   1119 C CA  . PHE A 1 142 ? 13.344  7.976   -5.166  1.00 48.21  ? 232 PHE A CA  1 
ATOM   1120 C C   . PHE A 1 142 ? 12.395  6.774   -5.060  1.00 50.55  ? 232 PHE A C   1 
ATOM   1121 O O   . PHE A 1 142 ? 12.631  5.868   -4.268  1.00 47.70  ? 232 PHE A O   1 
ATOM   1122 C CB  . PHE A 1 142 ? 12.935  9.180   -4.300  1.00 48.65  ? 232 PHE A CB  1 
ATOM   1123 C CG  . PHE A 1 142 ? 13.959  10.307  -4.321  1.00 57.46  ? 232 PHE A CG  1 
ATOM   1124 C CD1 . PHE A 1 142 ? 15.195  10.164  -3.702  1.00 54.58  ? 232 PHE A CD1 1 
ATOM   1125 C CD2 . PHE A 1 142 ? 13.697  11.503  -4.977  1.00 61.84  ? 232 PHE A CD2 1 
ATOM   1126 C CE1 . PHE A 1 142 ? 16.139  11.187  -3.737  1.00 51.60  ? 232 PHE A CE1 1 
ATOM   1127 C CE2 . PHE A 1 142 ? 14.647  12.528  -5.013  1.00 55.75  ? 232 PHE A CE2 1 
ATOM   1128 C CZ  . PHE A 1 142 ? 15.860  12.368  -4.390  1.00 51.62  ? 232 PHE A CZ  1 
ATOM   1129 N N   . ALA A 1 143 ? 11.357  6.739   -5.893  1.00 50.47  ? 233 ALA A N   1 
ATOM   1130 C CA  . ALA A 1 143 ? 10.468  5.583   -5.925  1.00 47.50  ? 233 ALA A CA  1 
ATOM   1131 C C   . ALA A 1 143 ? 11.235  4.320   -6.318  1.00 51.33  ? 233 ALA A C   1 
ATOM   1132 O O   . ALA A 1 143 ? 11.086  3.273   -5.675  1.00 51.74  ? 233 ALA A O   1 
ATOM   1133 C CB  . ALA A 1 143 ? 9.312   5.820   -6.872  1.00 47.01  ? 233 ALA A CB  1 
ATOM   1134 N N   . LEU A 1 144 ? 12.057  4.417   -7.364  1.00 50.03  ? 234 LEU A N   1 
ATOM   1135 C CA  . LEU A 1 144 ? 12.942  3.313   -7.748  1.00 51.22  ? 234 LEU A CA  1 
ATOM   1136 C C   . LEU A 1 144 ? 13.825  2.832   -6.589  1.00 52.99  ? 234 LEU A C   1 
ATOM   1137 O O   . LEU A 1 144 ? 14.037  1.639   -6.404  1.00 52.09  ? 234 LEU A O   1 
ATOM   1138 C CB  . LEU A 1 144 ? 13.831  3.721   -8.913  1.00 48.38  ? 234 LEU A CB  1 
ATOM   1139 C CG  . LEU A 1 144 ? 13.217  3.499   -10.287 1.00 57.47  ? 234 LEU A CG  1 
ATOM   1140 C CD1 . LEU A 1 144 ? 14.022  4.228   -11.368 1.00 56.40  ? 234 LEU A CD1 1 
ATOM   1141 C CD2 . LEU A 1 144 ? 13.142  2.005   -10.576 1.00 53.43  ? 234 LEU A CD2 1 
ATOM   1142 N N   . ILE A 1 145 ? 14.354  3.764   -5.811  1.00 51.52  ? 235 ILE A N   1 
ATOM   1143 C CA  . ILE A 1 145 ? 15.199  3.376   -4.697  1.00 52.94  ? 235 ILE A CA  1 
ATOM   1144 C C   . ILE A 1 145 ? 14.335  2.667   -3.655  1.00 51.84  ? 235 ILE A C   1 
ATOM   1145 O O   . ILE A 1 145 ? 14.764  1.688   -3.046  1.00 55.67  ? 235 ILE A O   1 
ATOM   1146 C CB  . ILE A 1 145 ? 15.961  4.603   -4.102  1.00 53.07  ? 235 ILE A CB  1 
ATOM   1147 C CG1 . ILE A 1 145 ? 17.026  5.110   -5.086  1.00 48.10  ? 235 ILE A CG1 1 
ATOM   1148 C CG2 . ILE A 1 145 ? 16.592  4.267   -2.761  1.00 49.99  ? 235 ILE A CG2 1 
ATOM   1149 C CD1 . ILE A 1 145 ? 17.551  6.550   -4.765  1.00 47.42  ? 235 ILE A CD1 1 
ATOM   1150 N N   . TRP A 1 146 ? 13.107  3.147   -3.486  1.00 49.89  ? 236 TRP A N   1 
ATOM   1151 C CA  . TRP A 1 146 ? 12.151  2.554   -2.555  1.00 50.20  ? 236 TRP A CA  1 
ATOM   1152 C C   . TRP A 1 146 ? 11.798  1.119   -2.955  1.00 52.62  ? 236 TRP A C   1 
ATOM   1153 O O   . TRP A 1 146 ? 11.656  0.235   -2.108  1.00 48.06  ? 236 TRP A O   1 
ATOM   1154 C CB  . TRP A 1 146 ? 10.878  3.404   -2.520  1.00 54.20  ? 236 TRP A CB  1 
ATOM   1155 C CG  . TRP A 1 146 ? 10.327  3.542   -1.155  1.00 60.01  ? 236 TRP A CG  1 
ATOM   1156 C CD1 . TRP A 1 146 ? 9.161   2.985   -0.653  1.00 61.86  ? 236 TRP A CD1 1 
ATOM   1157 C CD2 . TRP A 1 146 ? 10.927  4.254   -0.081  1.00 55.06  ? 236 TRP A CD2 1 
ATOM   1158 N NE1 . TRP A 1 146 ? 9.011   3.336   0.674   1.00 65.77  ? 236 TRP A NE1 1 
ATOM   1159 C CE2 . TRP A 1 146 ? 10.084  4.112   1.045   1.00 61.94  ? 236 TRP A CE2 1 
ATOM   1160 C CE3 . TRP A 1 146 ? 12.086  5.021   0.034   1.00 58.49  ? 236 TRP A CE3 1 
ATOM   1161 C CZ2 . TRP A 1 146 ? 10.380  4.700   2.269   1.00 68.49  ? 236 TRP A CZ2 1 
ATOM   1162 C CZ3 . TRP A 1 146 ? 12.381  5.604   1.249   1.00 62.25  ? 236 TRP A CZ3 1 
ATOM   1163 C CH2 . TRP A 1 146 ? 11.537  5.440   2.353   1.00 69.06  ? 236 TRP A CH2 1 
ATOM   1164 N N   . ILE A 1 147 ? 11.656  0.908   -4.263  1.00 51.09  ? 237 ILE A N   1 
ATOM   1165 C CA  . ILE A 1 147 ? 11.343  -0.397  -4.819  1.00 49.71  ? 237 ILE A CA  1 
ATOM   1166 C C   . ILE A 1 147 ? 12.485  -1.383  -4.613  1.00 54.23  ? 237 ILE A C   1 
ATOM   1167 O O   . ILE A 1 147 ? 12.268  -2.509  -4.149  1.00 57.01  ? 237 ILE A O   1 
ATOM   1168 C CB  . ILE A 1 147 ? 11.048  -0.276  -6.318  1.00 50.98  ? 237 ILE A CB  1 
ATOM   1169 C CG1 . ILE A 1 147 ? 9.693   0.405   -6.527  1.00 48.78  ? 237 ILE A CG1 1 
ATOM   1170 C CG2 . ILE A 1 147 ? 11.128  -1.647  -6.999  1.00 48.27  ? 237 ILE A CG2 1 
ATOM   1171 C CD1 . ILE A 1 147 ? 9.506   0.966   -7.913  1.00 46.66  ? 237 ILE A CD1 1 
ATOM   1172 N N   . VAL A 1 148 ? 13.691  -0.948  -4.984  1.00 52.29  ? 238 VAL A N   1 
ATOM   1173 C CA  . VAL A 1 148 ? 14.938  -1.678  -4.766  1.00 51.67  ? 238 VAL A CA  1 
ATOM   1174 C C   . VAL A 1 148 ? 15.102  -2.083  -3.305  1.00 53.44  ? 238 VAL A C   1 
ATOM   1175 O O   . VAL A 1 148 ? 15.501  -3.212  -2.992  1.00 52.23  ? 238 VAL A O   1 
ATOM   1176 C CB  . VAL A 1 148 ? 16.158  -0.793  -5.148  1.00 54.71  ? 238 VAL A CB  1 
ATOM   1177 C CG1 . VAL A 1 148 ? 17.471  -1.385  -4.610  1.00 46.95  ? 238 VAL A CG1 1 
ATOM   1178 C CG2 . VAL A 1 148 ? 16.233  -0.580  -6.658  1.00 49.20  ? 238 VAL A CG2 1 
ATOM   1179 N N   . ALA A 1 149 ? 14.803  -1.139  -2.418  1.00 51.00  ? 239 ALA A N   1 
ATOM   1180 C CA  . ALA A 1 149 ? 14.850  -1.373  -0.985  1.00 51.84  ? 239 ALA A CA  1 
ATOM   1181 C C   . ALA A 1 149 ? 13.924  -2.520  -0.604  1.00 57.61  ? 239 ALA A C   1 
ATOM   1182 O O   . ALA A 1 149 ? 14.291  -3.368  0.209   1.00 59.60  ? 239 ALA A O   1 
ATOM   1183 C CB  . ALA A 1 149 ? 14.461  -0.116  -0.239  1.00 49.43  ? 239 ALA A CB  1 
ATOM   1184 N N   . GLY A 1 150 ? 12.732  -2.538  -1.203  1.00 53.73  ? 240 GLY A N   1 
ATOM   1185 C CA  . GLY A 1 150 ? 11.739  -3.565  -0.937  1.00 55.62  ? 240 GLY A CA  1 
ATOM   1186 C C   . GLY A 1 150 ? 12.121  -4.923  -1.502  1.00 58.40  ? 240 GLY A C   1 
ATOM   1187 O O   . GLY A 1 150 ? 11.988  -5.939  -0.831  1.00 65.11  ? 240 GLY A O   1 
ATOM   1188 N N   . TRP A 1 151 ? 12.592  -4.943  -2.742  1.00 55.72  ? 241 TRP A N   1 
ATOM   1189 C CA  . TRP A 1 151 ? 13.099  -6.174  -3.336  1.00 62.27  ? 241 TRP A CA  1 
ATOM   1190 C C   . TRP A 1 151 ? 14.212  -6.831  -2.503  1.00 61.73  ? 241 TRP A C   1 
ATOM   1191 O O   . TRP A 1 151 ? 14.306  -8.055  -2.444  1.00 65.47  ? 241 TRP A O   1 
ATOM   1192 C CB  . TRP A 1 151 ? 13.606  -5.926  -4.766  1.00 62.92  ? 241 TRP A CB  1 
ATOM   1193 C CG  . TRP A 1 151 ? 14.097  -7.181  -5.419  1.00 64.49  ? 241 TRP A CG  1 
ATOM   1194 C CD1 . TRP A 1 151 ? 15.356  -7.695  -5.354  1.00 66.45  ? 241 TRP A CD1 1 
ATOM   1195 C CD2 . TRP A 1 151 ? 13.330  -8.101  -6.204  1.00 71.32  ? 241 TRP A CD2 1 
ATOM   1196 N NE1 . TRP A 1 151 ? 15.428  -8.872  -6.056  1.00 69.05  ? 241 TRP A NE1 1 
ATOM   1197 C CE2 . TRP A 1 151 ? 14.197  -9.146  -6.590  1.00 72.76  ? 241 TRP A CE2 1 
ATOM   1198 C CE3 . TRP A 1 151 ? 11.996  -8.143  -6.619  1.00 73.56  ? 241 TRP A CE3 1 
ATOM   1199 C CZ2 . TRP A 1 151 ? 13.774  -10.220 -7.378  1.00 71.92  ? 241 TRP A CZ2 1 
ATOM   1200 C CZ3 . TRP A 1 151 ? 11.574  -9.215  -7.402  1.00 76.45  ? 241 TRP A CZ3 1 
ATOM   1201 C CH2 . TRP A 1 151 ? 12.463  -10.235 -7.774  1.00 76.63  ? 241 TRP A CH2 1 
ATOM   1202 N N   . PHE A 1 152 ? 15.041  -6.010  -1.857  1.00 61.85  ? 242 PHE A N   1 
ATOM   1203 C CA  . PHE A 1 152 ? 16.232  -6.485  -1.148  1.00 60.74  ? 242 PHE A CA  1 
ATOM   1204 C C   . PHE A 1 152 ? 16.147  -6.391  0.370   1.00 64.09  ? 242 PHE A C   1 
ATOM   1205 O O   . PHE A 1 152 ? 17.134  -6.635  1.062   1.00 67.65  ? 242 PHE A O   1 
ATOM   1206 C CB  . PHE A 1 152 ? 17.478  -5.723  -1.622  1.00 56.88  ? 242 PHE A CB  1 
ATOM   1207 C CG  . PHE A 1 152 ? 17.928  -6.105  -2.994  1.00 54.94  ? 242 PHE A CG  1 
ATOM   1208 C CD1 . PHE A 1 152 ? 18.611  -7.291  -3.204  1.00 55.95  ? 242 PHE A CD1 1 
ATOM   1209 C CD2 . PHE A 1 152 ? 17.659  -5.289  -4.077  1.00 52.32  ? 242 PHE A CD2 1 
ATOM   1210 C CE1 . PHE A 1 152 ? 19.021  -7.656  -4.476  1.00 53.54  ? 242 PHE A CE1 1 
ATOM   1211 C CE2 . PHE A 1 152 ? 18.069  -5.645  -5.351  1.00 54.33  ? 242 PHE A CE2 1 
ATOM   1212 C CZ  . PHE A 1 152 ? 18.746  -6.835  -5.551  1.00 53.30  ? 242 PHE A CZ  1 
ATOM   1213 N N   . ASP A 1 153 ? 14.982  -6.016  0.883   1.00 65.83  ? 243 ASP A N   1 
ATOM   1214 C CA  . ASP A 1 153 ? 14.765  -5.917  2.327   1.00 68.64  ? 243 ASP A CA  1 
ATOM   1215 C C   . ASP A 1 153 ? 15.775  -5.016  3.012   1.00 67.13  ? 243 ASP A C   1 
ATOM   1216 O O   . ASP A 1 153 ? 16.360  -5.377  4.027   1.00 74.89  ? 243 ASP A O   1 
ATOM   1217 C CB  . ASP A 1 153 ? 14.749  -7.304  2.971   1.00 75.23  ? 243 ASP A CB  1 
ATOM   1218 C CG  . ASP A 1 153 ? 13.768  -8.238  2.291   1.00 84.64  ? 243 ASP A CG  1 
ATOM   1219 O OD1 . ASP A 1 153 ? 12.632  -7.802  1.989   1.00 81.35  ? 243 ASP A OD1 1 
ATOM   1220 O OD2 . ASP A 1 153 ? 14.147  -9.398  2.029   1.00 92.88  ? 243 ASP A OD2 1 
ATOM   1221 N N   . LEU A 1 154 ? 15.965  -3.827  2.457   1.00 67.42  ? 244 LEU A N   1 
ATOM   1222 C CA  . LEU A 1 154 ? 16.883  -2.853  3.041   1.00 65.62  ? 244 LEU A CA  1 
ATOM   1223 C C   . LEU A 1 154 ? 16.185  -2.009  4.107   1.00 67.42  ? 244 LEU A C   1 
ATOM   1224 O O   . LEU A 1 154 ? 16.732  -1.020  4.580   1.00 71.27  ? 244 LEU A O   1 
ATOM   1225 C CB  . LEU A 1 154 ? 17.465  -1.936  1.953   1.00 61.05  ? 244 LEU A CB  1 
ATOM   1226 C CG  . LEU A 1 154 ? 18.056  -2.547  0.675   1.00 59.29  ? 244 LEU A CG  1 
ATOM   1227 C CD1 . LEU A 1 154 ? 18.484  -1.449  -0.278  1.00 55.50  ? 244 LEU A CD1 1 
ATOM   1228 C CD2 . LEU A 1 154 ? 19.220  -3.486  0.956   1.00 54.43  ? 244 LEU A CD2 1 
ATOM   1229 N N   . PHE A 1 155 ? 14.974  -2.393  4.492   1.00 75.57  ? 245 PHE A N   1 
ATOM   1230 C CA  . PHE A 1 155 ? 14.214  -1.573  5.436   1.00 77.11  ? 245 PHE A CA  1 
ATOM   1231 C C   . PHE A 1 155 ? 14.510  -1.907  6.889   1.00 78.21  ? 245 PHE A C   1 
ATOM   1232 O O   . PHE A 1 155 ? 14.036  -1.222  7.787   1.00 81.70  ? 245 PHE A O   1 
ATOM   1233 C CB  . PHE A 1 155 ? 12.707  -1.624  5.140   1.00 73.50  ? 245 PHE A CB  1 
ATOM   1234 C CG  . PHE A 1 155 ? 12.305  -0.824  3.925   1.00 69.24  ? 245 PHE A CG  1 
ATOM   1235 C CD1 . PHE A 1 155 ? 12.753  0.479   3.755   1.00 67.86  ? 245 PHE A CD1 1 
ATOM   1236 C CD2 . PHE A 1 155 ? 11.509  -1.379  2.943   1.00 63.09  ? 245 PHE A CD2 1 
ATOM   1237 C CE1 . PHE A 1 155 ? 12.398  1.207   2.631   1.00 66.15  ? 245 PHE A CE1 1 
ATOM   1238 C CE2 . PHE A 1 155 ? 11.153  -0.649  1.828   1.00 60.44  ? 245 PHE A CE2 1 
ATOM   1239 C CZ  . PHE A 1 155 ? 11.603  0.638   1.671   1.00 58.36  ? 245 PHE A CZ  1 
ATOM   1240 N N   . GLY A 1 156 ? 15.308  -2.949  7.108   1.00 82.51  ? 246 GLY A N   1 
ATOM   1241 C CA  . GLY A 1 156 ? 15.710  -3.347  8.446   1.00 83.79  ? 246 GLY A CA  1 
ATOM   1242 C C   . GLY A 1 156 ? 14.669  -4.228  9.101   1.00 85.10  ? 246 GLY A C   1 
ATOM   1243 O O   . GLY A 1 156 ? 14.894  -4.792  10.171  1.00 92.35  ? 246 GLY A O   1 
ATOM   1244 N N   . MET A 1 157 ? 13.522  -4.347  8.443   1.00 89.86  ? 247 MET A N   1 
ATOM   1245 C CA  . MET A 1 157 ? 12.368  -5.038  9.013   1.00 98.81  ? 247 MET A CA  1 
ATOM   1246 C C   . MET A 1 157 ? 12.338  -6.526  8.663   1.00 103.43 ? 247 MET A C   1 
ATOM   1247 O O   . MET A 1 157 ? 12.690  -7.380  9.482   1.00 108.22 ? 247 MET A O   1 
ATOM   1248 C CB  . MET A 1 157 ? 11.068  -4.354  8.566   1.00 94.54  ? 247 MET A CB  1 
ATOM   1249 N N   . SER A 1 158 ? 11.920  -6.828  7.438   1.00 99.59  ? 248 SER A N   1 
ATOM   1250 C CA  . SER A 1 158 ? 11.716  -8.210  7.028   1.00 100.82 ? 248 SER A CA  1 
ATOM   1251 C C   . SER A 1 158 ? 12.921  -8.778  6.278   1.00 104.05 ? 248 SER A C   1 
ATOM   1252 O O   . SER A 1 158 ? 13.981  -8.142  6.188   1.00 101.91 ? 248 SER A O   1 
ATOM   1253 C CB  . SER A 1 158 ? 10.453  -8.321  6.164   1.00 99.04  ? 248 SER A CB  1 
ATOM   1254 O OG  . SER A 1 158 ? 9.845   -9.599  6.281   1.00 102.54 ? 248 SER A OG  1 
ATOM   1255 N N   . MET A 1 159 ? 12.744  -9.990  5.760   1.00 100.49 ? 249 MET A N   1 
ATOM   1256 C CA  . MET A 1 159 ? 13.740  -10.645 4.927   1.00 100.60 ? 249 MET A CA  1 
ATOM   1257 C C   . MET A 1 159 ? 13.000  -11.598 3.985   1.00 98.74  ? 249 MET A C   1 
ATOM   1258 O O   . MET A 1 159 ? 13.588  -12.534 3.431   1.00 98.87  ? 249 MET A O   1 
ATOM   1259 C CB  . MET A 1 159 ? 14.760  -11.392 5.788   1.00 98.06  ? 249 MET A CB  1 
ATOM   1260 N N   . ALA A 1 160 ? 11.705  -11.327 3.801   1.00 96.96  ? 250 ALA A N   1 
ATOM   1261 C CA  . ALA A 1 160 ? 10.809  -12.165 2.989   1.00 101.73 ? 250 ALA A CA  1 
ATOM   1262 C C   . ALA A 1 160 ? 10.815  -11.829 1.488   1.00 97.10  ? 250 ALA A C   1 
ATOM   1263 O O   . ALA A 1 160 ? 9.899   -12.219 0.743   1.00 89.30  ? 250 ALA A O   1 
ATOM   1264 C CB  . ALA A 1 160 ? 9.385   -12.116 3.544   1.00 99.11  ? 250 ALA A CB  1 
ATOM   1265 N N   . ASN A 1 161 ? 11.842  -11.082 1.077   1.00 93.14  ? 251 ASN A N   1 
ATOM   1266 C CA  . ASN A 1 161 ? 12.230  -10.912 -0.329  1.00 88.98  ? 251 ASN A CA  1 
ATOM   1267 C C   . ASN A 1 161 ? 11.414  -10.005 -1.255  1.00 85.44  ? 251 ASN A C   1 
ATOM   1268 O O   . ASN A 1 161 ? 10.724  -9.058  -0.822  1.00 76.02  ? 251 ASN A O   1 
ATOM   1269 C CB  . ASN A 1 161 ? 12.455  -12.269 -1.006  1.00 88.26  ? 251 ASN A CB  1 
ATOM   1270 C CG  . ASN A 1 161 ? 13.868  -12.764 -0.829  1.00 101.27 ? 251 ASN A CG  1 
ATOM   1271 O OD1 . ASN A 1 161 ? 14.206  -13.368 0.196   1.00 97.10  ? 251 ASN A OD1 1 
ATOM   1272 N ND2 . ASN A 1 161 ? 14.717  -12.495 -1.822  1.00 100.06 ? 251 ASN A ND2 1 
ATOM   1273 N N   . GLY A 1 162 ? 11.535  -10.315 -2.548  1.00 80.42  ? 252 GLY A N   1 
ATOM   1274 C CA  . GLY A 1 162 ? 10.990  -9.494  -3.611  1.00 70.26  ? 252 GLY A CA  1 
ATOM   1275 C C   . GLY A 1 162 ? 9.479   -9.473  -3.640  1.00 70.56  ? 252 GLY A C   1 
ATOM   1276 O O   . GLY A 1 162 ? 8.883   -8.750  -4.434  1.00 68.85  ? 252 GLY A O   1 
ATOM   1277 N N   . ALA A 1 163 ? 8.857   -10.269 -2.776  1.00 70.89  ? 253 ALA A N   1 
ATOM   1278 C CA  . ALA A 1 163 ? 7.405   -10.339 -2.716  1.00 65.96  ? 253 ALA A CA  1 
ATOM   1279 C C   . ALA A 1 163 ? 6.827   -9.003  -2.221  1.00 63.74  ? 253 ALA A C   1 
ATOM   1280 O O   . ALA A 1 163 ? 5.697   -8.636  -2.571  1.00 56.43  ? 253 ALA A O   1 
ATOM   1281 C CB  . ALA A 1 163 ? 6.973   -11.491 -1.818  1.00 63.39  ? 253 ALA A CB  1 
ATOM   1282 N N   . HIS A 1 164 ? 7.622   -8.270  -1.437  1.00 61.17  ? 254 HIS A N   1 
ATOM   1283 C CA  . HIS A 1 164 ? 7.194   -6.978  -0.901  1.00 58.26  ? 254 HIS A CA  1 
ATOM   1284 C C   . HIS A 1 164 ? 6.809   -5.970  -1.972  1.00 55.07  ? 254 HIS A C   1 
ATOM   1285 O O   . HIS A 1 164 ? 6.169   -4.968  -1.663  1.00 52.18  ? 254 HIS A O   1 
ATOM   1286 C CB  . HIS A 1 164 ? 8.275   -6.359  -0.016  1.00 59.47  ? 254 HIS A CB  1 
ATOM   1287 C CG  . HIS A 1 164 ? 8.364   -6.966  1.344   1.00 67.11  ? 254 HIS A CG  1 
ATOM   1288 N ND1 . HIS A 1 164 ? 7.343   -7.717  1.891   1.00 72.59  ? 254 HIS A ND1 1 
ATOM   1289 C CD2 . HIS A 1 164 ? 9.352   -6.942  2.269   1.00 69.25  ? 254 HIS A CD2 1 
ATOM   1290 C CE1 . HIS A 1 164 ? 7.703   -8.133  3.093   1.00 77.04  ? 254 HIS A CE1 1 
ATOM   1291 N NE2 . HIS A 1 164 ? 8.915   -7.674  3.347   1.00 78.32  ? 254 HIS A NE2 1 
ATOM   1292 N N   . ILE A 1 165 ? 7.211   -6.214  -3.220  1.00 49.24  ? 255 ILE A N   1 
ATOM   1293 C CA  . ILE A 1 165 ? 6.948   -5.246  -4.266  1.00 50.34  ? 255 ILE A CA  1 
ATOM   1294 C C   . ILE A 1 165 ? 5.898   -5.703  -5.267  1.00 52.60  ? 255 ILE A C   1 
ATOM   1295 O O   . ILE A 1 165 ? 5.689   -5.048  -6.294  1.00 51.95  ? 255 ILE A O   1 
ATOM   1296 C CB  . ILE A 1 165 ? 8.228   -4.830  -5.014  1.00 55.97  ? 255 ILE A CB  1 
ATOM   1297 C CG1 . ILE A 1 165 ? 8.780   -5.998  -5.824  1.00 57.81  ? 255 ILE A CG1 1 
ATOM   1298 C CG2 . ILE A 1 165 ? 9.269   -4.280  -4.047  1.00 53.72  ? 255 ILE A CG2 1 
ATOM   1299 C CD1 . ILE A 1 165 ? 9.763   -5.570  -6.875  1.00 52.50  ? 255 ILE A CD1 1 
ATOM   1300 N N   . ALA A 1 166 ? 5.230   -6.812  -4.954  1.00 52.79  ? 256 ALA A N   1 
ATOM   1301 C CA  . ALA A 1 166 ? 4.157   -7.331  -5.796  1.00 50.72  ? 256 ALA A CA  1 
ATOM   1302 C C   . ALA A 1 166 ? 3.166   -6.241  -6.204  1.00 50.48  ? 256 ALA A C   1 
ATOM   1303 O O   . ALA A 1 166 ? 2.694   -6.225  -7.334  1.00 50.22  ? 256 ALA A O   1 
ATOM   1304 C CB  . ALA A 1 166 ? 3.437   -8.470  -5.093  1.00 48.54  ? 256 ALA A CB  1 
ATOM   1305 N N   . GLY A 1 167 ? 2.883   -5.315  -5.290  1.00 50.31  ? 257 GLY A N   1 
ATOM   1306 C CA  . GLY A 1 167 ? 1.915   -4.262  -5.536  1.00 45.67  ? 257 GLY A CA  1 
ATOM   1307 C C   . GLY A 1 167 ? 2.263   -3.447  -6.761  1.00 49.21  ? 257 GLY A C   1 
ATOM   1308 O O   . GLY A 1 167 ? 1.388   -2.938  -7.448  1.00 50.82  ? 257 GLY A O   1 
ATOM   1309 N N   . LEU A 1 168 ? 3.555   -3.320  -7.035  1.00 51.08  ? 258 LEU A N   1 
ATOM   1310 C CA  . LEU A 1 168 ? 4.019   -2.537  -8.176  1.00 52.48  ? 258 LEU A CA  1 
ATOM   1311 C C   . LEU A 1 168 ? 3.491   -3.112  -9.487  1.00 49.69  ? 258 LEU A C   1 
ATOM   1312 O O   . LEU A 1 168 ? 3.116   -2.376  -10.395 1.00 49.00  ? 258 LEU A O   1 
ATOM   1313 C CB  . LEU A 1 168 ? 5.539   -2.514  -8.214  1.00 46.03  ? 258 LEU A CB  1 
ATOM   1314 C CG  . LEU A 1 168 ? 6.141   -1.782  -9.404  1.00 47.62  ? 258 LEU A CG  1 
ATOM   1315 C CD1 . LEU A 1 168 ? 5.917   -0.300  -9.248  1.00 47.15  ? 258 LEU A CD1 1 
ATOM   1316 C CD2 . LEU A 1 168 ? 7.643   -2.095  -9.556  1.00 43.62  ? 258 LEU A CD2 1 
ATOM   1317 N N   . ALA A 1 169 ? 3.465   -4.436  -9.573  1.00 49.34  ? 259 ALA A N   1 
ATOM   1318 C CA  . ALA A 1 169 ? 2.966   -5.103  -10.764 1.00 51.03  ? 259 ALA A CA  1 
ATOM   1319 C C   . ALA A 1 169 ? 1.483   -4.807  -10.867 1.00 53.46  ? 259 ALA A C   1 
ATOM   1320 O O   . ALA A 1 169 ? 0.959   -4.592  -11.960 1.00 52.13  ? 259 ALA A O   1 
ATOM   1321 C CB  . ALA A 1 169 ? 3.213   -6.605  -10.702 1.00 38.58  ? 259 ALA A CB  1 
ATOM   1322 N N   . VAL A 1 170 ? 0.815   -4.775  -9.719  1.00 50.73  ? 260 VAL A N   1 
ATOM   1323 C CA  . VAL A 1 170 ? -0.612  -4.478  -9.697  1.00 52.05  ? 260 VAL A CA  1 
ATOM   1324 C C   . VAL A 1 170 ? -0.885  -3.084  -10.267 1.00 53.04  ? 260 VAL A C   1 
ATOM   1325 O O   . VAL A 1 170 ? -1.752  -2.910  -11.133 1.00 56.66  ? 260 VAL A O   1 
ATOM   1326 C CB  . VAL A 1 170 ? -1.210  -4.599  -8.268  1.00 50.48  ? 260 VAL A CB  1 
ATOM   1327 C CG1 . VAL A 1 170 ? -2.649  -4.125  -8.254  1.00 44.43  ? 260 VAL A CG1 1 
ATOM   1328 C CG2 . VAL A 1 170 ? -1.115  -6.046  -7.760  1.00 49.53  ? 260 VAL A CG2 1 
ATOM   1329 N N   . GLY A 1 171 ? -0.118  -2.107  -9.798  1.00 49.49  ? 261 GLY A N   1 
ATOM   1330 C CA  . GLY A 1 171 ? -0.316  -0.722  -10.180 1.00 51.21  ? 261 GLY A CA  1 
ATOM   1331 C C   . GLY A 1 171 ? -0.008  -0.454  -11.637 1.00 51.21  ? 261 GLY A C   1 
ATOM   1332 O O   . GLY A 1 171 ? -0.731  0.289   -12.295 1.00 49.37  ? 261 GLY A O   1 
ATOM   1333 N N   . LEU A 1 172 ? 1.072   -1.052  -12.134 1.00 50.30  ? 262 LEU A N   1 
ATOM   1334 C CA  . LEU A 1 172 ? 1.415   -0.977  -13.553 1.00 53.68  ? 262 LEU A CA  1 
ATOM   1335 C C   . LEU A 1 172 ? 0.275   -1.495  -14.433 1.00 56.01  ? 262 LEU A C   1 
ATOM   1336 O O   . LEU A 1 172 ? -0.243  -0.774  -15.293 1.00 55.89  ? 262 LEU A O   1 
ATOM   1337 C CB  . LEU A 1 172 ? 2.672   -1.797  -13.825 1.00 50.13  ? 262 LEU A CB  1 
ATOM   1338 C CG  . LEU A 1 172 ? 3.949   -1.283  -13.151 1.00 52.75  ? 262 LEU A CG  1 
ATOM   1339 C CD1 . LEU A 1 172 ? 5.101   -2.270  -13.392 1.00 45.22  ? 262 LEU A CD1 1 
ATOM   1340 C CD2 . LEU A 1 172 ? 4.309   0.139   -13.611 1.00 45.34  ? 262 LEU A CD2 1 
ATOM   1341 N N   . ALA A 1 173 ? -0.106  -2.750  -14.193 1.00 55.21  ? 263 ALA A N   1 
ATOM   1342 C CA  . ALA A 1 173 ? -1.212  -3.415  -14.881 1.00 54.75  ? 263 ALA A CA  1 
ATOM   1343 C C   . ALA A 1 173 ? -2.471  -2.568  -14.938 1.00 60.34  ? 263 ALA A C   1 
ATOM   1344 O O   . ALA A 1 173 ? -3.079  -2.430  -15.994 1.00 66.56  ? 263 ALA A O   1 
ATOM   1345 C CB  . ALA A 1 173 ? -1.521  -4.741  -14.227 1.00 53.55  ? 263 ALA A CB  1 
ATOM   1346 N N   . MET A 1 174 ? -2.877  -2.004  -13.811 1.00 54.55  ? 264 MET A N   1 
ATOM   1347 C CA  . MET A 1 174 ? -4.050  -1.141  -13.835 1.00 58.15  ? 264 MET A CA  1 
ATOM   1348 C C   . MET A 1 174 ? -3.834  0.084   -14.722 1.00 62.46  ? 264 MET A C   1 
ATOM   1349 O O   . MET A 1 174 ? -4.740  0.484   -15.458 1.00 62.53  ? 264 MET A O   1 
ATOM   1350 C CB  . MET A 1 174 ? -4.455  -0.693  -12.427 1.00 51.54  ? 264 MET A CB  1 
ATOM   1351 C CG  . MET A 1 174 ? -4.792  -1.822  -11.482 1.00 49.17  ? 264 MET A CG  1 
ATOM   1352 S SD  . MET A 1 174 ? -5.545  -1.136  -10.005 1.00 56.34  ? 264 MET A SD  1 
ATOM   1353 C CE  . MET A 1 174 ? -6.690  0.033   -10.745 1.00 52.31  ? 264 MET A CE  1 
ATOM   1354 N N   . ALA A 1 175 ? -2.647  0.686   -14.643 1.00 57.03  ? 265 ALA A N   1 
ATOM   1355 C CA  . ALA A 1 175 ? -2.361  1.886   -15.429 1.00 62.68  ? 265 ALA A CA  1 
ATOM   1356 C C   . ALA A 1 175 ? -2.405  1.572   -16.924 1.00 64.65  ? 265 ALA A C   1 
ATOM   1357 O O   . ALA A 1 175 ? -2.872  2.375   -17.724 1.00 63.43  ? 265 ALA A O   1 
ATOM   1358 C CB  . ALA A 1 175 ? -1.018  2.490   -15.041 1.00 60.67  ? 265 ALA A CB  1 
ATOM   1359 N N   . PHE A 1 176 ? -1.910  0.398   -17.285 1.00 58.98  ? 266 PHE A N   1 
ATOM   1360 C CA  . PHE A 1 176 ? -2.104  -0.142  -18.621 1.00 71.53  ? 266 PHE A CA  1 
ATOM   1361 C C   . PHE A 1 176 ? -3.587  -0.117  -19.027 1.00 73.26  ? 266 PHE A C   1 
ATOM   1362 O O   . PHE A 1 176 ? -3.996  0.607   -19.946 1.00 73.54  ? 266 PHE A O   1 
ATOM   1363 C CB  . PHE A 1 176 ? -1.616  -1.587  -18.646 1.00 71.23  ? 266 PHE A CB  1 
ATOM   1364 C CG  . PHE A 1 176 ? -1.349  -2.107  -20.013 1.00 81.85  ? 266 PHE A CG  1 
ATOM   1365 C CD1 . PHE A 1 176 ? -1.477  -1.286  -21.119 1.00 86.10  ? 266 PHE A CD1 1 
ATOM   1366 C CD2 . PHE A 1 176 ? -0.971  -3.426  -20.201 1.00 94.99  ? 266 PHE A CD2 1 
ATOM   1367 C CE1 . PHE A 1 176 ? -1.230  -1.770  -22.393 1.00 91.06  ? 266 PHE A CE1 1 
ATOM   1368 C CE2 . PHE A 1 176 ? -0.721  -3.920  -21.473 1.00 95.15  ? 266 PHE A CE2 1 
ATOM   1369 C CZ  . PHE A 1 176 ? -0.852  -3.091  -22.569 1.00 91.59  ? 266 PHE A CZ  1 
ATOM   1370 N N   . VAL A 1 177 ? -4.370  -0.933  -18.332 1.00 65.62  ? 267 VAL A N   1 
ATOM   1371 C CA  . VAL A 1 177 ? -5.801  -1.065  -18.559 1.00 64.93  ? 267 VAL A CA  1 
ATOM   1372 C C   . VAL A 1 177 ? -6.538  0.278   -18.639 1.00 70.28  ? 267 VAL A C   1 
ATOM   1373 O O   . VAL A 1 177 ? -7.486  0.423   -19.406 1.00 75.90  ? 267 VAL A O   1 
ATOM   1374 C CB  . VAL A 1 177 ? -6.432  -1.937  -17.439 1.00 69.58  ? 267 VAL A CB  1 
ATOM   1375 C CG1 . VAL A 1 177 ? -7.957  -1.901  -17.486 1.00 65.36  ? 267 VAL A CG1 1 
ATOM   1376 C CG2 . VAL A 1 177 ? -5.915  -3.367  -17.518 1.00 60.28  ? 267 VAL A CG2 1 
ATOM   1377 N N   . ASP A 1 178 ? -6.099  1.258   -17.856 1.00 67.79  ? 268 ASP A N   1 
ATOM   1378 C CA  . ASP A 1 178 ? -6.775  2.547   -17.790 1.00 65.38  ? 268 ASP A CA  1 
ATOM   1379 C C   . ASP A 1 178 ? -6.343  3.452   -18.928 1.00 65.02  ? 268 ASP A C   1 
ATOM   1380 O O   . ASP A 1 178 ? -6.955  4.487   -19.186 1.00 67.58  ? 268 ASP A O   1 
ATOM   1381 C CB  . ASP A 1 178 ? -6.504  3.228   -16.438 1.00 65.34  ? 268 ASP A CB  1 
ATOM   1382 C CG  . ASP A 1 178 ? -7.266  2.575   -15.294 1.00 66.31  ? 268 ASP A CG  1 
ATOM   1383 O OD1 . ASP A 1 178 ? -7.827  1.483   -15.519 1.00 68.63  ? 268 ASP A OD1 1 
ATOM   1384 O OD2 . ASP A 1 178 ? -7.312  3.141   -14.180 1.00 60.73  ? 268 ASP A OD2 1 
ATOM   1385 N N   . SER A 1 179 ? -5.270  3.065   -19.600 1.00 69.43  ? 269 SER A N   1 
ATOM   1386 C CA  . SER A 1 179 ? -4.722  3.877   -20.677 1.00 76.45  ? 269 SER A CA  1 
ATOM   1387 C C   . SER A 1 179 ? -5.221  3.362   -22.017 1.00 82.05  ? 269 SER A C   1 
ATOM   1388 O O   . SER A 1 179 ? -4.458  3.268   -22.983 1.00 86.31  ? 269 SER A O   1 
ATOM   1389 C CB  . SER A 1 179 ? -3.190  3.870   -20.638 1.00 72.82  ? 269 SER A CB  1 
ATOM   1390 O OG  . SER A 1 179 ? -2.717  4.825   -19.710 1.00 76.06  ? 269 SER A OG  1 
ATOM   1391 N N   . LEU A 1 180 ? -6.510  3.035   -22.057 1.00 79.91  ? 270 LEU A N   1 
ATOM   1392 C CA  . LEU A 1 180 ? -7.143  2.446   -23.229 1.00 81.41  ? 270 LEU A CA  1 
ATOM   1393 C C   . LEU A 1 180 ? -8.417  3.216   -23.594 1.00 85.19  ? 270 LEU A C   1 
ATOM   1394 O O   . LEU A 1 180 ? -8.446  4.451   -23.591 1.00 85.49  ? 270 LEU A O   1 
ATOM   1395 C CB  . LEU A 1 180 ? -7.467  0.968   -22.957 1.00 79.52  ? 270 LEU A CB  1 
ATOM   1396 C CG  . LEU A 1 180 ? -6.548  -0.153  -23.475 1.00 75.35  ? 270 LEU A CG  1 
ATOM   1397 C CD1 . LEU A 1 180 ? -5.134  0.323   -23.733 1.00 76.80  ? 270 LEU A CD1 1 
ATOM   1398 C CD2 . LEU A 1 180 ? -6.539  -1.335  -22.514 1.00 69.62  ? 270 LEU A CD2 1 
HETATM 1399 O O2P . 3UB B 2 .   ? 4.757   -1.989  4.394   1.00 43.46  ? 301 3UB A O2P 1 
HETATM 1400 P P   . 3UB B 2 .   ? 5.402   -2.795  3.226   1.00 40.74  ? 301 3UB A P   1 
HETATM 1401 C C1  . 3UB B 2 .   ? 3.896   -4.888  2.808   1.00 44.69  ? 301 3UB A C1  1 
HETATM 1402 C C2  . 3UB B 2 .   ? 3.956   -5.279  1.381   1.00 47.93  ? 301 3UB A C2  1 
HETATM 1403 C C3  . 3UB B 2 .   ? 3.391   -5.969  3.737   1.00 41.50  ? 301 3UB A C3  1 
HETATM 1404 C C4  . 3UB B 2 .   ? 7.217   -2.477  3.107   1.00 51.20  ? 301 3UB A C4  1 
HETATM 1405 C C5  . 3UB B 2 .   ? 8.000   -3.794  2.835   1.00 51.53  ? 301 3UB A C5  1 
HETATM 1406 C C6  . 3UB B 2 .   ? 8.193   -0.430  4.076   1.00 62.27  ? 301 3UB A C6  1 
HETATM 1407 C C7  . 3UB B 2 .   ? 9.208   1.519   5.099   1.00 61.22  ? 301 3UB A C7  1 
HETATM 1408 N NC  . 3UB B 2 .   ? 7.829   -1.873  4.266   1.00 56.37  ? 301 3UB A NC  1 
HETATM 1409 O O1C . 3UB B 2 .   ? 7.976   0.232   3.047   1.00 64.80  ? 301 3UB A O1C 1 
HETATM 1410 O O1P . 3UB B 2 .   ? 5.089   -4.361  3.265   1.00 47.12  ? 301 3UB A O1P 1 
HETATM 1411 O O2C . 3UB B 2 .   ? 8.796   0.160   5.128   1.00 66.45  ? 301 3UB A O2C 1 
HETATM 1412 C C71 . 3UB B 2 .   ? 10.306  1.735   6.085   1.00 62.59  ? 301 3UB A C71 1 
HETATM 1413 C C72 . 3UB B 2 .   ? 10.431  0.843   7.145   1.00 59.22  ? 301 3UB A C72 1 
HETATM 1414 C C73 . 3UB B 2 .   ? 11.432  1.024   8.076   1.00 62.99  ? 301 3UB A C73 1 
HETATM 1415 C C74 . 3UB B 2 .   ? 12.330  2.112   7.934   1.00 67.19  ? 301 3UB A C74 1 
HETATM 1416 C C75 . 3UB B 2 .   ? 12.201  2.998   6.883   1.00 67.84  ? 301 3UB A C75 1 
HETATM 1417 C C76 . 3UB B 2 .   ? 11.196  2.818   5.947   1.00 66.53  ? 301 3UB A C76 1 
HETATM 1418 O O   . HOH C 3 .   ? 0.040   -5.998  1.162   1.00 28.69  ? 401 HOH A O   1 
HETATM 1419 O O   . HOH C 3 .   ? -0.561  1.755   11.221  1.00 40.29  ? 402 HOH A O   1 
HETATM 1420 O O   . HOH C 3 .   ? 0.093   -2.735  1.520   1.00 37.89  ? 403 HOH A O   1 
HETATM 1421 O O   . HOH C 3 .   ? 3.710   -5.258  -2.445  1.00 42.14  ? 404 HOH A O   1 
HETATM 1422 O O   . HOH C 3 .   ? 0.056   -5.246  4.247   1.00 39.43  ? 405 HOH A O   1 
HETATM 1423 O O   . HOH C 3 .   ? 11.327  3.446   13.482  1.00 46.32  ? 406 HOH A O   1 
HETATM 1424 O O   . HOH C 3 .   ? 3.860   -14.885 8.984   1.00 56.44  ? 407 HOH A O   1 
HETATM 1425 O O   . HOH C 3 .   ? 9.773   2.809   16.426  1.00 53.95  ? 408 HOH A O   1 
HETATM 1426 O O   . HOH C 3 .   ? -15.245 9.386   -7.912  1.00 46.47  ? 409 HOH A O   1 
HETATM 1427 O O   . HOH C 3 .   ? -1.880  -9.958  7.955   1.00 48.53  ? 410 HOH A O   1 
HETATM 1428 O O   . HOH C 3 .   ? -3.052  17.976  3.056   1.00 53.87  ? 411 HOH A O   1 
HETATM 1429 O O   . HOH C 3 .   ? 5.570   13.670  -9.367  1.00 58.83  ? 412 HOH A O   1 
HETATM 1430 O O   . HOH C 3 .   ? -11.037 15.030  -7.360  1.00 65.36  ? 413 HOH A O   1 
HETATM 1431 O O   . HOH C 3 .   ? -12.517 -18.188 16.160  1.00 73.76  ? 414 HOH A O   1 
HETATM 1432 O O   . HOH C 3 .   ? 3.646   -0.956  16.200  1.00 49.58  ? 415 HOH A O   1 
HETATM 1433 O O   . HOH C 3 .   ? 17.385  -11.419 -5.286  1.00 71.00  ? 416 HOH A O   1 
HETATM 1434 O O   . HOH C 3 .   ? -9.148  7.798   -14.894 1.00 56.91  ? 417 HOH A O   1 
HETATM 1435 O O   . HOH C 3 .   ? -0.632  15.542  -2.985  1.00 66.67  ? 418 HOH A O   1 
HETATM 1436 O O   . HOH C 3 .   ? 12.685  -4.709  4.662   1.00 72.19  ? 419 HOH A O   1 
HETATM 1437 O O   . HOH C 3 .   ? 9.326   15.374  -15.321 1.00 58.40  ? 420 HOH A O   1 
HETATM 1438 O O   . HOH C 3 .   ? -14.813 -16.732 9.489   1.00 62.41  ? 421 HOH A O   1 
HETATM 1439 O O   . HOH C 3 .   ? 1.309   14.576  -9.830  1.00 53.60  ? 422 HOH A O   1 
HETATM 1440 O O   . HOH C 3 .   ? -10.177 18.129  -0.316  1.00 72.81  ? 423 HOH A O   1 
HETATM 1441 O O   . HOH C 3 .   ? -7.900  -24.159 16.320  1.00 71.03  ? 424 HOH A O   1 
HETATM 1442 O O   . HOH C 3 .   ? -5.353  -21.245 7.985   1.00 63.12  ? 425 HOH A O   1 
HETATM 1443 O O   . HOH C 3 .   ? -6.073  24.412  -0.573  1.00 73.72  ? 426 HOH A O   1 
HETATM 1444 O O   . HOH C 3 .   ? 5.628   -6.488  6.976   1.00 54.83  ? 427 HOH A O   1 
HETATM 1445 O O   . HOH C 3 .   ? 5.484   -9.625  11.548  1.00 64.53  ? 428 HOH A O   1 
HETATM 1446 O O   . HOH C 3 .   ? -9.155  -24.642 13.939  1.00 72.74  ? 429 HOH A O   1 
HETATM 1447 O O   . HOH C 3 .   ? -16.148 -19.787 9.741   1.00 62.06  ? 430 HOH A O   1 
# 
